data_7FVQ
# 
_entry.id   7FVQ 
# 
_audit_conform.dict_name       mmcif_pdbx.dic 
_audit_conform.dict_version    5.392 
_audit_conform.dict_location   http://mmcif.pdb.org/dictionaries/ascii/mmcif_pdbx.dic 
# 
loop_
_database_2.database_id 
_database_2.database_code 
_database_2.pdbx_database_accession 
_database_2.pdbx_DOI 
PDB   7FVQ         pdb_00007fvq 10.2210/pdb7fvq/pdb 
WWPDB D_1001405407 ?            ?                   
# 
loop_
_pdbx_audit_revision_history.ordinal 
_pdbx_audit_revision_history.data_content_type 
_pdbx_audit_revision_history.major_revision 
_pdbx_audit_revision_history.minor_revision 
_pdbx_audit_revision_history.revision_date 
1 'Structure model' 1 0 2023-03-29 
2 'Structure model' 1 1 2024-05-22 
# 
_pdbx_audit_revision_details.ordinal             1 
_pdbx_audit_revision_details.revision_ordinal    1 
_pdbx_audit_revision_details.data_content_type   'Structure model' 
_pdbx_audit_revision_details.provider            repository 
_pdbx_audit_revision_details.type                'Initial release' 
_pdbx_audit_revision_details.description         ? 
_pdbx_audit_revision_details.details             ? 
# 
_pdbx_audit_revision_group.ordinal             1 
_pdbx_audit_revision_group.revision_ordinal    2 
_pdbx_audit_revision_group.data_content_type   'Structure model' 
_pdbx_audit_revision_group.group               'Data collection' 
# 
loop_
_pdbx_audit_revision_category.ordinal 
_pdbx_audit_revision_category.revision_ordinal 
_pdbx_audit_revision_category.data_content_type 
_pdbx_audit_revision_category.category 
1 2 'Structure model' chem_comp_atom 
2 2 'Structure model' chem_comp_bond 
# 
_pdbx_database_status.entry_id                        7FVQ 
_pdbx_database_status.status_code                     REL 
_pdbx_database_status.status_code_sf                  REL 
_pdbx_database_status.status_code_mr                  ? 
_pdbx_database_status.status_code_cs                  ? 
_pdbx_database_status.recvd_initial_deposition_date   2023-03-09 
_pdbx_database_status.status_code_nmr_data            ? 
_pdbx_database_status.deposit_site                    RCSB 
_pdbx_database_status.process_site                    RCSB 
_pdbx_database_status.SG_entry                        ? 
_pdbx_database_status.pdb_format_compatible           Y 
_pdbx_database_status.methods_development_category    ? 
# 
_pdbx_contact_author.id                 1 
_pdbx_contact_author.email              frank.von-delft@diamond.ac.uk 
_pdbx_contact_author.name_first         Frank 
_pdbx_contact_author.name_last          'von Delft' 
_pdbx_contact_author.role               'principal investigator/group leader' 
_pdbx_contact_author.identifier_ORCID   0000-0003-0378-0017 
_pdbx_contact_author.name_mi            ? 
# 
loop_
_audit_author.name 
_audit_author.pdbx_ordinal 
'Grosjean, H.'   1 
'Tomlinson, C.'  2 
'Bradshaw, W.J.' 3 
'Koekemoer, L.'  4 
'Krojer, T.'     5 
'Fearon, D.'     6 
'Biggin, P.C.'   7 
'von Delft, F.'  8 
# 
_citation.id                        primary 
_citation.title                     'PanDDA analysis group deposition' 
_citation.journal_abbrev            'To Be Published' 
_citation.journal_volume            ? 
_citation.page_first                ? 
_citation.page_last                 ? 
_citation.year                      ? 
_citation.journal_id_ASTM           ? 
_citation.country                   ? 
_citation.journal_id_ISSN           ? 
_citation.journal_id_CSD            0353 
_citation.book_publisher            ? 
_citation.pdbx_database_id_PubMed   ? 
_citation.pdbx_database_id_DOI      ? 
# 
loop_
_citation_author.citation_id 
_citation_author.name 
_citation_author.identifier_ORCID 
_citation_author.ordinal 
primary 'Grosjean, H.'   ? 1 
primary 'Tomlinson, C.'  ? 2 
primary 'Bradshaw, W.J.' ? 3 
primary 'Koekemoer, L.'  ? 4 
primary 'Krojer, T.'     ? 5 
primary 'Fearon, D.'     ? 6 
primary 'Biggin, P.C.'   ? 7 
primary 'von Delft, F.'  ? 8 
# 
loop_
_entity.id 
_entity.type 
_entity.src_method 
_entity.pdbx_description 
_entity.formula_weight 
_entity.pdbx_number_of_molecules 
_entity.pdbx_ec 
_entity.pdbx_mutation 
_entity.pdbx_fragment 
_entity.details 
1 polymer     man 'PH-interacting protein'                                   17627.859 1   ? ? ? ? 
2 non-polymer syn 'N-butyl-4-(thiophene-2-carbonyl)piperazine-1-carboxamide' 295.400   1   ? ? ? ? 
3 water       nat water                                                      18.015    216 ? ? ? ? 
# 
_entity_name_com.entity_id   1 
_entity_name_com.name        
'PHIP,DDB1- and CUL4-associated factor 14,IRS-1 PH domain-binding protein,WD repeat-containing protein 11' 
# 
_entity_poly.entity_id                      1 
_entity_poly.type                           'polypeptide(L)' 
_entity_poly.nstd_linkage                   no 
_entity_poly.nstd_monomer                   no 
_entity_poly.pdbx_seq_one_letter_code       
;MHHHHHHSSGVDLGTENLYFQSMSYDIQAWKKQCEELLNLIFQCEDSEPFRQPVDLLEYPDYRDIIDTPMDFATVRETLE
AGNYESPMELCKDVRLIFSNSKAYTPSKRSRIYSMSLRLSAFFEEHISSVLSDYKSALRFHKRNTITKR
;
_entity_poly.pdbx_seq_one_letter_code_can   
;MHHHHHHSSGVDLGTENLYFQSMSYDIQAWKKQCEELLNLIFQCEDSEPFRQPVDLLEYPDYRDIIDTPMDFATVRETLE
AGNYESPMELCKDVRLIFSNSKAYTPSKRSRIYSMSLRLSAFFEEHISSVLSDYKSALRFHKRNTITKR
;
_entity_poly.pdbx_strand_id                 A 
_entity_poly.pdbx_target_identifier         ? 
# 
loop_
_pdbx_entity_nonpoly.entity_id 
_pdbx_entity_nonpoly.name 
_pdbx_entity_nonpoly.comp_id 
2 'N-butyl-4-(thiophene-2-carbonyl)piperazine-1-carboxamide' ZQ5 
3 water                                                      HOH 
# 
loop_
_entity_poly_seq.entity_id 
_entity_poly_seq.num 
_entity_poly_seq.mon_id 
_entity_poly_seq.hetero 
1 1   MET n 
1 2   HIS n 
1 3   HIS n 
1 4   HIS n 
1 5   HIS n 
1 6   HIS n 
1 7   HIS n 
1 8   SER n 
1 9   SER n 
1 10  GLY n 
1 11  VAL n 
1 12  ASP n 
1 13  LEU n 
1 14  GLY n 
1 15  THR n 
1 16  GLU n 
1 17  ASN n 
1 18  LEU n 
1 19  TYR n 
1 20  PHE n 
1 21  GLN n 
1 22  SER n 
1 23  MET n 
1 24  SER n 
1 25  TYR n 
1 26  ASP n 
1 27  ILE n 
1 28  GLN n 
1 29  ALA n 
1 30  TRP n 
1 31  LYS n 
1 32  LYS n 
1 33  GLN n 
1 34  CYS n 
1 35  GLU n 
1 36  GLU n 
1 37  LEU n 
1 38  LEU n 
1 39  ASN n 
1 40  LEU n 
1 41  ILE n 
1 42  PHE n 
1 43  GLN n 
1 44  CYS n 
1 45  GLU n 
1 46  ASP n 
1 47  SER n 
1 48  GLU n 
1 49  PRO n 
1 50  PHE n 
1 51  ARG n 
1 52  GLN n 
1 53  PRO n 
1 54  VAL n 
1 55  ASP n 
1 56  LEU n 
1 57  LEU n 
1 58  GLU n 
1 59  TYR n 
1 60  PRO n 
1 61  ASP n 
1 62  TYR n 
1 63  ARG n 
1 64  ASP n 
1 65  ILE n 
1 66  ILE n 
1 67  ASP n 
1 68  THR n 
1 69  PRO n 
1 70  MET n 
1 71  ASP n 
1 72  PHE n 
1 73  ALA n 
1 74  THR n 
1 75  VAL n 
1 76  ARG n 
1 77  GLU n 
1 78  THR n 
1 79  LEU n 
1 80  GLU n 
1 81  ALA n 
1 82  GLY n 
1 83  ASN n 
1 84  TYR n 
1 85  GLU n 
1 86  SER n 
1 87  PRO n 
1 88  MET n 
1 89  GLU n 
1 90  LEU n 
1 91  CYS n 
1 92  LYS n 
1 93  ASP n 
1 94  VAL n 
1 95  ARG n 
1 96  LEU n 
1 97  ILE n 
1 98  PHE n 
1 99  SER n 
1 100 ASN n 
1 101 SER n 
1 102 LYS n 
1 103 ALA n 
1 104 TYR n 
1 105 THR n 
1 106 PRO n 
1 107 SER n 
1 108 LYS n 
1 109 ARG n 
1 110 SER n 
1 111 ARG n 
1 112 ILE n 
1 113 TYR n 
1 114 SER n 
1 115 MET n 
1 116 SER n 
1 117 LEU n 
1 118 ARG n 
1 119 LEU n 
1 120 SER n 
1 121 ALA n 
1 122 PHE n 
1 123 PHE n 
1 124 GLU n 
1 125 GLU n 
1 126 HIS n 
1 127 ILE n 
1 128 SER n 
1 129 SER n 
1 130 VAL n 
1 131 LEU n 
1 132 SER n 
1 133 ASP n 
1 134 TYR n 
1 135 LYS n 
1 136 SER n 
1 137 ALA n 
1 138 LEU n 
1 139 ARG n 
1 140 PHE n 
1 141 HIS n 
1 142 LYS n 
1 143 ARG n 
1 144 ASN n 
1 145 THR n 
1 146 ILE n 
1 147 THR n 
1 148 LYS n 
1 149 ARG n 
# 
_entity_src_gen.entity_id                          1 
_entity_src_gen.pdbx_src_id                        1 
_entity_src_gen.pdbx_alt_source_flag               sample 
_entity_src_gen.pdbx_seq_type                      'Biological sequence' 
_entity_src_gen.pdbx_beg_seq_num                   1 
_entity_src_gen.pdbx_end_seq_num                   149 
_entity_src_gen.gene_src_common_name               human 
_entity_src_gen.gene_src_genus                     ? 
_entity_src_gen.pdbx_gene_src_gene                 'PHIP, DCAF14, WDR11' 
_entity_src_gen.gene_src_species                   ? 
_entity_src_gen.gene_src_strain                    ? 
_entity_src_gen.gene_src_tissue                    ? 
_entity_src_gen.gene_src_tissue_fraction           ? 
_entity_src_gen.gene_src_details                   ? 
_entity_src_gen.pdbx_gene_src_fragment             ? 
_entity_src_gen.pdbx_gene_src_scientific_name      'Homo sapiens' 
_entity_src_gen.pdbx_gene_src_ncbi_taxonomy_id     9606 
_entity_src_gen.pdbx_gene_src_variant              ? 
_entity_src_gen.pdbx_gene_src_cell_line            ? 
_entity_src_gen.pdbx_gene_src_atcc                 ? 
_entity_src_gen.pdbx_gene_src_organ                ? 
_entity_src_gen.pdbx_gene_src_organelle            ? 
_entity_src_gen.pdbx_gene_src_cell                 ? 
_entity_src_gen.pdbx_gene_src_cellular_location    ? 
_entity_src_gen.host_org_common_name               ? 
_entity_src_gen.pdbx_host_org_scientific_name      'Escherichia coli' 
_entity_src_gen.pdbx_host_org_ncbi_taxonomy_id     562 
_entity_src_gen.host_org_genus                     ? 
_entity_src_gen.pdbx_host_org_gene                 ? 
_entity_src_gen.pdbx_host_org_organ                ? 
_entity_src_gen.host_org_species                   ? 
_entity_src_gen.pdbx_host_org_tissue               ? 
_entity_src_gen.pdbx_host_org_tissue_fraction      ? 
_entity_src_gen.pdbx_host_org_strain               ? 
_entity_src_gen.pdbx_host_org_variant              ? 
_entity_src_gen.pdbx_host_org_cell_line            ? 
_entity_src_gen.pdbx_host_org_atcc                 ? 
_entity_src_gen.pdbx_host_org_culture_collection   ? 
_entity_src_gen.pdbx_host_org_cell                 ? 
_entity_src_gen.pdbx_host_org_organelle            ? 
_entity_src_gen.pdbx_host_org_cellular_location    ? 
_entity_src_gen.pdbx_host_org_vector_type          ? 
_entity_src_gen.pdbx_host_org_vector               ? 
_entity_src_gen.host_org_details                   ? 
_entity_src_gen.expression_system_id               ? 
_entity_src_gen.plasmid_name                       ? 
_entity_src_gen.plasmid_details                    ? 
_entity_src_gen.pdbx_description                   ? 
# 
loop_
_chem_comp.id 
_chem_comp.type 
_chem_comp.mon_nstd_flag 
_chem_comp.name 
_chem_comp.pdbx_synonyms 
_chem_comp.formula 
_chem_comp.formula_weight 
ALA 'L-peptide linking' y ALANINE                                                    ? 'C3 H7 N O2'      89.093  
ARG 'L-peptide linking' y ARGININE                                                   ? 'C6 H15 N4 O2 1'  175.209 
ASN 'L-peptide linking' y ASPARAGINE                                                 ? 'C4 H8 N2 O3'     132.118 
ASP 'L-peptide linking' y 'ASPARTIC ACID'                                            ? 'C4 H7 N O4'      133.103 
CYS 'L-peptide linking' y CYSTEINE                                                   ? 'C3 H7 N O2 S'    121.158 
GLN 'L-peptide linking' y GLUTAMINE                                                  ? 'C5 H10 N2 O3'    146.144 
GLU 'L-peptide linking' y 'GLUTAMIC ACID'                                            ? 'C5 H9 N O4'      147.129 
GLY 'peptide linking'   y GLYCINE                                                    ? 'C2 H5 N O2'      75.067  
HIS 'L-peptide linking' y HISTIDINE                                                  ? 'C6 H10 N3 O2 1'  156.162 
HOH non-polymer         . WATER                                                      ? 'H2 O'            18.015  
ILE 'L-peptide linking' y ISOLEUCINE                                                 ? 'C6 H13 N O2'     131.173 
LEU 'L-peptide linking' y LEUCINE                                                    ? 'C6 H13 N O2'     131.173 
LYS 'L-peptide linking' y LYSINE                                                     ? 'C6 H15 N2 O2 1'  147.195 
MET 'L-peptide linking' y METHIONINE                                                 ? 'C5 H11 N O2 S'   149.211 
PHE 'L-peptide linking' y PHENYLALANINE                                              ? 'C9 H11 N O2'     165.189 
PRO 'L-peptide linking' y PROLINE                                                    ? 'C5 H9 N O2'      115.130 
SER 'L-peptide linking' y SERINE                                                     ? 'C3 H7 N O3'      105.093 
THR 'L-peptide linking' y THREONINE                                                  ? 'C4 H9 N O3'      119.119 
TRP 'L-peptide linking' y TRYPTOPHAN                                                 ? 'C11 H12 N2 O2'   204.225 
TYR 'L-peptide linking' y TYROSINE                                                   ? 'C9 H11 N O3'     181.189 
VAL 'L-peptide linking' y VALINE                                                     ? 'C5 H11 N O2'     117.146 
ZQ5 non-polymer         . 'N-butyl-4-(thiophene-2-carbonyl)piperazine-1-carboxamide' ? 'C14 H21 N3 O2 S' 295.400 
# 
loop_
_pdbx_poly_seq_scheme.asym_id 
_pdbx_poly_seq_scheme.entity_id 
_pdbx_poly_seq_scheme.seq_id 
_pdbx_poly_seq_scheme.mon_id 
_pdbx_poly_seq_scheme.ndb_seq_num 
_pdbx_poly_seq_scheme.pdb_seq_num 
_pdbx_poly_seq_scheme.auth_seq_num 
_pdbx_poly_seq_scheme.pdb_mon_id 
_pdbx_poly_seq_scheme.auth_mon_id 
_pdbx_poly_seq_scheme.pdb_strand_id 
_pdbx_poly_seq_scheme.pdb_ins_code 
_pdbx_poly_seq_scheme.hetero 
A 1 1   MET 1   1292 ?    ?   ?   A . n 
A 1 2   HIS 2   1293 ?    ?   ?   A . n 
A 1 3   HIS 3   1294 ?    ?   ?   A . n 
A 1 4   HIS 4   1295 ?    ?   ?   A . n 
A 1 5   HIS 5   1296 ?    ?   ?   A . n 
A 1 6   HIS 6   1297 ?    ?   ?   A . n 
A 1 7   HIS 7   1298 ?    ?   ?   A . n 
A 1 8   SER 8   1299 ?    ?   ?   A . n 
A 1 9   SER 9   1300 ?    ?   ?   A . n 
A 1 10  GLY 10  1301 ?    ?   ?   A . n 
A 1 11  VAL 11  1302 ?    ?   ?   A . n 
A 1 12  ASP 12  1303 ?    ?   ?   A . n 
A 1 13  LEU 13  1304 ?    ?   ?   A . n 
A 1 14  GLY 14  1305 ?    ?   ?   A . n 
A 1 15  THR 15  1306 ?    ?   ?   A . n 
A 1 16  GLU 16  1307 ?    ?   ?   A . n 
A 1 17  ASN 17  1308 ?    ?   ?   A . n 
A 1 18  LEU 18  1309 ?    ?   ?   A . n 
A 1 19  TYR 19  1310 ?    ?   ?   A . n 
A 1 20  PHE 20  1311 ?    ?   ?   A . n 
A 1 21  GLN 21  1312 ?    ?   ?   A . n 
A 1 22  SER 22  1313 ?    ?   ?   A . n 
A 1 23  MET 23  1314 ?    ?   ?   A . n 
A 1 24  SER 24  1315 1315 SER SER A . n 
A 1 25  TYR 25  1316 1316 TYR TYR A . n 
A 1 26  ASP 26  1317 1317 ASP ASP A . n 
A 1 27  ILE 27  1318 1318 ILE ILE A . n 
A 1 28  GLN 28  1319 1319 GLN GLN A . n 
A 1 29  ALA 29  1320 1320 ALA ALA A . n 
A 1 30  TRP 30  1321 1321 TRP TRP A . n 
A 1 31  LYS 31  1322 1322 LYS LYS A . n 
A 1 32  LYS 32  1323 1323 LYS LYS A . n 
A 1 33  GLN 33  1324 1324 GLN GLN A . n 
A 1 34  CYS 34  1325 1325 CYS CYS A . n 
A 1 35  GLU 35  1326 1326 GLU GLU A . n 
A 1 36  GLU 36  1327 1327 GLU GLU A . n 
A 1 37  LEU 37  1328 1328 LEU LEU A . n 
A 1 38  LEU 38  1329 1329 LEU LEU A . n 
A 1 39  ASN 39  1330 1330 ASN ASN A . n 
A 1 40  LEU 40  1331 1331 LEU LEU A . n 
A 1 41  ILE 41  1332 1332 ILE ILE A . n 
A 1 42  PHE 42  1333 1333 PHE PHE A . n 
A 1 43  GLN 43  1334 1334 GLN GLN A . n 
A 1 44  CYS 44  1335 1335 CYS CYS A . n 
A 1 45  GLU 45  1336 1336 GLU GLU A . n 
A 1 46  ASP 46  1337 1337 ASP ASP A . n 
A 1 47  SER 47  1338 1338 SER SER A . n 
A 1 48  GLU 48  1339 1339 GLU GLU A . n 
A 1 49  PRO 49  1340 1340 PRO PRO A . n 
A 1 50  PHE 50  1341 1341 PHE PHE A . n 
A 1 51  ARG 51  1342 1342 ARG ARG A . n 
A 1 52  GLN 52  1343 1343 GLN GLN A . n 
A 1 53  PRO 53  1344 1344 PRO PRO A . n 
A 1 54  VAL 54  1345 1345 VAL VAL A . n 
A 1 55  ASP 55  1346 1346 ASP ASP A . n 
A 1 56  LEU 56  1347 1347 LEU LEU A . n 
A 1 57  LEU 57  1348 1348 LEU LEU A . n 
A 1 58  GLU 58  1349 1349 GLU GLU A . n 
A 1 59  TYR 59  1350 1350 TYR TYR A . n 
A 1 60  PRO 60  1351 1351 PRO PRO A . n 
A 1 61  ASP 61  1352 1352 ASP ASP A . n 
A 1 62  TYR 62  1353 1353 TYR TYR A . n 
A 1 63  ARG 63  1354 1354 ARG ARG A . n 
A 1 64  ASP 64  1355 1355 ASP ASP A . n 
A 1 65  ILE 65  1356 1356 ILE ILE A . n 
A 1 66  ILE 66  1357 1357 ILE ILE A . n 
A 1 67  ASP 67  1358 1358 ASP ASP A . n 
A 1 68  THR 68  1359 1359 THR THR A . n 
A 1 69  PRO 69  1360 1360 PRO PRO A . n 
A 1 70  MET 70  1361 1361 MET MET A . n 
A 1 71  ASP 71  1362 1362 ASP ASP A . n 
A 1 72  PHE 72  1363 1363 PHE PHE A . n 
A 1 73  ALA 73  1364 1364 ALA ALA A . n 
A 1 74  THR 74  1365 1365 THR THR A . n 
A 1 75  VAL 75  1366 1366 VAL VAL A . n 
A 1 76  ARG 76  1367 1367 ARG ARG A . n 
A 1 77  GLU 77  1368 1368 GLU GLU A . n 
A 1 78  THR 78  1369 1369 THR THR A . n 
A 1 79  LEU 79  1370 1370 LEU LEU A . n 
A 1 80  GLU 80  1371 1371 GLU GLU A . n 
A 1 81  ALA 81  1372 1372 ALA ALA A . n 
A 1 82  GLY 82  1373 1373 GLY GLY A . n 
A 1 83  ASN 83  1374 1374 ASN ASN A . n 
A 1 84  TYR 84  1375 1375 TYR TYR A . n 
A 1 85  GLU 85  1376 1376 GLU GLU A . n 
A 1 86  SER 86  1377 1377 SER SER A . n 
A 1 87  PRO 87  1378 1378 PRO PRO A . n 
A 1 88  MET 88  1379 1379 MET MET A . n 
A 1 89  GLU 89  1380 1380 GLU GLU A . n 
A 1 90  LEU 90  1381 1381 LEU LEU A . n 
A 1 91  CYS 91  1382 1382 CYS CYS A . n 
A 1 92  LYS 92  1383 1383 LYS LYS A . n 
A 1 93  ASP 93  1384 1384 ASP ASP A . n 
A 1 94  VAL 94  1385 1385 VAL VAL A . n 
A 1 95  ARG 95  1386 1386 ARG ARG A . n 
A 1 96  LEU 96  1387 1387 LEU LEU A . n 
A 1 97  ILE 97  1388 1388 ILE ILE A . n 
A 1 98  PHE 98  1389 1389 PHE PHE A . n 
A 1 99  SER 99  1390 1390 SER SER A . n 
A 1 100 ASN 100 1391 1391 ASN ASN A . n 
A 1 101 SER 101 1392 1392 SER SER A . n 
A 1 102 LYS 102 1393 1393 LYS LYS A . n 
A 1 103 ALA 103 1394 1394 ALA ALA A . n 
A 1 104 TYR 104 1395 1395 TYR TYR A . n 
A 1 105 THR 105 1396 1396 THR THR A . n 
A 1 106 PRO 106 1397 1397 PRO PRO A . n 
A 1 107 SER 107 1398 1398 SER SER A . n 
A 1 108 LYS 108 1399 1399 LYS LYS A . n 
A 1 109 ARG 109 1400 1400 ARG ARG A . n 
A 1 110 SER 110 1401 1401 SER SER A . n 
A 1 111 ARG 111 1402 1402 ARG ARG A . n 
A 1 112 ILE 112 1403 1403 ILE ILE A . n 
A 1 113 TYR 113 1404 1404 TYR TYR A . n 
A 1 114 SER 114 1405 1405 SER SER A . n 
A 1 115 MET 115 1406 1406 MET MET A . n 
A 1 116 SER 116 1407 1407 SER SER A . n 
A 1 117 LEU 117 1408 1408 LEU LEU A . n 
A 1 118 ARG 118 1409 1409 ARG ARG A . n 
A 1 119 LEU 119 1410 1410 LEU LEU A . n 
A 1 120 SER 120 1411 1411 SER SER A . n 
A 1 121 ALA 121 1412 1412 ALA ALA A . n 
A 1 122 PHE 122 1413 1413 PHE PHE A . n 
A 1 123 PHE 123 1414 1414 PHE PHE A . n 
A 1 124 GLU 124 1415 1415 GLU GLU A . n 
A 1 125 GLU 125 1416 1416 GLU GLU A . n 
A 1 126 HIS 126 1417 1417 HIS HIS A . n 
A 1 127 ILE 127 1418 1418 ILE ILE A . n 
A 1 128 SER 128 1419 1419 SER SER A . n 
A 1 129 SER 129 1420 1420 SER SER A . n 
A 1 130 VAL 130 1421 1421 VAL VAL A . n 
A 1 131 LEU 131 1422 1422 LEU LEU A . n 
A 1 132 SER 132 1423 1423 SER SER A . n 
A 1 133 ASP 133 1424 1424 ASP ASP A . n 
A 1 134 TYR 134 1425 1425 TYR TYR A . n 
A 1 135 LYS 135 1426 1426 LYS LYS A . n 
A 1 136 SER 136 1427 1427 SER SER A . n 
A 1 137 ALA 137 1428 1428 ALA ALA A . n 
A 1 138 LEU 138 1429 1429 LEU LEU A . n 
A 1 139 ARG 139 1430 1430 ARG ARG A . n 
A 1 140 PHE 140 1431 1431 PHE PHE A . n 
A 1 141 HIS 141 1432 1432 HIS HIS A . n 
A 1 142 LYS 142 1433 1433 LYS LYS A . n 
A 1 143 ARG 143 1434 1434 ARG ARG A . n 
A 1 144 ASN 144 1435 1435 ASN ASN A . n 
A 1 145 THR 145 1436 ?    ?   ?   A . n 
A 1 146 ILE 146 1437 ?    ?   ?   A . n 
A 1 147 THR 147 1438 ?    ?   ?   A . n 
A 1 148 LYS 148 1439 ?    ?   ?   A . n 
A 1 149 ARG 149 1440 ?    ?   ?   A . n 
# 
loop_
_pdbx_nonpoly_scheme.asym_id 
_pdbx_nonpoly_scheme.entity_id 
_pdbx_nonpoly_scheme.mon_id 
_pdbx_nonpoly_scheme.ndb_seq_num 
_pdbx_nonpoly_scheme.pdb_seq_num 
_pdbx_nonpoly_scheme.auth_seq_num 
_pdbx_nonpoly_scheme.pdb_mon_id 
_pdbx_nonpoly_scheme.auth_mon_id 
_pdbx_nonpoly_scheme.pdb_strand_id 
_pdbx_nonpoly_scheme.pdb_ins_code 
B 2 ZQ5 1   1901 1901 ZQ5 LIG A . 
C 3 HOH 1   2001 34   HOH HOH A . 
C 3 HOH 2   2002 3    HOH HOH A . 
C 3 HOH 3   2003 29   HOH HOH A . 
C 3 HOH 4   2004 23   HOH HOH A . 
C 3 HOH 5   2005 1610 HOH HOH A . 
C 3 HOH 6   2006 1695 HOH HOH A . 
C 3 HOH 7   2007 32   HOH HOH A . 
C 3 HOH 8   2008 1739 HOH HOH A . 
C 3 HOH 9   2009 1662 HOH HOH A . 
C 3 HOH 10  2010 1757 HOH HOH A . 
C 3 HOH 11  2011 1604 HOH HOH A . 
C 3 HOH 12  2012 35   HOH HOH A . 
C 3 HOH 13  2013 1648 HOH HOH A . 
C 3 HOH 14  2014 1676 HOH HOH A . 
C 3 HOH 15  2015 1609 HOH HOH A . 
C 3 HOH 16  2016 1712 HOH HOH A . 
C 3 HOH 17  2017 1622 HOH HOH A . 
C 3 HOH 18  2018 1773 HOH HOH A . 
C 3 HOH 19  2019 1602 HOH HOH A . 
C 3 HOH 20  2020 1624 HOH HOH A . 
C 3 HOH 21  2021 1605 HOH HOH A . 
C 3 HOH 22  2022 7    HOH HOH A . 
C 3 HOH 23  2023 1608 HOH HOH A . 
C 3 HOH 24  2024 1603 HOH HOH A . 
C 3 HOH 25  2025 1616 HOH HOH A . 
C 3 HOH 26  2026 1771 HOH HOH A . 
C 3 HOH 27  2027 1745 HOH HOH A . 
C 3 HOH 28  2028 1629 HOH HOH A . 
C 3 HOH 29  2029 1633 HOH HOH A . 
C 3 HOH 30  2030 28   HOH HOH A . 
C 3 HOH 31  2031 1615 HOH HOH A . 
C 3 HOH 32  2032 1747 HOH HOH A . 
C 3 HOH 33  2033 1630 HOH HOH A . 
C 3 HOH 34  2034 1732 HOH HOH A . 
C 3 HOH 35  2035 1658 HOH HOH A . 
C 3 HOH 36  2036 1678 HOH HOH A . 
C 3 HOH 37  2037 1642 HOH HOH A . 
C 3 HOH 38  2038 1649 HOH HOH A . 
C 3 HOH 39  2039 1620 HOH HOH A . 
C 3 HOH 40  2040 1617 HOH HOH A . 
C 3 HOH 41  2041 4    HOH HOH A . 
C 3 HOH 42  2042 1640 HOH HOH A . 
C 3 HOH 43  2043 1663 HOH HOH A . 
C 3 HOH 44  2044 1625 HOH HOH A . 
C 3 HOH 45  2045 1750 HOH HOH A . 
C 3 HOH 46  2046 1644 HOH HOH A . 
C 3 HOH 47  2047 1626 HOH HOH A . 
C 3 HOH 48  2048 1627 HOH HOH A . 
C 3 HOH 49  2049 25   HOH HOH A . 
C 3 HOH 50  2050 1    HOH HOH A . 
C 3 HOH 51  2051 1628 HOH HOH A . 
C 3 HOH 52  2052 1665 HOH HOH A . 
C 3 HOH 53  2053 1733 HOH HOH A . 
C 3 HOH 54  2054 1673 HOH HOH A . 
C 3 HOH 55  2055 1664 HOH HOH A . 
C 3 HOH 56  2056 1709 HOH HOH A . 
C 3 HOH 57  2057 8    HOH HOH A . 
C 3 HOH 58  2058 1668 HOH HOH A . 
C 3 HOH 59  2059 1718 HOH HOH A . 
C 3 HOH 60  2060 21   HOH HOH A . 
C 3 HOH 61  2061 1645 HOH HOH A . 
C 3 HOH 62  2062 1677 HOH HOH A . 
C 3 HOH 63  2063 1623 HOH HOH A . 
C 3 HOH 64  2064 1674 HOH HOH A . 
C 3 HOH 65  2065 11   HOH HOH A . 
C 3 HOH 66  2066 1634 HOH HOH A . 
C 3 HOH 67  2067 1643 HOH HOH A . 
C 3 HOH 68  2068 10   HOH HOH A . 
C 3 HOH 69  2069 1693 HOH HOH A . 
C 3 HOH 70  2070 1619 HOH HOH A . 
C 3 HOH 71  2071 1646 HOH HOH A . 
C 3 HOH 72  2072 1767 HOH HOH A . 
C 3 HOH 73  2073 1661 HOH HOH A . 
C 3 HOH 74  2074 1672 HOH HOH A . 
C 3 HOH 75  2075 1613 HOH HOH A . 
C 3 HOH 76  2076 1666 HOH HOH A . 
C 3 HOH 77  2077 1680 HOH HOH A . 
C 3 HOH 78  2078 1699 HOH HOH A . 
C 3 HOH 79  2079 1632 HOH HOH A . 
C 3 HOH 80  2080 1689 HOH HOH A . 
C 3 HOH 81  2081 1655 HOH HOH A . 
C 3 HOH 82  2082 1631 HOH HOH A . 
C 3 HOH 83  2083 1652 HOH HOH A . 
C 3 HOH 84  2084 1621 HOH HOH A . 
C 3 HOH 85  2085 1650 HOH HOH A . 
C 3 HOH 86  2086 1746 HOH HOH A . 
C 3 HOH 87  2087 1684 HOH HOH A . 
C 3 HOH 88  2088 1637 HOH HOH A . 
C 3 HOH 89  2089 1687 HOH HOH A . 
C 3 HOH 90  2090 1688 HOH HOH A . 
C 3 HOH 91  2091 27   HOH HOH A . 
C 3 HOH 92  2092 1704 HOH HOH A . 
C 3 HOH 93  2093 1690 HOH HOH A . 
C 3 HOH 94  2094 1681 HOH HOH A . 
C 3 HOH 95  2095 1682 HOH HOH A . 
C 3 HOH 96  2096 1651 HOH HOH A . 
C 3 HOH 97  2097 1700 HOH HOH A . 
C 3 HOH 98  2098 1720 HOH HOH A . 
C 3 HOH 99  2099 1701 HOH HOH A . 
C 3 HOH 100 2100 1675 HOH HOH A . 
C 3 HOH 101 2101 1708 HOH HOH A . 
C 3 HOH 102 2102 1731 HOH HOH A . 
C 3 HOH 103 2103 1671 HOH HOH A . 
C 3 HOH 104 2104 1721 HOH HOH A . 
C 3 HOH 105 2105 1694 HOH HOH A . 
C 3 HOH 106 2106 5    HOH HOH A . 
C 3 HOH 107 2107 1714 HOH HOH A . 
C 3 HOH 108 2108 13   HOH HOH A . 
C 3 HOH 109 2109 1612 HOH HOH A . 
C 3 HOH 110 2110 1686 HOH HOH A . 
C 3 HOH 111 2111 1696 HOH HOH A . 
C 3 HOH 112 2112 1601 HOH HOH A . 
C 3 HOH 113 2113 1685 HOH HOH A . 
C 3 HOH 114 2114 9    HOH HOH A . 
C 3 HOH 115 2115 1738 HOH HOH A . 
C 3 HOH 116 2116 1711 HOH HOH A . 
C 3 HOH 117 2117 33   HOH HOH A . 
C 3 HOH 118 2118 16   HOH HOH A . 
C 3 HOH 119 2119 1669 HOH HOH A . 
C 3 HOH 120 2120 1723 HOH HOH A . 
C 3 HOH 121 2121 1725 HOH HOH A . 
C 3 HOH 122 2122 1728 HOH HOH A . 
C 3 HOH 123 2123 1740 HOH HOH A . 
C 3 HOH 124 2124 12   HOH HOH A . 
C 3 HOH 125 2125 1719 HOH HOH A . 
C 3 HOH 126 2126 1697 HOH HOH A . 
C 3 HOH 127 2127 1679 HOH HOH A . 
C 3 HOH 128 2128 1722 HOH HOH A . 
C 3 HOH 129 2129 1692 HOH HOH A . 
C 3 HOH 130 2130 1667 HOH HOH A . 
C 3 HOH 131 2131 1683 HOH HOH A . 
C 3 HOH 132 2132 1713 HOH HOH A . 
C 3 HOH 133 2133 15   HOH HOH A . 
C 3 HOH 134 2134 1734 HOH HOH A . 
C 3 HOH 135 2135 1737 HOH HOH A . 
C 3 HOH 136 2136 1611 HOH HOH A . 
C 3 HOH 137 2137 1736 HOH HOH A . 
C 3 HOH 138 2138 1706 HOH HOH A . 
C 3 HOH 139 2139 1715 HOH HOH A . 
C 3 HOH 140 2140 6    HOH HOH A . 
C 3 HOH 141 2141 1727 HOH HOH A . 
C 3 HOH 142 2142 1710 HOH HOH A . 
C 3 HOH 143 2143 2    HOH HOH A . 
C 3 HOH 144 2144 1657 HOH HOH A . 
C 3 HOH 145 2145 1641 HOH HOH A . 
C 3 HOH 146 2146 1741 HOH HOH A . 
C 3 HOH 147 2147 1724 HOH HOH A . 
C 3 HOH 148 2148 26   HOH HOH A . 
C 3 HOH 149 2149 1716 HOH HOH A . 
C 3 HOH 150 2150 1729 HOH HOH A . 
C 3 HOH 151 2151 1772 HOH HOH A . 
C 3 HOH 152 2152 1735 HOH HOH A . 
C 3 HOH 153 2153 1730 HOH HOH A . 
C 3 HOH 154 2154 1726 HOH HOH A . 
C 3 HOH 155 2155 1801 HOH HOH A . 
C 3 HOH 156 2156 1635 HOH HOH A . 
C 3 HOH 157 2157 1744 HOH HOH A . 
C 3 HOH 158 2158 1703 HOH HOH A . 
C 3 HOH 159 2159 1656 HOH HOH A . 
C 3 HOH 160 2160 1754 HOH HOH A . 
C 3 HOH 161 2161 1638 HOH HOH A . 
C 3 HOH 162 2162 1752 HOH HOH A . 
C 3 HOH 163 2163 1776 HOH HOH A . 
C 3 HOH 164 2164 1756 HOH HOH A . 
C 3 HOH 165 2165 1751 HOH HOH A . 
C 3 HOH 166 2166 1748 HOH HOH A . 
C 3 HOH 167 2167 1755 HOH HOH A . 
C 3 HOH 168 2168 1753 HOH HOH A . 
C 3 HOH 169 2169 1795 HOH HOH A . 
C 3 HOH 170 2170 1759 HOH HOH A . 
C 3 HOH 171 2171 1770 HOH HOH A . 
C 3 HOH 172 2172 1769 HOH HOH A . 
C 3 HOH 173 2173 1794 HOH HOH A . 
C 3 HOH 174 2174 1766 HOH HOH A . 
C 3 HOH 175 2175 1742 HOH HOH A . 
C 3 HOH 176 2176 14   HOH HOH A . 
C 3 HOH 177 2177 1768 HOH HOH A . 
C 3 HOH 178 2178 1762 HOH HOH A . 
C 3 HOH 179 2179 1743 HOH HOH A . 
C 3 HOH 180 2180 1784 HOH HOH A . 
C 3 HOH 181 2181 1765 HOH HOH A . 
C 3 HOH 182 2182 1758 HOH HOH A . 
C 3 HOH 183 2183 1763 HOH HOH A . 
C 3 HOH 184 2184 1786 HOH HOH A . 
C 3 HOH 185 2185 1764 HOH HOH A . 
C 3 HOH 186 2186 18   HOH HOH A . 
C 3 HOH 187 2187 1796 HOH HOH A . 
C 3 HOH 188 2188 1774 HOH HOH A . 
C 3 HOH 189 2189 1779 HOH HOH A . 
C 3 HOH 190 2190 1783 HOH HOH A . 
C 3 HOH 191 2191 1777 HOH HOH A . 
C 3 HOH 192 2192 1778 HOH HOH A . 
C 3 HOH 193 2193 1775 HOH HOH A . 
C 3 HOH 194 2194 1781 HOH HOH A . 
C 3 HOH 195 2195 1782 HOH HOH A . 
C 3 HOH 196 2196 1780 HOH HOH A . 
C 3 HOH 197 2197 36   HOH HOH A . 
C 3 HOH 198 2198 19   HOH HOH A . 
C 3 HOH 199 2199 1785 HOH HOH A . 
C 3 HOH 200 2200 1789 HOH HOH A . 
C 3 HOH 201 2201 1787 HOH HOH A . 
C 3 HOH 202 2202 24   HOH HOH A . 
C 3 HOH 203 2203 31   HOH HOH A . 
C 3 HOH 204 2204 20   HOH HOH A . 
C 3 HOH 205 2205 1790 HOH HOH A . 
C 3 HOH 206 2206 1792 HOH HOH A . 
C 3 HOH 207 2207 1791 HOH HOH A . 
C 3 HOH 208 2208 22   HOH HOH A . 
C 3 HOH 209 2209 17   HOH HOH A . 
C 3 HOH 210 2210 1793 HOH HOH A . 
C 3 HOH 211 2211 30   HOH HOH A . 
C 3 HOH 212 2212 1798 HOH HOH A . 
C 3 HOH 213 2213 1760 HOH HOH A . 
C 3 HOH 214 2214 1799 HOH HOH A . 
C 3 HOH 215 2215 1797 HOH HOH A . 
C 3 HOH 216 2216 1800 HOH HOH A . 
# 
loop_
_pdbx_unobs_or_zero_occ_atoms.id 
_pdbx_unobs_or_zero_occ_atoms.PDB_model_num 
_pdbx_unobs_or_zero_occ_atoms.polymer_flag 
_pdbx_unobs_or_zero_occ_atoms.occupancy_flag 
_pdbx_unobs_or_zero_occ_atoms.auth_asym_id 
_pdbx_unobs_or_zero_occ_atoms.auth_comp_id 
_pdbx_unobs_or_zero_occ_atoms.auth_seq_id 
_pdbx_unobs_or_zero_occ_atoms.PDB_ins_code 
_pdbx_unobs_or_zero_occ_atoms.auth_atom_id 
_pdbx_unobs_or_zero_occ_atoms.label_alt_id 
_pdbx_unobs_or_zero_occ_atoms.label_asym_id 
_pdbx_unobs_or_zero_occ_atoms.label_comp_id 
_pdbx_unobs_or_zero_occ_atoms.label_seq_id 
_pdbx_unobs_or_zero_occ_atoms.label_atom_id 
1 1 Y 1 A GLN 1334 ? CD  ? A GLN 43 CD  
2 1 Y 1 A GLN 1334 ? OE1 ? A GLN 43 OE1 
3 1 Y 1 A GLN 1334 ? NE2 ? A GLN 43 NE2 
# 
loop_
_software.pdbx_ordinal 
_software.name 
_software.version 
_software.date 
_software.type 
_software.contact_author 
_software.contact_author_email 
_software.classification 
_software.location 
_software.language 
_software.citation_id 
1 REFMAC      5.8.0267 ?               program 'Garib N. Murshudov' garib@ysbl.york.ac.uk    refinement        
http://www.ccp4.ac.uk/dist/html/refmac5.html        Fortran_77 ? 
2 Aimless     0.7.7    23/04/21        program 'Phil Evans'         ?                        'data scaling'    
http://www.mrc-lmb.cam.ac.uk/harry/pre/aimless.html ?          ? 
3 PDB_EXTRACT 3.23     'SEP. 23, 2016' package PDB                  deposit@deposit.rcsb.org 'data extraction' 
http://sw-tools.pdb.org/apps/PDB_EXTRACT/           C++        ? 
4 XDS         .        ?               program ?                    ?                        'data reduction'  ? ?          ? 
5 REFMAC      .        ?               program ?                    ?                        phasing           ? ?          ? 
# 
_cell.entry_id           7FVQ 
_cell.length_a           81.891 
_cell.length_b           27.434 
_cell.length_c           56.337 
_cell.angle_alpha        90.000 
_cell.angle_beta         99.960 
_cell.angle_gamma        90.000 
_cell.Z_PDB              4 
_cell.pdbx_unique_axis   ? 
# 
_symmetry.entry_id                         7FVQ 
_symmetry.space_group_name_H-M             'C 1 2 1' 
_symmetry.pdbx_full_space_group_name_H-M   ? 
_symmetry.cell_setting                     ? 
_symmetry.Int_Tables_number                5 
# 
_exptl.crystals_number   1 
_exptl.entry_id          7FVQ 
_exptl.method            'X-RAY DIFFRACTION' 
# 
_exptl_crystal.id                    1 
_exptl_crystal.pdbx_mosaicity        0.000 
_exptl_crystal.pdbx_mosaicity_esd    ? 
_exptl_crystal.density_Matthews      1.77 
_exptl_crystal.density_diffrn        ? 
_exptl_crystal.density_meas          ? 
_exptl_crystal.density_meas_temp     ? 
_exptl_crystal.density_percent_sol   30.43 
_exptl_crystal.size_max              ? 
_exptl_crystal.size_mid              ? 
_exptl_crystal.size_min              ? 
_exptl_crystal.size_rad              ? 
_exptl_crystal.description           ? 
# 
_exptl_crystal_grow.crystal_id      1 
_exptl_crystal_grow.method          'VAPOR DIFFUSION, SITTING DROP' 
_exptl_crystal_grow.pH              5.6 
_exptl_crystal_grow.temp            277 
_exptl_crystal_grow.pdbx_details    '20% PEG 8000, 0.04M potassium phosphate' 
_exptl_crystal_grow.temp_details    ? 
_exptl_crystal_grow.pdbx_pH_range   ? 
# 
_diffrn.id                     1 
_diffrn.ambient_temp           100 
_diffrn.crystal_id             1 
_diffrn.ambient_temp_details   ? 
# 
_diffrn_detector.detector               PIXEL 
_diffrn_detector.type                   'DECTRIS PILATUS 6M' 
_diffrn_detector.pdbx_collection_date   2022-09-24 
_diffrn_detector.diffrn_id              1 
_diffrn_detector.details                ? 
# 
_diffrn_radiation.diffrn_id                        1 
_diffrn_radiation.wavelength_id                    1 
_diffrn_radiation.pdbx_diffrn_protocol             'SINGLE WAVELENGTH' 
_diffrn_radiation.pdbx_monochromatic_or_laue_m_l   ? 
_diffrn_radiation.monochromator                    ? 
_diffrn_radiation.pdbx_scattering_type             x-ray 
# 
_diffrn_radiation_wavelength.id           1 
_diffrn_radiation_wavelength.wavelength   0.92124 
_diffrn_radiation_wavelength.wt           1.0 
# 
_diffrn_source.diffrn_id                   1 
_diffrn_source.source                      SYNCHROTRON 
_diffrn_source.type                        'DIAMOND BEAMLINE I04-1' 
_diffrn_source.pdbx_wavelength_list        0.92124 
_diffrn_source.pdbx_synchrotron_site       Diamond 
_diffrn_source.pdbx_synchrotron_beamline   I04-1 
_diffrn_source.pdbx_wavelength             ? 
# 
_reflns.entry_id                     7FVQ 
_reflns.pdbx_diffrn_id               1 
_reflns.pdbx_ordinal                 1 
_reflns.observed_criterion_sigma_I   ? 
_reflns.observed_criterion_sigma_F   ? 
_reflns.d_resolution_low             55.500 
_reflns.d_resolution_high            1.150 
_reflns.number_obs                   30306 
_reflns.number_all                   ? 
_reflns.percent_possible_obs         68.600 
_reflns.pdbx_Rmerge_I_obs            0.058 
_reflns.pdbx_Rsym_value              ? 
_reflns.pdbx_netI_over_sigmaI        22.500 
_reflns.B_iso_Wilson_estimate        ? 
_reflns.pdbx_redundancy              5.800 
_reflns.pdbx_Rrim_I_all              0.063 
_reflns.pdbx_Rpim_I_all              0.025 
_reflns.pdbx_CC_half                 0.994 
_reflns.pdbx_netI_over_av_sigmaI     ? 
_reflns.pdbx_number_measured_all     174701 
_reflns.pdbx_scaling_rejects         0 
_reflns.pdbx_chi_squared             ? 
_reflns.Rmerge_F_all                 ? 
_reflns.Rmerge_F_obs                 ? 
_reflns.observed_criterion_F_max     ? 
_reflns.observed_criterion_F_min     ? 
_reflns.observed_criterion_I_max     ? 
_reflns.observed_criterion_I_min     ? 
_reflns.pdbx_d_res_high_opt          ? 
_reflns.pdbx_d_res_low_opt           ? 
_reflns.details                      ? 
# 
loop_
_reflns_shell.pdbx_diffrn_id 
_reflns_shell.pdbx_ordinal 
_reflns_shell.d_res_high 
_reflns_shell.d_res_low 
_reflns_shell.number_measured_obs 
_reflns_shell.number_measured_all 
_reflns_shell.number_unique_obs 
_reflns_shell.pdbx_rejects 
_reflns_shell.Rmerge_I_obs 
_reflns_shell.meanI_over_sigI_obs 
_reflns_shell.pdbx_Rsym_value 
_reflns_shell.pdbx_chi_squared 
_reflns_shell.pdbx_redundancy 
_reflns_shell.percent_possible_obs 
_reflns_shell.pdbx_netI_over_sigmaI_obs 
_reflns_shell.number_possible 
_reflns_shell.number_unique_all 
_reflns_shell.Rmerge_F_all 
_reflns_shell.Rmerge_F_obs 
_reflns_shell.Rmerge_I_all 
_reflns_shell.meanI_over_sigI_all 
_reflns_shell.percent_possible_all 
_reflns_shell.pdbx_Rrim_I_all 
_reflns_shell.pdbx_Rpim_I_all 
_reflns_shell.pdbx_CC_half 
1 1 1.150 1.170  ? 138  ? ? 0.240 ? ? ? 1.100 ? 1.000  ? 128 ? ? ? ? 5.900  0.339 0.240 0.656 
1 2 6.300 55.500 ? 1758 ? ? 0.087 ? ? ? 5.900 ? 41.400 ? 299 ? ? ? ? 99.400 0.098 0.043 0.964 
# 
_refine.entry_id                                 7FVQ 
_refine.pdbx_refine_id                           'X-RAY DIFFRACTION' 
_refine.ls_d_res_high                            1.1500 
_refine.ls_d_res_low                             55.4900 
_refine.pdbx_ls_sigma_F                          0.000 
_refine.pdbx_data_cutoff_high_absF               ? 
_refine.pdbx_data_cutoff_low_absF                ? 
_refine.ls_percent_reflns_obs                    68.4800 
_refine.ls_number_reflns_obs                     28776 
_refine.ls_number_reflns_all                     ? 
_refine.pdbx_ls_cross_valid_method               THROUGHOUT 
_refine.ls_matrix_type                           ? 
_refine.pdbx_R_Free_selection_details            RANDOM 
_refine.details                                  
'HYDROGENS HAVE BEEN ADDED IN THE RIDING POSITIONS U VALUES      : REFINED INDIVIDUALLY' 
_refine.ls_R_factor_all                          ? 
_refine.ls_R_factor_obs                          0.1663 
_refine.ls_R_factor_R_work                       0.1650 
_refine.ls_wR_factor_R_work                      ? 
_refine.ls_R_factor_R_free                       0.1892 
_refine.ls_wR_factor_R_free                      ? 
_refine.ls_percent_reflns_R_free                 5.0000 
_refine.ls_number_reflns_R_free                  1530 
_refine.ls_number_reflns_R_work                  ? 
_refine.ls_R_factor_R_free_error                 ? 
_refine.B_iso_mean                               19.5320 
_refine.solvent_model_param_bsol                 ? 
_refine.solvent_model_param_ksol                 ? 
_refine.pdbx_isotropic_thermal_model             ? 
_refine.aniso_B[1][1]                            -0.0100 
_refine.aniso_B[2][2]                            0.9300 
_refine.aniso_B[3][3]                            -0.9700 
_refine.aniso_B[1][2]                            0.0000 
_refine.aniso_B[1][3]                            0.3200 
_refine.aniso_B[2][3]                            0.0000 
_refine.correlation_coeff_Fo_to_Fc               0.9700 
_refine.correlation_coeff_Fo_to_Fc_free          0.9640 
_refine.overall_SU_R_Cruickshank_DPI             ? 
_refine.pdbx_overall_SU_R_free_Cruickshank_DPI   ? 
_refine.pdbx_overall_SU_R_Blow_DPI               ? 
_refine.pdbx_overall_SU_R_free_Blow_DPI          ? 
_refine.overall_SU_R_free                        ? 
_refine.pdbx_overall_ESU_R                       0.0810 
_refine.pdbx_overall_ESU_R_Free                  0.0750 
_refine.overall_SU_ML                            0.0460 
_refine.overall_SU_B                             1.0170 
_refine.solvent_model_details                    MASK 
_refine.pdbx_solvent_vdw_probe_radii             1.2000 
_refine.pdbx_solvent_ion_probe_radii             0.8000 
_refine.pdbx_solvent_shrinkage_radii             0.8000 
_refine.ls_number_parameters                     ? 
_refine.ls_number_restraints                     ? 
_refine.pdbx_starting_model                      7av9 
_refine.pdbx_method_to_determine_struct          'FOURIER SYNTHESIS' 
_refine.pdbx_stereochemistry_target_values       'MAXIMUM LIKELIHOOD' 
_refine.pdbx_stereochem_target_val_spec_case     ? 
_refine.overall_FOM_work_R_set                   ? 
_refine.B_iso_max                                55.460 
_refine.B_iso_min                                10.120 
_refine.pdbx_overall_phase_error                 ? 
_refine.occupancy_max                            ? 
_refine.occupancy_min                            ? 
_refine.pdbx_diffrn_id                           1 
_refine.pdbx_TLS_residual_ADP_flag               ? 
_refine.pdbx_ls_sigma_I                          ? 
_refine.pdbx_data_cutoff_high_rms_absF           ? 
_refine.ls_R_factor_R_free_error_details         ? 
# 
_refine_hist.cycle_id                         final 
_refine_hist.pdbx_refine_id                   'X-RAY DIFFRACTION' 
_refine_hist.d_res_high                       1.1500 
_refine_hist.d_res_low                        55.4900 
_refine_hist.pdbx_number_atoms_ligand         20 
_refine_hist.number_atoms_solvent             216 
_refine_hist.number_atoms_total               1239 
_refine_hist.pdbx_number_residues_total       121 
_refine_hist.pdbx_B_iso_mean_ligand           33.27 
_refine_hist.pdbx_B_iso_mean_solvent          28.14 
_refine_hist.pdbx_number_atoms_protein        1003 
_refine_hist.pdbx_number_atoms_nucleic_acid   0 
# 
loop_
_refine_ls_restr.pdbx_refine_id 
_refine_ls_restr.type 
_refine_ls_restr.number 
_refine_ls_restr.dev_ideal 
_refine_ls_restr.dev_ideal_target 
_refine_ls_restr.weight 
_refine_ls_restr.pdbx_restraint_function 
'X-RAY DIFFRACTION' r_bond_refined_d       3225 0.013  0.015  ? ? 
'X-RAY DIFFRACTION' r_bond_other_d         2161 0.001  0.014  ? ? 
'X-RAY DIFFRACTION' r_angle_refined_deg    3193 1.628  1.671  ? ? 
'X-RAY DIFFRACTION' r_angle_other_deg      5062 1.434  1.586  ? ? 
'X-RAY DIFFRACTION' r_dihedral_angle_1_deg 309  5.998  5.000  ? ? 
'X-RAY DIFFRACTION' r_dihedral_angle_2_deg 128  24.484 20.234 ? ? 
'X-RAY DIFFRACTION' r_dihedral_angle_3_deg 416  13.358 15.000 ? ? 
'X-RAY DIFFRACTION' r_dihedral_angle_4_deg 21   18.064 15.000 ? ? 
'X-RAY DIFFRACTION' r_chiral_restr         293  0.083  0.200  ? ? 
'X-RAY DIFFRACTION' r_gen_planes_refined   2803 0.008  0.020  ? ? 
'X-RAY DIFFRACTION' r_gen_planes_other     552  0.002  0.020  ? ? 
'X-RAY DIFFRACTION' r_mcbond_it            1557 1.552  1.882  ? ? 
'X-RAY DIFFRACTION' r_mcbond_other         1480 1.589  1.819  ? ? 
'X-RAY DIFFRACTION' r_mcangle_it           1457 3.199  2.607  ? ? 
# 
_refine_ls_shell.d_res_high                       1.1500 
_refine_ls_shell.d_res_low                        1.1800 
_refine_ls_shell.pdbx_total_number_of_bins_used   20 
_refine_ls_shell.percent_reflns_obs               6.9300 
_refine_ls_shell.number_reflns_R_work             215 
_refine_ls_shell.R_factor_all                     ? 
_refine_ls_shell.R_factor_R_work                  0.2990 
_refine_ls_shell.R_factor_R_free                  0.2210 
_refine_ls_shell.percent_reflns_R_free            ? 
_refine_ls_shell.number_reflns_R_free             9 
_refine_ls_shell.R_factor_R_free_error            ? 
_refine_ls_shell.number_reflns_all                224 
_refine_ls_shell.number_reflns_obs                ? 
_refine_ls_shell.pdbx_refine_id                   'X-RAY DIFFRACTION' 
# 
_struct.entry_id                  7FVQ 
_struct.title                     'PanDDA analysis group deposition -- PHIP in complex with Z68576046' 
_struct.pdbx_model_details        ? 
_struct.pdbx_CASP_flag            ? 
_struct.pdbx_model_type_details   ? 
# 
_struct_keywords.entry_id        7FVQ 
_struct_keywords.text            
'False negatives, ligand features, rescreening, catalogue, fragment follow-ups, automated chemistry, SIGNALING PROTEIN' 
_struct_keywords.pdbx_keywords   'SIGNALING PROTEIN' 
# 
loop_
_struct_asym.id 
_struct_asym.pdbx_blank_PDB_chainid_flag 
_struct_asym.pdbx_modified 
_struct_asym.entity_id 
_struct_asym.details 
A N N 1 ? 
B N N 2 ? 
C N N 3 ? 
# 
_struct_ref.id                         1 
_struct_ref.db_name                    UNP 
_struct_ref.db_code                    PHIP_HUMAN 
_struct_ref.pdbx_db_accession          Q8WWQ0 
_struct_ref.pdbx_db_isoform            ? 
_struct_ref.entity_id                  1 
_struct_ref.pdbx_seq_one_letter_code   
;SYDIQAWKKQCEELLNLIFQCEDSEPFRQPVDLLEYPDYRDIIDTPMDFATVRETLEAGNYESPMELCKDVRLIFSNSKA
YTPSKRSRIYSMSLRLSAFFEEHISSVLSDYKSALRFHKRNTITKR
;
_struct_ref.pdbx_align_begin           1315 
# 
_struct_ref_seq.align_id                      1 
_struct_ref_seq.ref_id                        1 
_struct_ref_seq.pdbx_PDB_id_code              7FVQ 
_struct_ref_seq.pdbx_strand_id                A 
_struct_ref_seq.seq_align_beg                 24 
_struct_ref_seq.pdbx_seq_align_beg_ins_code   ? 
_struct_ref_seq.seq_align_end                 149 
_struct_ref_seq.pdbx_seq_align_end_ins_code   ? 
_struct_ref_seq.pdbx_db_accession             Q8WWQ0 
_struct_ref_seq.db_align_beg                  1315 
_struct_ref_seq.pdbx_db_align_beg_ins_code    ? 
_struct_ref_seq.db_align_end                  1440 
_struct_ref_seq.pdbx_db_align_end_ins_code    ? 
_struct_ref_seq.pdbx_auth_seq_align_beg       1315 
_struct_ref_seq.pdbx_auth_seq_align_end       1440 
# 
loop_
_struct_ref_seq_dif.align_id 
_struct_ref_seq_dif.pdbx_pdb_id_code 
_struct_ref_seq_dif.mon_id 
_struct_ref_seq_dif.pdbx_pdb_strand_id 
_struct_ref_seq_dif.seq_num 
_struct_ref_seq_dif.pdbx_pdb_ins_code 
_struct_ref_seq_dif.pdbx_seq_db_name 
_struct_ref_seq_dif.pdbx_seq_db_accession_code 
_struct_ref_seq_dif.db_mon_id 
_struct_ref_seq_dif.pdbx_seq_db_seq_num 
_struct_ref_seq_dif.details 
_struct_ref_seq_dif.pdbx_auth_seq_num 
_struct_ref_seq_dif.pdbx_ordinal 
1 7FVQ MET A 1  ? UNP Q8WWQ0 ? ? 'initiating methionine' 1292 1  
1 7FVQ HIS A 2  ? UNP Q8WWQ0 ? ? 'expression tag'        1293 2  
1 7FVQ HIS A 3  ? UNP Q8WWQ0 ? ? 'expression tag'        1294 3  
1 7FVQ HIS A 4  ? UNP Q8WWQ0 ? ? 'expression tag'        1295 4  
1 7FVQ HIS A 5  ? UNP Q8WWQ0 ? ? 'expression tag'        1296 5  
1 7FVQ HIS A 6  ? UNP Q8WWQ0 ? ? 'expression tag'        1297 6  
1 7FVQ HIS A 7  ? UNP Q8WWQ0 ? ? 'expression tag'        1298 7  
1 7FVQ SER A 8  ? UNP Q8WWQ0 ? ? 'expression tag'        1299 8  
1 7FVQ SER A 9  ? UNP Q8WWQ0 ? ? 'expression tag'        1300 9  
1 7FVQ GLY A 10 ? UNP Q8WWQ0 ? ? 'expression tag'        1301 10 
1 7FVQ VAL A 11 ? UNP Q8WWQ0 ? ? 'expression tag'        1302 11 
1 7FVQ ASP A 12 ? UNP Q8WWQ0 ? ? 'expression tag'        1303 12 
1 7FVQ LEU A 13 ? UNP Q8WWQ0 ? ? 'expression tag'        1304 13 
1 7FVQ GLY A 14 ? UNP Q8WWQ0 ? ? 'expression tag'        1305 14 
1 7FVQ THR A 15 ? UNP Q8WWQ0 ? ? 'expression tag'        1306 15 
1 7FVQ GLU A 16 ? UNP Q8WWQ0 ? ? 'expression tag'        1307 16 
1 7FVQ ASN A 17 ? UNP Q8WWQ0 ? ? 'expression tag'        1308 17 
1 7FVQ LEU A 18 ? UNP Q8WWQ0 ? ? 'expression tag'        1309 18 
1 7FVQ TYR A 19 ? UNP Q8WWQ0 ? ? 'expression tag'        1310 19 
1 7FVQ PHE A 20 ? UNP Q8WWQ0 ? ? 'expression tag'        1311 20 
1 7FVQ GLN A 21 ? UNP Q8WWQ0 ? ? 'expression tag'        1312 21 
1 7FVQ SER A 22 ? UNP Q8WWQ0 ? ? 'expression tag'        1313 22 
1 7FVQ MET A 23 ? UNP Q8WWQ0 ? ? 'expression tag'        1314 23 
# 
_pdbx_struct_assembly.id                   1 
_pdbx_struct_assembly.details              author_and_software_defined_assembly 
_pdbx_struct_assembly.method_details       PISA 
_pdbx_struct_assembly.oligomeric_details   monomeric 
_pdbx_struct_assembly.oligomeric_count     1 
# 
_pdbx_struct_assembly_gen.assembly_id       1 
_pdbx_struct_assembly_gen.oper_expression   1 
_pdbx_struct_assembly_gen.asym_id_list      A,B,C 
# 
_pdbx_struct_oper_list.id                   1 
_pdbx_struct_oper_list.type                 'identity operation' 
_pdbx_struct_oper_list.name                 1_555 
_pdbx_struct_oper_list.symmetry_operation   x,y,z 
_pdbx_struct_oper_list.matrix[1][1]         1.0000000000 
_pdbx_struct_oper_list.matrix[1][2]         0.0000000000 
_pdbx_struct_oper_list.matrix[1][3]         0.0000000000 
_pdbx_struct_oper_list.vector[1]            0.0000000000 
_pdbx_struct_oper_list.matrix[2][1]         0.0000000000 
_pdbx_struct_oper_list.matrix[2][2]         1.0000000000 
_pdbx_struct_oper_list.matrix[2][3]         0.0000000000 
_pdbx_struct_oper_list.vector[2]            0.0000000000 
_pdbx_struct_oper_list.matrix[3][1]         0.0000000000 
_pdbx_struct_oper_list.matrix[3][2]         0.0000000000 
_pdbx_struct_oper_list.matrix[3][3]         1.0000000000 
_pdbx_struct_oper_list.vector[3]            0.0000000000 
# 
loop_
_struct_conf.conf_type_id 
_struct_conf.id 
_struct_conf.pdbx_PDB_helix_id 
_struct_conf.beg_label_comp_id 
_struct_conf.beg_label_asym_id 
_struct_conf.beg_label_seq_id 
_struct_conf.pdbx_beg_PDB_ins_code 
_struct_conf.end_label_comp_id 
_struct_conf.end_label_asym_id 
_struct_conf.end_label_seq_id 
_struct_conf.pdbx_end_PDB_ins_code 
_struct_conf.beg_auth_comp_id 
_struct_conf.beg_auth_asym_id 
_struct_conf.beg_auth_seq_id 
_struct_conf.end_auth_comp_id 
_struct_conf.end_auth_asym_id 
_struct_conf.end_auth_seq_id 
_struct_conf.pdbx_PDB_helix_class 
_struct_conf.details 
_struct_conf.pdbx_PDB_helix_length 
HELX_P HELX_P1 AA1 ALA A 29  ? CYS A 44  ? ALA A 1320 CYS A 1335 1 ? 16 
HELX_P HELX_P2 AA2 GLU A 45  ? ARG A 51  ? GLU A 1336 ARG A 1342 5 ? 7  
HELX_P HELX_P3 AA3 ASP A 61  ? ILE A 66  ? ASP A 1352 ILE A 1357 1 ? 6  
HELX_P HELX_P4 AA4 ASP A 71  ? ALA A 81  ? ASP A 1362 ALA A 1372 1 ? 11 
HELX_P HELX_P5 AA5 SER A 86  ? THR A 105 ? SER A 1377 THR A 1396 1 ? 20 
HELX_P HELX_P6 AA6 SER A 110 ? LYS A 142 ? SER A 1401 LYS A 1433 1 ? 33 
# 
_struct_conf_type.id          HELX_P 
_struct_conf_type.criteria    ? 
_struct_conf_type.reference   ? 
# 
loop_
_pdbx_validate_close_contact.id 
_pdbx_validate_close_contact.PDB_model_num 
_pdbx_validate_close_contact.auth_atom_id_1 
_pdbx_validate_close_contact.auth_asym_id_1 
_pdbx_validate_close_contact.auth_comp_id_1 
_pdbx_validate_close_contact.auth_seq_id_1 
_pdbx_validate_close_contact.PDB_ins_code_1 
_pdbx_validate_close_contact.label_alt_id_1 
_pdbx_validate_close_contact.auth_atom_id_2 
_pdbx_validate_close_contact.auth_asym_id_2 
_pdbx_validate_close_contact.auth_comp_id_2 
_pdbx_validate_close_contact.auth_seq_id_2 
_pdbx_validate_close_contact.PDB_ins_code_2 
_pdbx_validate_close_contact.label_alt_id_2 
_pdbx_validate_close_contact.dist 
1 1 O A HOH 2164 ? ? O A HOH 2201 ? ? 2.16 
2 1 O A SER 1315 ? ? O A HOH 2001 ? ? 2.17 
3 1 O A HOH 2047 ? ? O A HOH 2159 ? ? 2.17 
4 1 O A HOH 2097 ? ? O A HOH 2115 ? ? 2.17 
# 
_pdbx_validate_symm_contact.id                1 
_pdbx_validate_symm_contact.PDB_model_num     1 
_pdbx_validate_symm_contact.auth_atom_id_1    O 
_pdbx_validate_symm_contact.auth_asym_id_1    A 
_pdbx_validate_symm_contact.auth_comp_id_1    HOH 
_pdbx_validate_symm_contact.auth_seq_id_1     2174 
_pdbx_validate_symm_contact.PDB_ins_code_1    ? 
_pdbx_validate_symm_contact.label_alt_id_1    ? 
_pdbx_validate_symm_contact.site_symmetry_1   1_555 
_pdbx_validate_symm_contact.auth_atom_id_2    O 
_pdbx_validate_symm_contact.auth_asym_id_2    A 
_pdbx_validate_symm_contact.auth_comp_id_2    HOH 
_pdbx_validate_symm_contact.auth_seq_id_2     2188 
_pdbx_validate_symm_contact.PDB_ins_code_2    ? 
_pdbx_validate_symm_contact.label_alt_id_2    ? 
_pdbx_validate_symm_contact.site_symmetry_2   4_445 
_pdbx_validate_symm_contact.dist              2.07 
# 
_pdbx_validate_rmsd_bond.id                        1 
_pdbx_validate_rmsd_bond.PDB_model_num             1 
_pdbx_validate_rmsd_bond.auth_atom_id_1            CD 
_pdbx_validate_rmsd_bond.auth_asym_id_1            A 
_pdbx_validate_rmsd_bond.auth_comp_id_1            GLU 
_pdbx_validate_rmsd_bond.auth_seq_id_1             1380 
_pdbx_validate_rmsd_bond.PDB_ins_code_1            ? 
_pdbx_validate_rmsd_bond.label_alt_id_1            ? 
_pdbx_validate_rmsd_bond.auth_atom_id_2            OE1 
_pdbx_validate_rmsd_bond.auth_asym_id_2            A 
_pdbx_validate_rmsd_bond.auth_comp_id_2            GLU 
_pdbx_validate_rmsd_bond.auth_seq_id_2             1380 
_pdbx_validate_rmsd_bond.PDB_ins_code_2            ? 
_pdbx_validate_rmsd_bond.label_alt_id_2            ? 
_pdbx_validate_rmsd_bond.bond_value                1.186 
_pdbx_validate_rmsd_bond.bond_target_value         1.252 
_pdbx_validate_rmsd_bond.bond_deviation            -0.066 
_pdbx_validate_rmsd_bond.bond_standard_deviation   0.011 
_pdbx_validate_rmsd_bond.linker_flag               N 
# 
_pdbx_validate_torsion.id              1 
_pdbx_validate_torsion.PDB_model_num   1 
_pdbx_validate_torsion.auth_comp_id    ARG 
_pdbx_validate_torsion.auth_asym_id    A 
_pdbx_validate_torsion.auth_seq_id     1400 
_pdbx_validate_torsion.PDB_ins_code    ? 
_pdbx_validate_torsion.label_alt_id    ? 
_pdbx_validate_torsion.phi             -91.23 
_pdbx_validate_torsion.psi             42.47 
# 
loop_
_pdbx_struct_special_symmetry.id 
_pdbx_struct_special_symmetry.PDB_model_num 
_pdbx_struct_special_symmetry.auth_asym_id 
_pdbx_struct_special_symmetry.auth_comp_id 
_pdbx_struct_special_symmetry.auth_seq_id 
_pdbx_struct_special_symmetry.PDB_ins_code 
_pdbx_struct_special_symmetry.label_asym_id 
_pdbx_struct_special_symmetry.label_comp_id 
_pdbx_struct_special_symmetry.label_seq_id 
1 1 A HOH 2152 ? C HOH . 
2 1 A HOH 2205 ? C HOH . 
# 
_phasing.method   MR 
# 
_pdbx_entry_details.entry_id                 7FVQ 
_pdbx_entry_details.compound_details         ? 
_pdbx_entry_details.source_details           ? 
_pdbx_entry_details.nonpolymer_details       ? 
_pdbx_entry_details.sequence_details         ? 
_pdbx_entry_details.has_ligand_of_interest   Y 
# 
loop_
_pdbx_unobs_or_zero_occ_residues.id 
_pdbx_unobs_or_zero_occ_residues.PDB_model_num 
_pdbx_unobs_or_zero_occ_residues.polymer_flag 
_pdbx_unobs_or_zero_occ_residues.occupancy_flag 
_pdbx_unobs_or_zero_occ_residues.auth_asym_id 
_pdbx_unobs_or_zero_occ_residues.auth_comp_id 
_pdbx_unobs_or_zero_occ_residues.auth_seq_id 
_pdbx_unobs_or_zero_occ_residues.PDB_ins_code 
_pdbx_unobs_or_zero_occ_residues.label_asym_id 
_pdbx_unobs_or_zero_occ_residues.label_comp_id 
_pdbx_unobs_or_zero_occ_residues.label_seq_id 
1  1 Y 1 A MET 1292 ? A MET 1   
2  1 Y 1 A HIS 1293 ? A HIS 2   
3  1 Y 1 A HIS 1294 ? A HIS 3   
4  1 Y 1 A HIS 1295 ? A HIS 4   
5  1 Y 1 A HIS 1296 ? A HIS 5   
6  1 Y 1 A HIS 1297 ? A HIS 6   
7  1 Y 1 A HIS 1298 ? A HIS 7   
8  1 Y 1 A SER 1299 ? A SER 8   
9  1 Y 1 A SER 1300 ? A SER 9   
10 1 Y 1 A GLY 1301 ? A GLY 10  
11 1 Y 1 A VAL 1302 ? A VAL 11  
12 1 Y 1 A ASP 1303 ? A ASP 12  
13 1 Y 1 A LEU 1304 ? A LEU 13  
14 1 Y 1 A GLY 1305 ? A GLY 14  
15 1 Y 1 A THR 1306 ? A THR 15  
16 1 Y 1 A GLU 1307 ? A GLU 16  
17 1 Y 1 A ASN 1308 ? A ASN 17  
18 1 Y 1 A LEU 1309 ? A LEU 18  
19 1 Y 1 A TYR 1310 ? A TYR 19  
20 1 Y 1 A PHE 1311 ? A PHE 20  
21 1 Y 1 A GLN 1312 ? A GLN 21  
22 1 Y 1 A SER 1313 ? A SER 22  
23 1 Y 1 A MET 1314 ? A MET 23  
24 1 Y 1 A THR 1436 ? A THR 145 
25 1 Y 1 A ILE 1437 ? A ILE 146 
26 1 Y 1 A THR 1438 ? A THR 147 
27 1 Y 1 A LYS 1439 ? A LYS 148 
28 1 Y 1 A ARG 1440 ? A ARG 149 
# 
loop_
_chem_comp_atom.comp_id 
_chem_comp_atom.atom_id 
_chem_comp_atom.type_symbol 
_chem_comp_atom.pdbx_aromatic_flag 
_chem_comp_atom.pdbx_stereo_config 
_chem_comp_atom.pdbx_ordinal 
ALA N    N N N 1   
ALA CA   C N S 2   
ALA C    C N N 3   
ALA O    O N N 4   
ALA CB   C N N 5   
ALA OXT  O N N 6   
ALA H    H N N 7   
ALA H2   H N N 8   
ALA HA   H N N 9   
ALA HB1  H N N 10  
ALA HB2  H N N 11  
ALA HB3  H N N 12  
ALA HXT  H N N 13  
ARG N    N N N 14  
ARG CA   C N S 15  
ARG C    C N N 16  
ARG O    O N N 17  
ARG CB   C N N 18  
ARG CG   C N N 19  
ARG CD   C N N 20  
ARG NE   N N N 21  
ARG CZ   C N N 22  
ARG NH1  N N N 23  
ARG NH2  N N N 24  
ARG OXT  O N N 25  
ARG H    H N N 26  
ARG H2   H N N 27  
ARG HA   H N N 28  
ARG HB2  H N N 29  
ARG HB3  H N N 30  
ARG HG2  H N N 31  
ARG HG3  H N N 32  
ARG HD2  H N N 33  
ARG HD3  H N N 34  
ARG HE   H N N 35  
ARG HH11 H N N 36  
ARG HH12 H N N 37  
ARG HH21 H N N 38  
ARG HH22 H N N 39  
ARG HXT  H N N 40  
ASN N    N N N 41  
ASN CA   C N S 42  
ASN C    C N N 43  
ASN O    O N N 44  
ASN CB   C N N 45  
ASN CG   C N N 46  
ASN OD1  O N N 47  
ASN ND2  N N N 48  
ASN OXT  O N N 49  
ASN H    H N N 50  
ASN H2   H N N 51  
ASN HA   H N N 52  
ASN HB2  H N N 53  
ASN HB3  H N N 54  
ASN HD21 H N N 55  
ASN HD22 H N N 56  
ASN HXT  H N N 57  
ASP N    N N N 58  
ASP CA   C N S 59  
ASP C    C N N 60  
ASP O    O N N 61  
ASP CB   C N N 62  
ASP CG   C N N 63  
ASP OD1  O N N 64  
ASP OD2  O N N 65  
ASP OXT  O N N 66  
ASP H    H N N 67  
ASP H2   H N N 68  
ASP HA   H N N 69  
ASP HB2  H N N 70  
ASP HB3  H N N 71  
ASP HD2  H N N 72  
ASP HXT  H N N 73  
CYS N    N N N 74  
CYS CA   C N R 75  
CYS C    C N N 76  
CYS O    O N N 77  
CYS CB   C N N 78  
CYS SG   S N N 79  
CYS OXT  O N N 80  
CYS H    H N N 81  
CYS H2   H N N 82  
CYS HA   H N N 83  
CYS HB2  H N N 84  
CYS HB3  H N N 85  
CYS HG   H N N 86  
CYS HXT  H N N 87  
GLN N    N N N 88  
GLN CA   C N S 89  
GLN C    C N N 90  
GLN O    O N N 91  
GLN CB   C N N 92  
GLN CG   C N N 93  
GLN CD   C N N 94  
GLN OE1  O N N 95  
GLN NE2  N N N 96  
GLN OXT  O N N 97  
GLN H    H N N 98  
GLN H2   H N N 99  
GLN HA   H N N 100 
GLN HB2  H N N 101 
GLN HB3  H N N 102 
GLN HG2  H N N 103 
GLN HG3  H N N 104 
GLN HE21 H N N 105 
GLN HE22 H N N 106 
GLN HXT  H N N 107 
GLU N    N N N 108 
GLU CA   C N S 109 
GLU C    C N N 110 
GLU O    O N N 111 
GLU CB   C N N 112 
GLU CG   C N N 113 
GLU CD   C N N 114 
GLU OE1  O N N 115 
GLU OE2  O N N 116 
GLU OXT  O N N 117 
GLU H    H N N 118 
GLU H2   H N N 119 
GLU HA   H N N 120 
GLU HB2  H N N 121 
GLU HB3  H N N 122 
GLU HG2  H N N 123 
GLU HG3  H N N 124 
GLU HE2  H N N 125 
GLU HXT  H N N 126 
GLY N    N N N 127 
GLY CA   C N N 128 
GLY C    C N N 129 
GLY O    O N N 130 
GLY OXT  O N N 131 
GLY H    H N N 132 
GLY H2   H N N 133 
GLY HA2  H N N 134 
GLY HA3  H N N 135 
GLY HXT  H N N 136 
HIS N    N N N 137 
HIS CA   C N S 138 
HIS C    C N N 139 
HIS O    O N N 140 
HIS CB   C N N 141 
HIS CG   C Y N 142 
HIS ND1  N Y N 143 
HIS CD2  C Y N 144 
HIS CE1  C Y N 145 
HIS NE2  N Y N 146 
HIS OXT  O N N 147 
HIS H    H N N 148 
HIS H2   H N N 149 
HIS HA   H N N 150 
HIS HB2  H N N 151 
HIS HB3  H N N 152 
HIS HD1  H N N 153 
HIS HD2  H N N 154 
HIS HE1  H N N 155 
HIS HE2  H N N 156 
HIS HXT  H N N 157 
HOH O    O N N 158 
HOH H1   H N N 159 
HOH H2   H N N 160 
ILE N    N N N 161 
ILE CA   C N S 162 
ILE C    C N N 163 
ILE O    O N N 164 
ILE CB   C N S 165 
ILE CG1  C N N 166 
ILE CG2  C N N 167 
ILE CD1  C N N 168 
ILE OXT  O N N 169 
ILE H    H N N 170 
ILE H2   H N N 171 
ILE HA   H N N 172 
ILE HB   H N N 173 
ILE HG12 H N N 174 
ILE HG13 H N N 175 
ILE HG21 H N N 176 
ILE HG22 H N N 177 
ILE HG23 H N N 178 
ILE HD11 H N N 179 
ILE HD12 H N N 180 
ILE HD13 H N N 181 
ILE HXT  H N N 182 
LEU N    N N N 183 
LEU CA   C N S 184 
LEU C    C N N 185 
LEU O    O N N 186 
LEU CB   C N N 187 
LEU CG   C N N 188 
LEU CD1  C N N 189 
LEU CD2  C N N 190 
LEU OXT  O N N 191 
LEU H    H N N 192 
LEU H2   H N N 193 
LEU HA   H N N 194 
LEU HB2  H N N 195 
LEU HB3  H N N 196 
LEU HG   H N N 197 
LEU HD11 H N N 198 
LEU HD12 H N N 199 
LEU HD13 H N N 200 
LEU HD21 H N N 201 
LEU HD22 H N N 202 
LEU HD23 H N N 203 
LEU HXT  H N N 204 
LYS N    N N N 205 
LYS CA   C N S 206 
LYS C    C N N 207 
LYS O    O N N 208 
LYS CB   C N N 209 
LYS CG   C N N 210 
LYS CD   C N N 211 
LYS CE   C N N 212 
LYS NZ   N N N 213 
LYS OXT  O N N 214 
LYS H    H N N 215 
LYS H2   H N N 216 
LYS HA   H N N 217 
LYS HB2  H N N 218 
LYS HB3  H N N 219 
LYS HG2  H N N 220 
LYS HG3  H N N 221 
LYS HD2  H N N 222 
LYS HD3  H N N 223 
LYS HE2  H N N 224 
LYS HE3  H N N 225 
LYS HZ1  H N N 226 
LYS HZ2  H N N 227 
LYS HZ3  H N N 228 
LYS HXT  H N N 229 
MET N    N N N 230 
MET CA   C N S 231 
MET C    C N N 232 
MET O    O N N 233 
MET CB   C N N 234 
MET CG   C N N 235 
MET SD   S N N 236 
MET CE   C N N 237 
MET OXT  O N N 238 
MET H    H N N 239 
MET H2   H N N 240 
MET HA   H N N 241 
MET HB2  H N N 242 
MET HB3  H N N 243 
MET HG2  H N N 244 
MET HG3  H N N 245 
MET HE1  H N N 246 
MET HE2  H N N 247 
MET HE3  H N N 248 
MET HXT  H N N 249 
PHE N    N N N 250 
PHE CA   C N S 251 
PHE C    C N N 252 
PHE O    O N N 253 
PHE CB   C N N 254 
PHE CG   C Y N 255 
PHE CD1  C Y N 256 
PHE CD2  C Y N 257 
PHE CE1  C Y N 258 
PHE CE2  C Y N 259 
PHE CZ   C Y N 260 
PHE OXT  O N N 261 
PHE H    H N N 262 
PHE H2   H N N 263 
PHE HA   H N N 264 
PHE HB2  H N N 265 
PHE HB3  H N N 266 
PHE HD1  H N N 267 
PHE HD2  H N N 268 
PHE HE1  H N N 269 
PHE HE2  H N N 270 
PHE HZ   H N N 271 
PHE HXT  H N N 272 
PRO N    N N N 273 
PRO CA   C N S 274 
PRO C    C N N 275 
PRO O    O N N 276 
PRO CB   C N N 277 
PRO CG   C N N 278 
PRO CD   C N N 279 
PRO OXT  O N N 280 
PRO H    H N N 281 
PRO HA   H N N 282 
PRO HB2  H N N 283 
PRO HB3  H N N 284 
PRO HG2  H N N 285 
PRO HG3  H N N 286 
PRO HD2  H N N 287 
PRO HD3  H N N 288 
PRO HXT  H N N 289 
SER N    N N N 290 
SER CA   C N S 291 
SER C    C N N 292 
SER O    O N N 293 
SER CB   C N N 294 
SER OG   O N N 295 
SER OXT  O N N 296 
SER H    H N N 297 
SER H2   H N N 298 
SER HA   H N N 299 
SER HB2  H N N 300 
SER HB3  H N N 301 
SER HG   H N N 302 
SER HXT  H N N 303 
THR N    N N N 304 
THR CA   C N S 305 
THR C    C N N 306 
THR O    O N N 307 
THR CB   C N R 308 
THR OG1  O N N 309 
THR CG2  C N N 310 
THR OXT  O N N 311 
THR H    H N N 312 
THR H2   H N N 313 
THR HA   H N N 314 
THR HB   H N N 315 
THR HG1  H N N 316 
THR HG21 H N N 317 
THR HG22 H N N 318 
THR HG23 H N N 319 
THR HXT  H N N 320 
TRP N    N N N 321 
TRP CA   C N S 322 
TRP C    C N N 323 
TRP O    O N N 324 
TRP CB   C N N 325 
TRP CG   C Y N 326 
TRP CD1  C Y N 327 
TRP CD2  C Y N 328 
TRP NE1  N Y N 329 
TRP CE2  C Y N 330 
TRP CE3  C Y N 331 
TRP CZ2  C Y N 332 
TRP CZ3  C Y N 333 
TRP CH2  C Y N 334 
TRP OXT  O N N 335 
TRP H    H N N 336 
TRP H2   H N N 337 
TRP HA   H N N 338 
TRP HB2  H N N 339 
TRP HB3  H N N 340 
TRP HD1  H N N 341 
TRP HE1  H N N 342 
TRP HE3  H N N 343 
TRP HZ2  H N N 344 
TRP HZ3  H N N 345 
TRP HH2  H N N 346 
TRP HXT  H N N 347 
TYR N    N N N 348 
TYR CA   C N S 349 
TYR C    C N N 350 
TYR O    O N N 351 
TYR CB   C N N 352 
TYR CG   C Y N 353 
TYR CD1  C Y N 354 
TYR CD2  C Y N 355 
TYR CE1  C Y N 356 
TYR CE2  C Y N 357 
TYR CZ   C Y N 358 
TYR OH   O N N 359 
TYR OXT  O N N 360 
TYR H    H N N 361 
TYR H2   H N N 362 
TYR HA   H N N 363 
TYR HB2  H N N 364 
TYR HB3  H N N 365 
TYR HD1  H N N 366 
TYR HD2  H N N 367 
TYR HE1  H N N 368 
TYR HE2  H N N 369 
TYR HH   H N N 370 
TYR HXT  H N N 371 
VAL N    N N N 372 
VAL CA   C N S 373 
VAL C    C N N 374 
VAL O    O N N 375 
VAL CB   C N N 376 
VAL CG1  C N N 377 
VAL CG2  C N N 378 
VAL OXT  O N N 379 
VAL H    H N N 380 
VAL H2   H N N 381 
VAL HA   H N N 382 
VAL HB   H N N 383 
VAL HG11 H N N 384 
VAL HG12 H N N 385 
VAL HG13 H N N 386 
VAL HG21 H N N 387 
VAL HG22 H N N 388 
VAL HG23 H N N 389 
VAL HXT  H N N 390 
ZQ5 N1   N N N 391 
ZQ5 N3   N N N 392 
ZQ5 C4   C N N 393 
ZQ5 C5   C N N 394 
ZQ5 C6   C N N 395 
ZQ5 C7   C N N 396 
ZQ5 C8   C N N 397 
ZQ5 C10  C N N 398 
ZQ5 C13  C Y N 399 
ZQ5 C1   C N N 400 
ZQ5 C11  C Y N 401 
ZQ5 C12  C Y N 402 
ZQ5 C14  C Y N 403 
ZQ5 C2   C N N 404 
ZQ5 C3   C N N 405 
ZQ5 C9   C N N 406 
ZQ5 N2   N N N 407 
ZQ5 O1   O N N 408 
ZQ5 O2   O N N 409 
ZQ5 S1   S Y N 410 
ZQ5 H10  H N N 411 
ZQ5 H9   H N N 412 
ZQ5 H8   H N N 413 
ZQ5 H12  H N N 414 
ZQ5 H11  H N N 415 
ZQ5 H14  H N N 416 
ZQ5 H13  H N N 417 
ZQ5 H15  H N N 418 
ZQ5 H16  H N N 419 
ZQ5 H20  H N N 420 
ZQ5 H2   H N N 421 
ZQ5 H1   H N N 422 
ZQ5 H3   H N N 423 
ZQ5 H19  H N N 424 
ZQ5 H21  H N N 425 
ZQ5 H4   H N N 426 
ZQ5 H5   H N N 427 
ZQ5 H6   H N N 428 
ZQ5 H7   H N N 429 
ZQ5 H18  H N N 430 
ZQ5 H17  H N N 431 
# 
loop_
_chem_comp_bond.comp_id 
_chem_comp_bond.atom_id_1 
_chem_comp_bond.atom_id_2 
_chem_comp_bond.value_order 
_chem_comp_bond.pdbx_aromatic_flag 
_chem_comp_bond.pdbx_stereo_config 
_chem_comp_bond.pdbx_ordinal 
ALA N   CA   sing N N 1   
ALA N   H    sing N N 2   
ALA N   H2   sing N N 3   
ALA CA  C    sing N N 4   
ALA CA  CB   sing N N 5   
ALA CA  HA   sing N N 6   
ALA C   O    doub N N 7   
ALA C   OXT  sing N N 8   
ALA CB  HB1  sing N N 9   
ALA CB  HB2  sing N N 10  
ALA CB  HB3  sing N N 11  
ALA OXT HXT  sing N N 12  
ARG N   CA   sing N N 13  
ARG N   H    sing N N 14  
ARG N   H2   sing N N 15  
ARG CA  C    sing N N 16  
ARG CA  CB   sing N N 17  
ARG CA  HA   sing N N 18  
ARG C   O    doub N N 19  
ARG C   OXT  sing N N 20  
ARG CB  CG   sing N N 21  
ARG CB  HB2  sing N N 22  
ARG CB  HB3  sing N N 23  
ARG CG  CD   sing N N 24  
ARG CG  HG2  sing N N 25  
ARG CG  HG3  sing N N 26  
ARG CD  NE   sing N N 27  
ARG CD  HD2  sing N N 28  
ARG CD  HD3  sing N N 29  
ARG NE  CZ   sing N N 30  
ARG NE  HE   sing N N 31  
ARG CZ  NH1  sing N N 32  
ARG CZ  NH2  doub N N 33  
ARG NH1 HH11 sing N N 34  
ARG NH1 HH12 sing N N 35  
ARG NH2 HH21 sing N N 36  
ARG NH2 HH22 sing N N 37  
ARG OXT HXT  sing N N 38  
ASN N   CA   sing N N 39  
ASN N   H    sing N N 40  
ASN N   H2   sing N N 41  
ASN CA  C    sing N N 42  
ASN CA  CB   sing N N 43  
ASN CA  HA   sing N N 44  
ASN C   O    doub N N 45  
ASN C   OXT  sing N N 46  
ASN CB  CG   sing N N 47  
ASN CB  HB2  sing N N 48  
ASN CB  HB3  sing N N 49  
ASN CG  OD1  doub N N 50  
ASN CG  ND2  sing N N 51  
ASN ND2 HD21 sing N N 52  
ASN ND2 HD22 sing N N 53  
ASN OXT HXT  sing N N 54  
ASP N   CA   sing N N 55  
ASP N   H    sing N N 56  
ASP N   H2   sing N N 57  
ASP CA  C    sing N N 58  
ASP CA  CB   sing N N 59  
ASP CA  HA   sing N N 60  
ASP C   O    doub N N 61  
ASP C   OXT  sing N N 62  
ASP CB  CG   sing N N 63  
ASP CB  HB2  sing N N 64  
ASP CB  HB3  sing N N 65  
ASP CG  OD1  doub N N 66  
ASP CG  OD2  sing N N 67  
ASP OD2 HD2  sing N N 68  
ASP OXT HXT  sing N N 69  
CYS N   CA   sing N N 70  
CYS N   H    sing N N 71  
CYS N   H2   sing N N 72  
CYS CA  C    sing N N 73  
CYS CA  CB   sing N N 74  
CYS CA  HA   sing N N 75  
CYS C   O    doub N N 76  
CYS C   OXT  sing N N 77  
CYS CB  SG   sing N N 78  
CYS CB  HB2  sing N N 79  
CYS CB  HB3  sing N N 80  
CYS SG  HG   sing N N 81  
CYS OXT HXT  sing N N 82  
GLN N   CA   sing N N 83  
GLN N   H    sing N N 84  
GLN N   H2   sing N N 85  
GLN CA  C    sing N N 86  
GLN CA  CB   sing N N 87  
GLN CA  HA   sing N N 88  
GLN C   O    doub N N 89  
GLN C   OXT  sing N N 90  
GLN CB  CG   sing N N 91  
GLN CB  HB2  sing N N 92  
GLN CB  HB3  sing N N 93  
GLN CG  CD   sing N N 94  
GLN CG  HG2  sing N N 95  
GLN CG  HG3  sing N N 96  
GLN CD  OE1  doub N N 97  
GLN CD  NE2  sing N N 98  
GLN NE2 HE21 sing N N 99  
GLN NE2 HE22 sing N N 100 
GLN OXT HXT  sing N N 101 
GLU N   CA   sing N N 102 
GLU N   H    sing N N 103 
GLU N   H2   sing N N 104 
GLU CA  C    sing N N 105 
GLU CA  CB   sing N N 106 
GLU CA  HA   sing N N 107 
GLU C   O    doub N N 108 
GLU C   OXT  sing N N 109 
GLU CB  CG   sing N N 110 
GLU CB  HB2  sing N N 111 
GLU CB  HB3  sing N N 112 
GLU CG  CD   sing N N 113 
GLU CG  HG2  sing N N 114 
GLU CG  HG3  sing N N 115 
GLU CD  OE1  doub N N 116 
GLU CD  OE2  sing N N 117 
GLU OE2 HE2  sing N N 118 
GLU OXT HXT  sing N N 119 
GLY N   CA   sing N N 120 
GLY N   H    sing N N 121 
GLY N   H2   sing N N 122 
GLY CA  C    sing N N 123 
GLY CA  HA2  sing N N 124 
GLY CA  HA3  sing N N 125 
GLY C   O    doub N N 126 
GLY C   OXT  sing N N 127 
GLY OXT HXT  sing N N 128 
HIS N   CA   sing N N 129 
HIS N   H    sing N N 130 
HIS N   H2   sing N N 131 
HIS CA  C    sing N N 132 
HIS CA  CB   sing N N 133 
HIS CA  HA   sing N N 134 
HIS C   O    doub N N 135 
HIS C   OXT  sing N N 136 
HIS CB  CG   sing N N 137 
HIS CB  HB2  sing N N 138 
HIS CB  HB3  sing N N 139 
HIS CG  ND1  sing Y N 140 
HIS CG  CD2  doub Y N 141 
HIS ND1 CE1  doub Y N 142 
HIS ND1 HD1  sing N N 143 
HIS CD2 NE2  sing Y N 144 
HIS CD2 HD2  sing N N 145 
HIS CE1 NE2  sing Y N 146 
HIS CE1 HE1  sing N N 147 
HIS NE2 HE2  sing N N 148 
HIS OXT HXT  sing N N 149 
HOH O   H1   sing N N 150 
HOH O   H2   sing N N 151 
ILE N   CA   sing N N 152 
ILE N   H    sing N N 153 
ILE N   H2   sing N N 154 
ILE CA  C    sing N N 155 
ILE CA  CB   sing N N 156 
ILE CA  HA   sing N N 157 
ILE C   O    doub N N 158 
ILE C   OXT  sing N N 159 
ILE CB  CG1  sing N N 160 
ILE CB  CG2  sing N N 161 
ILE CB  HB   sing N N 162 
ILE CG1 CD1  sing N N 163 
ILE CG1 HG12 sing N N 164 
ILE CG1 HG13 sing N N 165 
ILE CG2 HG21 sing N N 166 
ILE CG2 HG22 sing N N 167 
ILE CG2 HG23 sing N N 168 
ILE CD1 HD11 sing N N 169 
ILE CD1 HD12 sing N N 170 
ILE CD1 HD13 sing N N 171 
ILE OXT HXT  sing N N 172 
LEU N   CA   sing N N 173 
LEU N   H    sing N N 174 
LEU N   H2   sing N N 175 
LEU CA  C    sing N N 176 
LEU CA  CB   sing N N 177 
LEU CA  HA   sing N N 178 
LEU C   O    doub N N 179 
LEU C   OXT  sing N N 180 
LEU CB  CG   sing N N 181 
LEU CB  HB2  sing N N 182 
LEU CB  HB3  sing N N 183 
LEU CG  CD1  sing N N 184 
LEU CG  CD2  sing N N 185 
LEU CG  HG   sing N N 186 
LEU CD1 HD11 sing N N 187 
LEU CD1 HD12 sing N N 188 
LEU CD1 HD13 sing N N 189 
LEU CD2 HD21 sing N N 190 
LEU CD2 HD22 sing N N 191 
LEU CD2 HD23 sing N N 192 
LEU OXT HXT  sing N N 193 
LYS N   CA   sing N N 194 
LYS N   H    sing N N 195 
LYS N   H2   sing N N 196 
LYS CA  C    sing N N 197 
LYS CA  CB   sing N N 198 
LYS CA  HA   sing N N 199 
LYS C   O    doub N N 200 
LYS C   OXT  sing N N 201 
LYS CB  CG   sing N N 202 
LYS CB  HB2  sing N N 203 
LYS CB  HB3  sing N N 204 
LYS CG  CD   sing N N 205 
LYS CG  HG2  sing N N 206 
LYS CG  HG3  sing N N 207 
LYS CD  CE   sing N N 208 
LYS CD  HD2  sing N N 209 
LYS CD  HD3  sing N N 210 
LYS CE  NZ   sing N N 211 
LYS CE  HE2  sing N N 212 
LYS CE  HE3  sing N N 213 
LYS NZ  HZ1  sing N N 214 
LYS NZ  HZ2  sing N N 215 
LYS NZ  HZ3  sing N N 216 
LYS OXT HXT  sing N N 217 
MET N   CA   sing N N 218 
MET N   H    sing N N 219 
MET N   H2   sing N N 220 
MET CA  C    sing N N 221 
MET CA  CB   sing N N 222 
MET CA  HA   sing N N 223 
MET C   O    doub N N 224 
MET C   OXT  sing N N 225 
MET CB  CG   sing N N 226 
MET CB  HB2  sing N N 227 
MET CB  HB3  sing N N 228 
MET CG  SD   sing N N 229 
MET CG  HG2  sing N N 230 
MET CG  HG3  sing N N 231 
MET SD  CE   sing N N 232 
MET CE  HE1  sing N N 233 
MET CE  HE2  sing N N 234 
MET CE  HE3  sing N N 235 
MET OXT HXT  sing N N 236 
PHE N   CA   sing N N 237 
PHE N   H    sing N N 238 
PHE N   H2   sing N N 239 
PHE CA  C    sing N N 240 
PHE CA  CB   sing N N 241 
PHE CA  HA   sing N N 242 
PHE C   O    doub N N 243 
PHE C   OXT  sing N N 244 
PHE CB  CG   sing N N 245 
PHE CB  HB2  sing N N 246 
PHE CB  HB3  sing N N 247 
PHE CG  CD1  doub Y N 248 
PHE CG  CD2  sing Y N 249 
PHE CD1 CE1  sing Y N 250 
PHE CD1 HD1  sing N N 251 
PHE CD2 CE2  doub Y N 252 
PHE CD2 HD2  sing N N 253 
PHE CE1 CZ   doub Y N 254 
PHE CE1 HE1  sing N N 255 
PHE CE2 CZ   sing Y N 256 
PHE CE2 HE2  sing N N 257 
PHE CZ  HZ   sing N N 258 
PHE OXT HXT  sing N N 259 
PRO N   CA   sing N N 260 
PRO N   CD   sing N N 261 
PRO N   H    sing N N 262 
PRO CA  C    sing N N 263 
PRO CA  CB   sing N N 264 
PRO CA  HA   sing N N 265 
PRO C   O    doub N N 266 
PRO C   OXT  sing N N 267 
PRO CB  CG   sing N N 268 
PRO CB  HB2  sing N N 269 
PRO CB  HB3  sing N N 270 
PRO CG  CD   sing N N 271 
PRO CG  HG2  sing N N 272 
PRO CG  HG3  sing N N 273 
PRO CD  HD2  sing N N 274 
PRO CD  HD3  sing N N 275 
PRO OXT HXT  sing N N 276 
SER N   CA   sing N N 277 
SER N   H    sing N N 278 
SER N   H2   sing N N 279 
SER CA  C    sing N N 280 
SER CA  CB   sing N N 281 
SER CA  HA   sing N N 282 
SER C   O    doub N N 283 
SER C   OXT  sing N N 284 
SER CB  OG   sing N N 285 
SER CB  HB2  sing N N 286 
SER CB  HB3  sing N N 287 
SER OG  HG   sing N N 288 
SER OXT HXT  sing N N 289 
THR N   CA   sing N N 290 
THR N   H    sing N N 291 
THR N   H2   sing N N 292 
THR CA  C    sing N N 293 
THR CA  CB   sing N N 294 
THR CA  HA   sing N N 295 
THR C   O    doub N N 296 
THR C   OXT  sing N N 297 
THR CB  OG1  sing N N 298 
THR CB  CG2  sing N N 299 
THR CB  HB   sing N N 300 
THR OG1 HG1  sing N N 301 
THR CG2 HG21 sing N N 302 
THR CG2 HG22 sing N N 303 
THR CG2 HG23 sing N N 304 
THR OXT HXT  sing N N 305 
TRP N   CA   sing N N 306 
TRP N   H    sing N N 307 
TRP N   H2   sing N N 308 
TRP CA  C    sing N N 309 
TRP CA  CB   sing N N 310 
TRP CA  HA   sing N N 311 
TRP C   O    doub N N 312 
TRP C   OXT  sing N N 313 
TRP CB  CG   sing N N 314 
TRP CB  HB2  sing N N 315 
TRP CB  HB3  sing N N 316 
TRP CG  CD1  doub Y N 317 
TRP CG  CD2  sing Y N 318 
TRP CD1 NE1  sing Y N 319 
TRP CD1 HD1  sing N N 320 
TRP CD2 CE2  doub Y N 321 
TRP CD2 CE3  sing Y N 322 
TRP NE1 CE2  sing Y N 323 
TRP NE1 HE1  sing N N 324 
TRP CE2 CZ2  sing Y N 325 
TRP CE3 CZ3  doub Y N 326 
TRP CE3 HE3  sing N N 327 
TRP CZ2 CH2  doub Y N 328 
TRP CZ2 HZ2  sing N N 329 
TRP CZ3 CH2  sing Y N 330 
TRP CZ3 HZ3  sing N N 331 
TRP CH2 HH2  sing N N 332 
TRP OXT HXT  sing N N 333 
TYR N   CA   sing N N 334 
TYR N   H    sing N N 335 
TYR N   H2   sing N N 336 
TYR CA  C    sing N N 337 
TYR CA  CB   sing N N 338 
TYR CA  HA   sing N N 339 
TYR C   O    doub N N 340 
TYR C   OXT  sing N N 341 
TYR CB  CG   sing N N 342 
TYR CB  HB2  sing N N 343 
TYR CB  HB3  sing N N 344 
TYR CG  CD1  doub Y N 345 
TYR CG  CD2  sing Y N 346 
TYR CD1 CE1  sing Y N 347 
TYR CD1 HD1  sing N N 348 
TYR CD2 CE2  doub Y N 349 
TYR CD2 HD2  sing N N 350 
TYR CE1 CZ   doub Y N 351 
TYR CE1 HE1  sing N N 352 
TYR CE2 CZ   sing Y N 353 
TYR CE2 HE2  sing N N 354 
TYR CZ  OH   sing N N 355 
TYR OH  HH   sing N N 356 
TYR OXT HXT  sing N N 357 
VAL N   CA   sing N N 358 
VAL N   H    sing N N 359 
VAL N   H2   sing N N 360 
VAL CA  C    sing N N 361 
VAL CA  CB   sing N N 362 
VAL CA  HA   sing N N 363 
VAL C   O    doub N N 364 
VAL C   OXT  sing N N 365 
VAL CB  CG1  sing N N 366 
VAL CB  CG2  sing N N 367 
VAL CB  HB   sing N N 368 
VAL CG1 HG11 sing N N 369 
VAL CG1 HG12 sing N N 370 
VAL CG1 HG13 sing N N 371 
VAL CG2 HG21 sing N N 372 
VAL CG2 HG22 sing N N 373 
VAL CG2 HG23 sing N N 374 
VAL OXT HXT  sing N N 375 
ZQ5 C1  C2   sing N N 376 
ZQ5 C2  C3   sing N N 377 
ZQ5 C3  C4   sing N N 378 
ZQ5 C4  N1   sing N N 379 
ZQ5 N1  C5   sing N N 380 
ZQ5 C5  O1   doub N N 381 
ZQ5 C5  N2   sing N N 382 
ZQ5 N2  C6   sing N N 383 
ZQ5 C6  C7   sing N N 384 
ZQ5 C7  N3   sing N N 385 
ZQ5 N3  C8   sing N N 386 
ZQ5 C8  C9   sing N N 387 
ZQ5 N3  C10  sing N N 388 
ZQ5 C10 O2   doub N N 389 
ZQ5 C10 C11  sing N N 390 
ZQ5 C11 C12  doub Y N 391 
ZQ5 C12 C13  sing Y N 392 
ZQ5 C13 C14  doub Y N 393 
ZQ5 C14 S1   sing Y N 394 
ZQ5 N2  C9   sing N N 395 
ZQ5 C11 S1   sing Y N 396 
ZQ5 N1  H10  sing N N 397 
ZQ5 C4  H9   sing N N 398 
ZQ5 C4  H8   sing N N 399 
ZQ5 C6  H12  sing N N 400 
ZQ5 C6  H11  sing N N 401 
ZQ5 C7  H14  sing N N 402 
ZQ5 C7  H13  sing N N 403 
ZQ5 C8  H15  sing N N 404 
ZQ5 C8  H16  sing N N 405 
ZQ5 C13 H20  sing N N 406 
ZQ5 C1  H2   sing N N 407 
ZQ5 C1  H1   sing N N 408 
ZQ5 C1  H3   sing N N 409 
ZQ5 C12 H19  sing N N 410 
ZQ5 C14 H21  sing N N 411 
ZQ5 C2  H4   sing N N 412 
ZQ5 C2  H5   sing N N 413 
ZQ5 C3  H6   sing N N 414 
ZQ5 C3  H7   sing N N 415 
ZQ5 C9  H18  sing N N 416 
ZQ5 C9  H17  sing N N 417 
# 
_pdbx_audit_support.ordinal                1 
_pdbx_audit_support.funding_organization   'Wellcome Trust' 
_pdbx_audit_support.grant_number           None 
_pdbx_audit_support.country                'United Kingdom' 
# 
_pdbx_deposit_group.group_id            G_1002265 
_pdbx_deposit_group.group_description   
;XDomainX of XOrganismX PHIP screened against predicted false negatives and catalogue compounds by X-ray Crystallography at the XChem facility of Diamond Light Source beamline I04-1
;
_pdbx_deposit_group.group_title         'PanDDA analysis group deposition' 
_pdbx_deposit_group.group_type          'changed state' 
# 
_pdbx_entity_instance_feature.ordinal        1 
_pdbx_entity_instance_feature.comp_id        ZQ5 
_pdbx_entity_instance_feature.asym_id        ? 
_pdbx_entity_instance_feature.seq_num        ? 
_pdbx_entity_instance_feature.auth_comp_id   ZQ5 
_pdbx_entity_instance_feature.auth_asym_id   ? 
_pdbx_entity_instance_feature.auth_seq_num   ? 
_pdbx_entity_instance_feature.feature_type   'SUBJECT OF INVESTIGATION' 
_pdbx_entity_instance_feature.details        ? 
# 
_atom_sites.entry_id                    7FVQ 
_atom_sites.fract_transf_matrix[1][1]   -0.00389571 
_atom_sites.fract_transf_matrix[1][2]   0.00635012 
_atom_sites.fract_transf_matrix[1][3]   -0.00990982 
_atom_sites.fract_transf_matrix[2][1]   0.00976013 
_atom_sites.fract_transf_matrix[2][2]   -0.02770165 
_atom_sites.fract_transf_matrix[2][3]   -0.02158782 
_atom_sites.fract_transf_matrix[3][1]   -0.01714655 
_atom_sites.fract_transf_matrix[3][2]   -0.00550607 
_atom_sites.fract_transf_matrix[3][3]   -0.00068674 
_atom_sites.fract_transf_vector[1]      -0.147053 
_atom_sites.fract_transf_vector[2]      0.449329 
_atom_sites.fract_transf_vector[3]      0.217053 
# 
loop_
_atom_type.symbol 
C 
N 
O 
S 
# 
loop_
_atom_site.group_PDB 
_atom_site.id 
_atom_site.type_symbol 
_atom_site.label_atom_id 
_atom_site.label_alt_id 
_atom_site.label_comp_id 
_atom_site.label_asym_id 
_atom_site.label_entity_id 
_atom_site.label_seq_id 
_atom_site.pdbx_PDB_ins_code 
_atom_site.Cartn_x 
_atom_site.Cartn_y 
_atom_site.Cartn_z 
_atom_site.occupancy 
_atom_site.B_iso_or_equiv 
_atom_site.pdbx_formal_charge 
_atom_site.auth_seq_id 
_atom_site.auth_comp_id 
_atom_site.auth_asym_id 
_atom_site.auth_atom_id 
_atom_site.pdbx_PDB_model_num 
ATOM   1    N N   . SER A 1 24  ? 22.686  9.067   -1.890  1.00 24.09 ? 1315 SER A N   1 
ATOM   2    C CA  . SER A 1 24  ? 21.714  8.459   -2.859  1.00 23.90 ? 1315 SER A CA  1 
ATOM   3    C C   . SER A 1 24  ? 20.560  9.443   -3.091  1.00 20.43 ? 1315 SER A C   1 
ATOM   4    O O   . SER A 1 24  ? 19.467  9.212   -2.541  1.00 19.38 ? 1315 SER A O   1 
ATOM   5    C CB  . SER A 1 24  ? 21.227  7.125   -2.349  1.00 25.43 ? 1315 SER A CB  1 
ATOM   6    O OG  . SER A 1 24  ? 20.386  6.493   -3.307  1.00 29.68 ? 1315 SER A OG  1 
ATOM   7    N N   . TYR A 1 25  ? 20.787  10.508  -3.872  1.00 18.52 ? 1316 TYR A N   1 
ATOM   8    C CA  . TYR A 1 25  ? 19.921  11.718  -3.871  1.00 14.70 ? 1316 TYR A CA  1 
ATOM   9    C C   . TYR A 1 25  ? 19.038  11.777  -5.134  1.00 13.68 ? 1316 TYR A C   1 
ATOM   10   O O   . TYR A 1 25  ? 18.614  12.875  -5.527  1.00 13.83 ? 1316 TYR A O   1 
ATOM   11   C CB  . TYR A 1 25  ? 20.763  12.973  -3.679  1.00 15.29 ? 1316 TYR A CB  1 
ATOM   12   C CG  . TYR A 1 25  ? 21.656  12.954  -2.458  1.00 13.99 ? 1316 TYR A CG  1 
ATOM   13   C CD1 . TYR A 1 25  ? 21.144  12.803  -1.178  1.00 13.08 ? 1316 TYR A CD1 1 
ATOM   14   C CD2 . TYR A 1 25  ? 23.000  13.247  -2.579  1.00 13.87 ? 1316 TYR A CD2 1 
ATOM   15   C CE1 . TYR A 1 25  ? 21.964  12.825  -0.058  1.00 13.71 ? 1316 TYR A CE1 1 
ATOM   16   C CE2 . TYR A 1 25  ? 23.837  13.287  -1.472  1.00 14.71 ? 1316 TYR A CE2 1 
ATOM   17   C CZ  . TYR A 1 25  ? 23.310  13.090  -0.209  1.00 13.94 ? 1316 TYR A CZ  1 
ATOM   18   O OH  . TYR A 1 25  ? 24.116  13.140  0.912   1.00 15.32 ? 1316 TYR A OH  1 
ATOM   19   N N   . ASP A 1 26  ? 18.670  10.621  -5.688  1.00 13.57 ? 1317 ASP A N   1 
ATOM   20   C CA  . ASP A 1 26  ? 17.772  10.573  -6.880  1.00 12.77 ? 1317 ASP A CA  1 
ATOM   21   C C   . ASP A 1 26  ? 16.332  10.779  -6.407  1.00 12.67 ? 1317 ASP A C   1 
ATOM   22   O O   . ASP A 1 26  ? 15.740  9.886   -5.763  1.00 13.01 ? 1317 ASP A O   1 
ATOM   23   C CB  . ASP A 1 26  ? 17.969  9.240   -7.582  1.00 14.64 ? 1317 ASP A CB  1 
ATOM   24   C CG  . ASP A 1 26  ? 17.153  9.065   -8.861  1.00 13.51 ? 1317 ASP A CG  1 
ATOM   25   O OD1 . ASP A 1 26  ? 16.154  9.799   -9.061  1.00 14.43 ? 1317 ASP A OD1 1 
ATOM   26   O OD2 . ASP A 1 26  ? 17.529  8.192   -9.694  1.00 18.20 ? 1317 ASP A OD2 1 
ATOM   27   N N   . ILE A 1 27  ? 15.755  11.925  -6.755  1.00 12.04 ? 1318 ILE A N   1 
ATOM   28   C CA  . ILE A 1 27  ? 14.373  12.337  -6.368  1.00 12.47 ? 1318 ILE A CA  1 
ATOM   29   C C   . ILE A 1 27  ? 13.332  11.418  -7.027  1.00 12.44 ? 1318 ILE A C   1 
ATOM   30   O O   . ILE A 1 27  ? 12.226  11.322  -6.467  1.00 12.90 ? 1318 ILE A O   1 
ATOM   31   C CB  . ILE A 1 27  ? 14.134  13.811  -6.765  1.00 13.05 ? 1318 ILE A CB  1 
ATOM   32   C CG1 . ILE A 1 27  ? 15.089  14.764  -6.037  1.00 13.68 ? 1318 ILE A CG1 1 
ATOM   33   C CG2 . ILE A 1 27  ? 12.669  14.213  -6.574  1.00 14.26 ? 1318 ILE A CG2 1 
ATOM   34   C CD1 . ILE A 1 27  ? 15.216  16.119  -6.681  1.00 14.57 ? 1318 ILE A CD1 1 
ATOM   35   N N   . GLN A 1 28  ? 13.665  10.781  -8.155  1.00 11.78 ? 1319 GLN A N   1 
ATOM   36   C CA  . GLN A 1 28  ? 12.681  9.925   -8.894  1.00 11.99 ? 1319 GLN A CA  1 
ATOM   37   C C   . GLN A 1 28  ? 12.771  8.440   -8.567  1.00 12.26 ? 1319 GLN A C   1 
ATOM   38   O O   . GLN A 1 28  ? 11.881  7.666   -9.017  1.00 12.22 ? 1319 GLN A O   1 
ATOM   39   C CB  . GLN A 1 28  ? 12.827  10.114  -10.416 1.00 12.45 ? 1319 GLN A CB  1 
ATOM   40   C CG  . GLN A 1 28  ? 12.285  11.466  -10.932 1.00 13.29 ? 1319 GLN A CG  1 
ATOM   41   C CD  . GLN A 1 28  ? 13.298  12.606  -10.946 1.00 11.98 ? 1319 GLN A CD  1 
ATOM   42   O OE1 . GLN A 1 28  ? 14.407  12.458  -11.498 1.00 13.39 ? 1319 GLN A OE1 1 
ATOM   43   N NE2 . GLN A 1 28  ? 12.909  13.731  -10.446 1.00 12.91 ? 1319 GLN A NE2 1 
ATOM   44   N N   . ALA A 1 29  ? 13.779  7.979   -7.785  1.00 12.11 ? 1320 ALA A N   1 
ATOM   45   C CA  . ALA A 1 29  ? 14.074  6.538   -7.624  1.00 11.97 ? 1320 ALA A CA  1 
ATOM   46   C C   . ALA A 1 29  ? 12.908  5.788   -6.947  1.00 10.84 ? 1320 ALA A C   1 
ATOM   47   O O   . ALA A 1 29  ? 12.765  4.581   -7.160  1.00 11.67 ? 1320 ALA A O   1 
ATOM   48   C CB  . ALA A 1 29  ? 15.356  6.345   -6.861  1.00 13.13 ? 1320 ALA A CB  1 
ATOM   49   N N   . TRP A 1 30  ? 12.119  6.474   -6.118  1.00 11.09 ? 1321 TRP A N   1 
ATOM   50   C CA  . TRP A 1 30  ? 11.027  5.826   -5.365  1.00 11.43 ? 1321 TRP A CA  1 
ATOM   51   C C   . TRP A 1 30  ? 10.042  5.113   -6.292  1.00 12.07 ? 1321 TRP A C   1 
ATOM   52   O O   . TRP A 1 30  ? 9.452   4.107   -5.889  1.00 11.89 ? 1321 TRP A O   1 
ATOM   53   C CB  . TRP A 1 30  ? 10.267  6.859   -4.542  1.00 11.96 ? 1321 TRP A CB  1 
ATOM   54   C CG  . TRP A 1 30  ? 9.545   7.881   -5.381  1.00 11.52 ? 1321 TRP A CG  1 
ATOM   55   C CD1 . TRP A 1 30  ? 10.087  9.020   -5.880  1.00 11.86 ? 1321 TRP A CD1 1 
ATOM   56   C CD2 . TRP A 1 30  ? 8.175   7.839   -5.834  1.00 11.15 ? 1321 TRP A CD2 1 
ATOM   57   N NE1 . TRP A 1 30  ? 9.150   9.715   -6.626  1.00 12.44 ? 1321 TRP A NE1 1 
ATOM   58   C CE2 . TRP A 1 30  ? 7.986   9.006   -6.611  1.00 11.37 ? 1321 TRP A CE2 1 
ATOM   59   C CE3 . TRP A 1 30  ? 7.097   6.988   -5.655  1.00 12.23 ? 1321 TRP A CE3 1 
ATOM   60   C CZ2 . TRP A 1 30  ? 6.782   9.317   -7.248  1.00 13.11 ? 1321 TRP A CZ2 1 
ATOM   61   C CZ3 . TRP A 1 30  ? 5.900   7.283   -6.279  1.00 12.34 ? 1321 TRP A CZ3 1 
ATOM   62   C CH2 . TRP A 1 30  ? 5.757   8.422   -7.079  1.00 13.88 ? 1321 TRP A CH2 1 
ATOM   63   N N   . LYS A 1 31  ? 9.874   5.589   -7.549  1.00 12.18 ? 1322 LYS A N   1 
ATOM   64   C CA  . LYS A 1 31  ? 8.793   5.038   -8.384  1.00 12.26 ? 1322 LYS A CA  1 
ATOM   65   C C   . LYS A 1 31  ? 9.080   3.582   -8.740  1.00 11.96 ? 1322 LYS A C   1 
ATOM   66   O O   . LYS A 1 31  ? 8.238   2.703   -8.524  1.00 12.82 ? 1322 LYS A O   1 
ATOM   67   C CB  . LYS A 1 31  ? 8.506   5.986   -9.542  1.00 12.09 ? 1322 LYS A CB  1 
ATOM   68   C CG  . LYS A 1 31  ? 7.420   5.447   -10.484 1.00 12.91 ? 1322 LYS A CG  1 
ATOM   69   C CD  . LYS A 1 31  ? 7.030   6.463   -11.506 1.00 13.25 ? 1322 LYS A CD  1 
ATOM   70   C CE  . LYS A 1 31  ? 5.865   6.040   -12.370 1.00 14.36 ? 1322 LYS A CE  1 
ATOM   71   N NZ  . LYS A 1 31  ? 5.574   7.130   -13.351 1.00 13.90 ? 1322 LYS A NZ  1 
ATOM   72   N N   . LYS A 1 32  ? 10.269  3.310   -9.284  1.00 13.18 ? 1323 LYS A N   1 
ATOM   73   C CA  . LYS A 1 32  ? 10.639  1.910   -9.617  1.00 13.16 ? 1323 LYS A CA  1 
ATOM   74   C C   . LYS A 1 32  ? 10.773  1.078   -8.334  1.00 12.86 ? 1323 LYS A C   1 
ATOM   75   O O   . LYS A 1 32  ? 10.417  -0.103  -8.370  1.00 13.25 ? 1323 LYS A O   1 
ATOM   76   C CB  . LYS A 1 32  ? 11.924  1.846   -10.450 1.00 15.23 ? 1323 LYS A CB  1 
ATOM   77   C CG  . LYS A 1 32  ? 12.462  0.444   -10.715 1.00 18.89 ? 1323 LYS A CG  1 
ATOM   78   C CD  . LYS A 1 32  ? 12.941  0.204   -12.157 1.00 20.86 ? 1323 LYS A CD  1 
ATOM   79   C CE  . LYS A 1 32  ? 12.976  -1.259  -12.574 1.00 22.58 ? 1323 LYS A CE  1 
ATOM   80   N NZ  . LYS A 1 32  ? 13.701  -1.439  -13.857 1.00 23.72 ? 1323 LYS A NZ  1 
ATOM   81   N N   . GLN A 1 33  ? 11.224  1.674   -7.232  1.00 12.50 ? 1324 GLN A N   1 
ATOM   82   C CA  . GLN A 1 33  ? 11.297  0.919   -5.948  1.00 12.71 ? 1324 GLN A CA  1 
ATOM   83   C C   . GLN A 1 33  ? 9.882   0.471   -5.529  1.00 12.15 ? 1324 GLN A C   1 
ATOM   84   O O   . GLN A 1 33  ? 9.676   -0.681  -5.115  1.00 12.85 ? 1324 GLN A O   1 
ATOM   85   C CB  . GLN A 1 33  ? 11.936  1.748   -4.852  1.00 13.60 ? 1324 GLN A CB  1 
ATOM   86   C CG  . GLN A 1 33  ? 13.423  1.963   -5.087  1.00 13.19 ? 1324 GLN A CG  1 
ATOM   87   C CD  . GLN A 1 33  ? 13.998  3.109   -4.313  1.00 14.64 ? 1324 GLN A CD  1 
ATOM   88   O OE1 . GLN A 1 33  ? 13.338  3.829   -3.561  1.00 15.72 ? 1324 GLN A OE1 1 
ATOM   89   N NE2 . GLN A 1 33  ? 15.290  3.360   -4.534  1.00 16.65 ? 1324 GLN A NE2 1 
ATOM   90   N N   . CYS A 1 34  ? 8.880   1.340   -5.725  1.00 12.26 ? 1325 CYS A N   1 
ATOM   91   C CA  . CYS A 1 34  ? 7.482   1.008   -5.398  1.00 12.17 ? 1325 CYS A CA  1 
ATOM   92   C C   . CYS A 1 34  ? 6.937   -0.016  -6.397  1.00 12.08 ? 1325 CYS A C   1 
ATOM   93   O O   . CYS A 1 34  ? 6.192   -0.939  -5.983  1.00 11.80 ? 1325 CYS A O   1 
ATOM   94   C CB  . CYS A 1 34  ? 6.604   2.244   -5.353  1.00 11.93 ? 1325 CYS A CB  1 
ATOM   95   S SG  . CYS A 1 34  ? 6.889   3.270   -3.878  1.00 12.86 ? 1325 CYS A SG  1 
ATOM   96   N N   . GLU A 1 35  ? 7.280   0.071   -7.669  1.00 12.95 ? 1326 GLU A N   1 
ATOM   97   C CA  . GLU A 1 35  ? 6.844   -0.948  -8.649  1.00 13.76 ? 1326 GLU A CA  1 
ATOM   98   C C   . GLU A 1 35  ? 7.370   -2.329  -8.236  1.00 13.59 ? 1326 GLU A C   1 
ATOM   99   O O   . GLU A 1 35  ? 6.610   -3.316  -8.300  1.00 14.45 ? 1326 GLU A O   1 
ATOM   100  C CB  . GLU A 1 35  ? 7.413   -0.595  -10.040 1.00 15.47 ? 1326 GLU A CB  1 
ATOM   101  C CG  . GLU A 1 35  ? 6.784   0.572   -10.754 1.00 18.08 ? 1326 GLU A CG  1 
ATOM   102  C CD  . GLU A 1 35  ? 7.525   1.109   -11.978 1.00 21.17 ? 1326 GLU A CD  1 
ATOM   103  O OE1 . GLU A 1 35  ? 8.568   0.554   -12.362 1.00 24.88 ? 1326 GLU A OE1 1 
ATOM   104  O OE2 . GLU A 1 35  ? 7.069   2.127   -12.526 1.00 21.62 ? 1326 GLU A OE2 1 
ATOM   105  N N   . GLU A 1 36  ? 8.653   -2.389  -7.861  1.00 14.00 ? 1327 GLU A N   1 
ATOM   106  C CA  . GLU A 1 36  ? 9.358   -3.613  -7.394  1.00 15.46 ? 1327 GLU A CA  1 
ATOM   107  C C   . GLU A 1 36  ? 8.586   -4.190  -6.200  1.00 14.87 ? 1327 GLU A C   1 
ATOM   108  O O   . GLU A 1 36  ? 8.225   -5.402  -6.226  1.00 15.22 ? 1327 GLU A O   1 
ATOM   109  C CB  . GLU A 1 36  ? 10.831  -3.268  -7.102  1.00 17.21 ? 1327 GLU A CB  1 
ATOM   110  C CG  . GLU A 1 36  ? 11.580  -2.771  -8.338  1.00 20.27 ? 1327 GLU A CG  1 
ATOM   111  C CD  . GLU A 1 36  ? 12.933  -2.076  -8.196  1.00 22.76 ? 1327 GLU A CD  1 
ATOM   112  O OE1 . GLU A 1 36  ? 13.397  -1.819  -7.064  1.00 26.11 ? 1327 GLU A OE1 1 
ATOM   113  O OE2 . GLU A 1 36  ? 13.534  -1.781  -9.254  1.00 26.29 ? 1327 GLU A OE2 1 
ATOM   114  N N   . LEU A 1 37  ? 8.309   -3.347  -5.199  1.00 13.99 ? 1328 LEU A N   1 
ATOM   115  C CA  . LEU A 1 37  ? 7.640   -3.775  -3.951  1.00 13.03 ? 1328 LEU A CA  1 
ATOM   116  C C   . LEU A 1 37  ? 6.222   -4.267  -4.271  1.00 12.81 ? 1328 LEU A C   1 
ATOM   117  O O   . LEU A 1 37  ? 5.789   -5.335  -3.729  1.00 13.12 ? 1328 LEU A O   1 
ATOM   118  C CB  . LEU A 1 37  ? 7.663   -2.667  -2.922  1.00 13.71 ? 1328 LEU A CB  1 
ATOM   119  C CG  . LEU A 1 37  ? 6.954   -2.948  -1.605  1.00 12.79 ? 1328 LEU A CG  1 
ATOM   120  C CD1 . LEU A 1 37  ? 7.460   -4.250  -0.946  1.00 14.03 ? 1328 LEU A CD1 1 
ATOM   121  C CD2 . LEU A 1 37  ? 7.148   -1.787  -0.711  1.00 13.85 ? 1328 LEU A CD2 1 
ATOM   122  N N   . LEU A 1 38  ? 5.496   -3.617  -5.185  1.00 12.94 ? 1329 LEU A N   1 
ATOM   123  C CA  . LEU A 1 38  ? 4.154   -4.117  -5.549  1.00 12.76 ? 1329 LEU A CA  1 
ATOM   124  C C   . LEU A 1 38  ? 4.274   -5.480  -6.217  1.00 14.42 ? 1329 LEU A C   1 
ATOM   125  O O   . LEU A 1 38  ? 3.413   -6.357  -5.992  1.00 16.86 ? 1329 LEU A O   1 
ATOM   126  C CB  . LEU A 1 38  ? 3.451   -3.110  -6.466  1.00 14.20 ? 1329 LEU A CB  1 
ATOM   127  C CG  . LEU A 1 38  ? 3.005   -1.829  -5.780  1.00 13.86 ? 1329 LEU A CG  1 
ATOM   128  C CD1 . LEU A 1 38  ? 2.596   -0.803  -6.813  1.00 15.86 ? 1329 LEU A CD1 1 
ATOM   129  C CD2 . LEU A 1 38  ? 1.823   -2.064  -4.852  1.00 16.96 ? 1329 LEU A CD2 1 
ATOM   130  N N   . ASN A 1 39  ? 5.276   -5.677  -7.055  1.00 16.12 ? 1330 ASN A N   1 
ATOM   131  C CA  . ASN A 1 39  ? 5.524   -7.034  -7.633  1.00 18.68 ? 1330 ASN A CA  1 
ATOM   132  C C   . ASN A 1 39  ? 5.713   -8.067  -6.515  1.00 16.39 ? 1330 ASN A C   1 
ATOM   133  O O   . ASN A 1 39  ? 5.088   -9.193  -6.575  1.00 18.66 ? 1330 ASN A O   1 
ATOM   134  C CB  . ASN A 1 39  ? 6.718   -7.017  -8.601  1.00 20.64 ? 1330 ASN A CB  1 
ATOM   135  C CG  . ASN A 1 39  ? 6.433   -6.309  -9.913  1.00 24.88 ? 1330 ASN A CG  1 
ATOM   136  O OD1 . ASN A 1 39  ? 5.283   -6.071  -10.280 1.00 28.66 ? 1330 ASN A OD1 1 
ATOM   137  N ND2 . ASN A 1 39  ? 7.489   -5.940  -10.626 1.00 27.91 ? 1330 ASN A ND2 1 
ATOM   138  N N   . LEU A 1 40  ? 6.500   -7.789  -5.522  1.00 16.29 ? 1331 LEU A N   1 
ATOM   139  C CA  . LEU A 1 40  ? 6.692   -8.744  -4.394  1.00 17.21 ? 1331 LEU A CA  1 
ATOM   140  C C   . LEU A 1 40  ? 5.362   -8.983  -3.676  1.00 16.59 ? 1331 LEU A C   1 
ATOM   141  O O   . LEU A 1 40  ? 5.011   -10.182 -3.384  1.00 17.35 ? 1331 LEU A O   1 
ATOM   142  C CB  . LEU A 1 40  ? 7.733   -8.208  -3.436  1.00 16.99 ? 1331 LEU A CB  1 
ATOM   143  C CG  . LEU A 1 40  ? 9.181   -8.196  -3.929  1.00 17.47 ? 1331 LEU A CG  1 
ATOM   144  C CD1 . LEU A 1 40  ? 10.089  -7.569  -2.907  1.00 20.97 ? 1331 LEU A CD1 1 
ATOM   145  C CD2 . LEU A 1 40  ? 9.690   -9.601  -4.312  1.00 21.68 ? 1331 LEU A CD2 1 
ATOM   146  N N   . ILE A 1 41  ? 4.540   -7.961  -3.466  1.00 14.44 ? 1332 ILE A N   1 
ATOM   147  C CA  . ILE A 1 41  ? 3.244   -8.092  -2.764  1.00 14.16 ? 1332 ILE A CA  1 
ATOM   148  C C   . ILE A 1 41  ? 2.297   -8.969  -3.581  1.00 15.31 ? 1332 ILE A C   1 
ATOM   149  O O   . ILE A 1 41  ? 1.675   -9.900  -3.027  1.00 15.50 ? 1332 ILE A O   1 
ATOM   150  C CB  . ILE A 1 41  ? 2.670   -6.685  -2.486  1.00 14.25 ? 1332 ILE A CB  1 
ATOM   151  C CG1 . ILE A 1 41  ? 3.491   -6.030  -1.377  1.00 14.28 ? 1332 ILE A CG1 1 
ATOM   152  C CG2 . ILE A 1 41  ? 1.182   -6.767  -2.183  1.00 13.01 ? 1332 ILE A CG2 1 
ATOM   153  C CD1 . ILE A 1 41  ? 3.212   -4.580  -1.168  1.00 16.48 ? 1332 ILE A CD1 1 
ATOM   154  N N   . PHE A 1 42  ? 2.283   -8.785  -4.893  1.00 17.31 ? 1333 PHE A N   1 
ATOM   155  C CA  . PHE A 1 42  ? 1.496   -9.684  -5.788  1.00 19.96 ? 1333 PHE A CA  1 
ATOM   156  C C   . PHE A 1 42  ? 1.959   -11.170 -5.718  1.00 21.04 ? 1333 PHE A C   1 
ATOM   157  O O   . PHE A 1 42  ? 1.071   -12.058 -5.867  1.00 25.07 ? 1333 PHE A O   1 
ATOM   158  C CB  . PHE A 1 42  ? 1.418   -9.076  -7.193  1.00 18.81 ? 1333 PHE A CB  1 
ATOM   159  C CG  . PHE A 1 42  ? 0.309   -8.052  -7.361  1.00 18.82 ? 1333 PHE A CG  1 
ATOM   160  C CD1 . PHE A 1 42  ? -0.930  -8.431  -7.870  1.00 20.29 ? 1333 PHE A CD1 1 
ATOM   161  C CD2 . PHE A 1 42  ? 0.494   -6.706  -7.084  1.00 21.27 ? 1333 PHE A CD2 1 
ATOM   162  C CE1 . PHE A 1 42  ? -1.971  -7.521  -8.031  1.00 23.37 ? 1333 PHE A CE1 1 
ATOM   163  C CE2 . PHE A 1 42  ? -0.540  -5.794  -7.270  1.00 20.81 ? 1333 PHE A CE2 1 
ATOM   164  C CZ  . PHE A 1 42  ? -1.774  -6.207  -7.719  1.00 20.20 ? 1333 PHE A CZ  1 
ATOM   165  N N   . GLN A 1 43  ? 3.245   -11.456 -5.487  1.00 21.25 ? 1334 GLN A N   1 
ATOM   166  C CA  . GLN A 1 43  ? 3.735   -12.864 -5.357  1.00 22.18 ? 1334 GLN A CA  1 
ATOM   167  C C   . GLN A 1 43  ? 3.258   -13.467 -4.029  1.00 22.29 ? 1334 GLN A C   1 
ATOM   168  O O   . GLN A 1 43  ? 3.036   -14.691 -3.992  1.00 21.51 ? 1334 GLN A O   1 
ATOM   169  C CB  . GLN A 1 43  ? 5.258   -12.915 -5.483  1.00 23.07 ? 1334 GLN A CB  1 
ATOM   170  C CG  . GLN A 1 43  ? 5.761   -12.410 -6.828  1.00 24.70 ? 1334 GLN A CG  1 
ATOM   171  N N   A CYS A 1 44  ? 3.120   -12.657 -2.975  0.30 19.58 ? 1335 CYS A N   1 
ATOM   172  N N   B CYS A 1 44  ? 3.130   -12.655 -2.990  0.30 20.48 ? 1335 CYS A N   1 
ATOM   173  C CA  A CYS A 1 44  ? 2.691   -13.091 -1.623  0.30 18.07 ? 1335 CYS A CA  1 
ATOM   174  C CA  B CYS A 1 44  ? 2.696   -13.082 -1.638  0.30 19.04 ? 1335 CYS A CA  1 
ATOM   175  C C   A CYS A 1 44  ? 1.290   -13.709 -1.708  0.30 17.51 ? 1335 CYS A C   1 
ATOM   176  C C   B CYS A 1 44  ? 1.297   -13.715 -1.731  0.30 18.02 ? 1335 CYS A C   1 
ATOM   177  O O   A CYS A 1 44  ? 0.355   -13.033 -2.178  0.30 16.63 ? 1335 CYS A O   1 
ATOM   178  O O   B CYS A 1 44  ? 0.363   -13.055 -2.230  0.30 17.09 ? 1335 CYS A O   1 
ATOM   179  C CB  A CYS A 1 44  ? 2.695   -11.926 -0.635  0.30 17.23 ? 1335 CYS A CB  1 
ATOM   180  C CB  B CYS A 1 44  ? 2.671   -11.917 -0.649  0.30 18.63 ? 1335 CYS A CB  1 
ATOM   181  S SG  A CYS A 1 44  ? 4.382   -11.382 -0.275  0.30 18.01 ? 1335 CYS A SG  1 
ATOM   182  S SG  B CYS A 1 44  ? 2.908   -12.461 1.063   0.30 21.33 ? 1335 CYS A SG  1 
ATOM   183  N N   . GLU A 1 45  ? 1.120   -14.953 -1.257  1.00 17.46 ? 1336 GLU A N   1 
ATOM   184  C CA  . GLU A 1 45  ? -0.250  -15.521 -1.169  1.00 16.00 ? 1336 GLU A CA  1 
ATOM   185  C C   . GLU A 1 45  ? -1.153  -14.673 -0.247  1.00 14.76 ? 1336 GLU A C   1 
ATOM   186  O O   . GLU A 1 45  ? -2.354  -14.584 -0.485  1.00 15.53 ? 1336 GLU A O   1 
ATOM   187  C CB  . GLU A 1 45  ? -0.159  -16.937 -0.606  1.00 16.46 ? 1336 GLU A CB  1 
ATOM   188  C CG  . GLU A 1 45  ? 0.504   -17.908 -1.588  1.00 19.87 ? 1336 GLU A CG  1 
ATOM   189  C CD  . GLU A 1 45  ? 0.577   -19.360 -1.161  1.00 23.10 ? 1336 GLU A CD  1 
ATOM   190  O OE1 . GLU A 1 45  ? 0.166   -19.666 -0.039  1.00 23.93 ? 1336 GLU A OE1 1 
ATOM   191  O OE2 . GLU A 1 45  ? 1.046   -20.184 -1.991  1.00 23.90 ? 1336 GLU A OE2 1 
ATOM   192  N N   . ASP A 1 46  ? -0.551  -13.988 0.728   1.00 14.07 ? 1337 ASP A N   1 
ATOM   193  C CA  . ASP A 1 46  ? -1.325  -13.124 1.665   1.00 14.30 ? 1337 ASP A CA  1 
ATOM   194  C C   . ASP A 1 46  ? -1.971  -11.916 0.932   1.00 13.28 ? 1337 ASP A C   1 
ATOM   195  O O   . ASP A 1 46  ? -2.884  -11.310 1.533   1.00 14.39 ? 1337 ASP A O   1 
ATOM   196  C CB  . ASP A 1 46  ? -0.466  -12.630 2.826   1.00 14.78 ? 1337 ASP A CB  1 
ATOM   197  C CG  . ASP A 1 46  ? -0.144  -13.705 3.866   1.00 16.27 ? 1337 ASP A CG  1 
ATOM   198  O OD1 . ASP A 1 46  ? -0.933  -14.711 3.913   1.00 18.28 ? 1337 ASP A OD1 1 
ATOM   199  O OD2 . ASP A 1 46  ? 0.752   -13.516 4.681   1.00 16.13 ? 1337 ASP A OD2 1 
ATOM   200  N N   . SER A 1 47  ? -1.556  -11.555 -0.271  1.00 12.33 ? 1338 SER A N   1 
ATOM   201  C CA  . SER A 1 47  ? -2.219  -10.414 -0.942  1.00 13.24 ? 1338 SER A CA  1 
ATOM   202  C C   . SER A 1 47  ? -3.512  -10.790 -1.655  1.00 13.56 ? 1338 SER A C   1 
ATOM   203  O O   . SER A 1 47  ? -4.202  -9.909  -2.147  1.00 13.82 ? 1338 SER A O   1 
ATOM   204  C CB  . SER A 1 47  ? -1.301  -9.732  -1.895  1.00 13.09 ? 1338 SER A CB  1 
ATOM   205  O OG  . SER A 1 47  ? -0.972  -10.534 -3.059  1.00 14.90 ? 1338 SER A OG  1 
ATOM   206  N N   . GLU A 1 48  ? -3.813  -12.090 -1.791  1.00 13.82 ? 1339 GLU A N   1 
ATOM   207  C CA  . GLU A 1 48  ? -4.924  -12.521 -2.660  1.00 16.08 ? 1339 GLU A CA  1 
ATOM   208  C C   . GLU A 1 48  ? -6.226  -11.758 -2.396  1.00 13.86 ? 1339 GLU A C   1 
ATOM   209  O O   . GLU A 1 48  ? -6.891  -11.288 -3.357  1.00 15.13 ? 1339 GLU A O   1 
ATOM   210  C CB  . GLU A 1 48  ? -5.089  -14.046 -2.584  1.00 21.17 ? 1339 GLU A CB  1 
ATOM   211  C CG  . GLU A 1 48  ? -5.804  -14.556 -3.815  1.00 26.97 ? 1339 GLU A CG  1 
ATOM   212  C CD  . GLU A 1 48  ? -7.277  -14.253 -3.843  1.00 31.10 ? 1339 GLU A CD  1 
ATOM   213  O OE1 . GLU A 1 48  ? -7.844  -14.155 -2.752  1.00 34.98 ? 1339 GLU A OE1 1 
ATOM   214  O OE2 . GLU A 1 48  ? -7.849  -14.107 -4.964  1.00 41.60 ? 1339 GLU A OE2 1 
ATOM   215  N N   . PRO A 1 49  ? -6.690  -11.586 -1.138  1.00 13.25 ? 1340 PRO A N   1 
ATOM   216  C CA  . PRO A 1 49  ? -7.953  -10.867 -0.933  1.00 12.78 ? 1340 PRO A CA  1 
ATOM   217  C C   . PRO A 1 49  ? -7.946  -9.377  -1.317  1.00 12.32 ? 1340 PRO A C   1 
ATOM   218  O O   . PRO A 1 49  ? -9.011  -8.766  -1.435  1.00 12.70 ? 1340 PRO A O   1 
ATOM   219  C CB  . PRO A 1 49  ? -8.205  -10.969 0.578   1.00 13.53 ? 1340 PRO A CB  1 
ATOM   220  C CG  . PRO A 1 49  ? -7.389  -12.170 1.012   1.00 13.90 ? 1340 PRO A CG  1 
ATOM   221  C CD  . PRO A 1 49  ? -6.157  -12.130 0.124   1.00 13.57 ? 1340 PRO A CD  1 
ATOM   222  N N   . PHE A 1 50  ? -6.754  -8.825  -1.504  1.00 12.07 ? 1341 PHE A N   1 
ATOM   223  C CA  . PHE A 1 50  ? -6.522  -7.365  -1.644  1.00 12.32 ? 1341 PHE A CA  1 
ATOM   224  C C   . PHE A 1 50  ? -6.067  -6.973  -3.048  1.00 13.17 ? 1341 PHE A C   1 
ATOM   225  O O   . PHE A 1 50  ? -5.732  -5.820  -3.264  1.00 13.57 ? 1341 PHE A O   1 
ATOM   226  C CB  . PHE A 1 50  ? -5.504  -6.939  -0.583  1.00 11.57 ? 1341 PHE A CB  1 
ATOM   227  C CG  . PHE A 1 50  ? -5.826  -7.448  0.803   1.00 11.16 ? 1341 PHE A CG  1 
ATOM   228  C CD1 . PHE A 1 50  ? -6.958  -7.024  1.472   1.00 13.18 ? 1341 PHE A CD1 1 
ATOM   229  C CD2 . PHE A 1 50  ? -5.041  -8.429  1.408   1.00 11.94 ? 1341 PHE A CD2 1 
ATOM   230  C CE1 . PHE A 1 50  ? -7.288  -7.548  2.705   1.00 14.15 ? 1341 PHE A CE1 1 
ATOM   231  C CE2 . PHE A 1 50  ? -5.386  -8.946  2.637   1.00 13.86 ? 1341 PHE A CE2 1 
ATOM   232  C CZ  . PHE A 1 50  ? -6.513  -8.522  3.266   1.00 14.37 ? 1341 PHE A CZ  1 
ATOM   233  N N   . ARG A 1 51  ? -6.067  -7.907  -4.002  1.00 14.22 ? 1342 ARG A N   1 
ATOM   234  C CA  . ARG A 1 51  ? -5.455  -7.717  -5.346  1.00 14.98 ? 1342 ARG A CA  1 
ATOM   235  C C   . ARG A 1 51  ? -6.425  -7.010  -6.295  1.00 15.82 ? 1342 ARG A C   1 
ATOM   236  O O   . ARG A 1 51  ? -5.974  -6.620  -7.410  1.00 16.88 ? 1342 ARG A O   1 
ATOM   237  C CB  . ARG A 1 51  ? -5.053  -9.048  -5.990  1.00 16.42 ? 1342 ARG A CB  1 
ATOM   238  C CG  . ARG A 1 51  ? -3.778  -9.647  -5.419  1.00 16.93 ? 1342 ARG A CG  1 
ATOM   239  C CD  . ARG A 1 51  ? -3.512  -11.030 -5.994  1.00 18.82 ? 1342 ARG A CD  1 
ATOM   240  N NE  . ARG A 1 51  ? -2.598  -11.816 -5.181  1.00 19.45 ? 1342 ARG A NE  1 
ATOM   241  C CZ  . ARG A 1 51  ? -2.571  -13.149 -5.106  1.00 20.65 ? 1342 ARG A CZ  1 
ATOM   242  N NH1 . ARG A 1 51  ? -3.419  -13.887 -5.809  1.00 22.63 ? 1342 ARG A NH1 1 
ATOM   243  N NH2 . ARG A 1 51  ? -1.699  -13.735 -4.312  1.00 21.07 ? 1342 ARG A NH2 1 
ATOM   244  N N   . GLN A 1 52  ? -7.702  -6.915  -5.925  1.00 16.09 ? 1343 GLN A N   1 
ATOM   245  C CA  . GLN A 1 52  ? -8.772  -6.351  -6.772  1.00 18.01 ? 1343 GLN A CA  1 
ATOM   246  C C   . GLN A 1 52  ? -9.813  -5.711  -5.857  1.00 17.46 ? 1343 GLN A C   1 
ATOM   247  O O   . GLN A 1 52  ? -9.885  -6.067  -4.681  1.00 17.46 ? 1343 GLN A O   1 
ATOM   248  C CB  . GLN A 1 52  ? -9.399  -7.445  -7.653  1.00 20.58 ? 1343 GLN A CB  1 
ATOM   249  C CG  . GLN A 1 52  ? -8.411  -8.389  -8.340  1.00 25.01 ? 1343 GLN A CG  1 
ATOM   250  C CD  . GLN A 1 52  ? -7.809  -7.841  -9.615  1.00 28.17 ? 1343 GLN A CD  1 
ATOM   251  O OE1 . GLN A 1 52  ? -8.499  -7.243  -10.440 1.00 32.90 ? 1343 GLN A OE1 1 
ATOM   252  N NE2 . GLN A 1 52  ? -6.518  -8.078  -9.808  1.00 30.49 ? 1343 GLN A NE2 1 
ATOM   253  N N   . PRO A 1 53  ? -10.605 -4.726  -6.345  1.00 19.64 ? 1344 PRO A N   1 
ATOM   254  C CA  . PRO A 1 53  ? -11.601 -4.067  -5.506  1.00 19.72 ? 1344 PRO A CA  1 
ATOM   255  C C   . PRO A 1 53  ? -12.574 -5.114  -4.941  1.00 20.50 ? 1344 PRO A C   1 
ATOM   256  O O   . PRO A 1 53  ? -12.899 -6.078  -5.649  1.00 21.40 ? 1344 PRO A O   1 
ATOM   257  C CB  . PRO A 1 53  ? -12.314 -3.064  -6.429  1.00 19.94 ? 1344 PRO A CB  1 
ATOM   258  C CG  . PRO A 1 53  ? -11.364 -2.885  -7.594  1.00 20.15 ? 1344 PRO A CG  1 
ATOM   259  C CD  . PRO A 1 53  ? -10.581 -4.177  -7.710  1.00 19.82 ? 1344 PRO A CD  1 
ATOM   260  N N   . VAL A 1 54  ? -12.974 -4.946  -3.679  1.00 20.88 ? 1345 VAL A N   1 
ATOM   261  C CA  . VAL A 1 54  ? -13.956 -5.839  -2.998  1.00 21.31 ? 1345 VAL A CA  1 
ATOM   262  C C   . VAL A 1 54  ? -15.207 -5.925  -3.875  1.00 22.49 ? 1345 VAL A C   1 
ATOM   263  O O   . VAL A 1 54  ? -15.599 -4.902  -4.467  1.00 21.93 ? 1345 VAL A O   1 
ATOM   264  C CB  . VAL A 1 54  ? -14.284 -5.363  -1.569  1.00 21.02 ? 1345 VAL A CB  1 
ATOM   265  C CG1 . VAL A 1 54  ? -15.491 -6.091  -0.997  1.00 20.81 ? 1345 VAL A CG1 1 
ATOM   266  C CG2 . VAL A 1 54  ? -13.090 -5.523  -0.646  1.00 22.19 ? 1345 VAL A CG2 1 
ATOM   267  N N   . ASP A 1 55  ? -15.790 -7.123  -3.956  1.00 24.37 ? 1346 ASP A N   1 
ATOM   268  C CA  . ASP A 1 55  ? -17.046 -7.414  -4.694  1.00 26.35 ? 1346 ASP A CA  1 
ATOM   269  C C   . ASP A 1 55  ? -18.227 -7.285  -3.725  1.00 27.81 ? 1346 ASP A C   1 
ATOM   270  O O   . ASP A 1 55  ? -18.270 -8.022  -2.719  1.00 26.98 ? 1346 ASP A O   1 
ATOM   271  C CB  . ASP A 1 55  ? -17.011 -8.812  -5.318  1.00 28.75 ? 1346 ASP A CB  1 
ATOM   272  C CG  . ASP A 1 55  ? -18.082 -9.063  -6.368  1.00 29.68 ? 1346 ASP A CG  1 
ATOM   273  O OD1 . ASP A 1 55  ? -17.885 -9.974  -7.194  1.00 33.87 ? 1346 ASP A OD1 1 
ATOM   274  O OD2 . ASP A 1 55  ? -19.100 -8.348  -6.359  1.00 30.54 ? 1346 ASP A OD2 1 
ATOM   275  N N   . LEU A 1 56  ? -19.182 -6.420  -4.048  1.00 30.20 ? 1347 LEU A N   1 
ATOM   276  C CA  . LEU A 1 56  ? -20.347 -6.135  -3.174  1.00 31.03 ? 1347 LEU A CA  1 
ATOM   277  C C   . LEU A 1 56  ? -21.347 -7.300  -3.228  1.00 30.78 ? 1347 LEU A C   1 
ATOM   278  O O   . LEU A 1 56  ? -22.101 -7.463  -2.256  1.00 29.93 ? 1347 LEU A O   1 
ATOM   279  C CB  . LEU A 1 56  ? -20.967 -4.800  -3.596  1.00 31.86 ? 1347 LEU A CB  1 
ATOM   280  C CG  . LEU A 1 56  ? -20.009 -3.603  -3.582  1.00 32.86 ? 1347 LEU A CG  1 
ATOM   281  C CD1 . LEU A 1 56  ? -20.734 -2.322  -3.953  1.00 34.42 ? 1347 LEU A CD1 1 
ATOM   282  C CD2 . LEU A 1 56  ? -19.319 -3.441  -2.230  1.00 34.16 ? 1347 LEU A CD2 1 
ATOM   283  N N   . LEU A 1 57  ? -21.328 -8.120  -4.285  1.00 33.56 ? 1348 LEU A N   1 
ATOM   284  C CA  . LEU A 1 57  ? -22.291 -9.243  -4.438  1.00 35.37 ? 1348 LEU A CA  1 
ATOM   285  C C   . LEU A 1 57  ? -22.111 -10.233 -3.282  1.00 34.89 ? 1348 LEU A C   1 
ATOM   286  O O   . LEU A 1 57  ? -23.123 -10.817 -2.838  1.00 36.02 ? 1348 LEU A O   1 
ATOM   287  C CB  . LEU A 1 57  ? -22.082 -9.927  -5.794  1.00 38.72 ? 1348 LEU A CB  1 
ATOM   288  C CG  . LEU A 1 57  ? -22.353 -9.067  -7.030  1.00 42.96 ? 1348 LEU A CG  1 
ATOM   289  C CD1 . LEU A 1 57  ? -22.304 -9.918  -8.290  1.00 45.07 ? 1348 LEU A CD1 1 
ATOM   290  C CD2 . LEU A 1 57  ? -23.688 -8.346  -6.929  1.00 44.23 ? 1348 LEU A CD2 1 
ATOM   291  N N   . GLU A 1 58  ? -20.870 -10.411 -2.814  1.00 32.23 ? 1349 GLU A N   1 
ATOM   292  C CA  . GLU A 1 58  ? -20.512 -11.313 -1.686  1.00 32.38 ? 1349 GLU A CA  1 
ATOM   293  C C   . GLU A 1 58  ? -20.610 -10.539 -0.364  1.00 30.09 ? 1349 GLU A C   1 
ATOM   294  O O   . GLU A 1 58  ? -20.925 -11.169 0.674   1.00 28.89 ? 1349 GLU A O   1 
ATOM   295  C CB  . GLU A 1 58  ? -19.100 -11.870 -1.901  1.00 34.10 ? 1349 GLU A CB  1 
ATOM   296  C CG  . GLU A 1 58  ? -18.884 -12.495 -3.274  1.00 37.04 ? 1349 GLU A CG  1 
ATOM   297  C CD  . GLU A 1 58  ? -17.624 -12.047 -3.999  1.00 38.83 ? 1349 GLU A CD  1 
ATOM   298  O OE1 . GLU A 1 58  ? -16.581 -11.872 -3.332  1.00 44.84 ? 1349 GLU A OE1 1 
ATOM   299  O OE2 . GLU A 1 58  ? -17.684 -11.871 -5.235  1.00 41.11 ? 1349 GLU A OE2 1 
ATOM   300  N N   . TYR A 1 59  ? -20.336 -9.226  -0.403  1.00 28.84 ? 1350 TYR A N   1 
ATOM   301  C CA  . TYR A 1 59  ? -20.305 -8.311  0.771   1.00 27.85 ? 1350 TYR A CA  1 
ATOM   302  C C   . TYR A 1 59  ? -21.177 -7.084  0.476   1.00 26.13 ? 1350 TYR A C   1 
ATOM   303  O O   . TYR A 1 59  ? -20.670 -5.979  0.297   1.00 25.65 ? 1350 TYR A O   1 
ATOM   304  C CB  . TYR A 1 59  ? -18.838 -7.995  1.104   1.00 28.20 ? 1350 TYR A CB  1 
ATOM   305  C CG  . TYR A 1 59  ? -17.979 -9.210  1.383   1.00 28.75 ? 1350 TYR A CG  1 
ATOM   306  C CD1 . TYR A 1 59  ? -17.945 -9.789  2.644   1.00 30.06 ? 1350 TYR A CD1 1 
ATOM   307  C CD2 . TYR A 1 59  ? -17.196 -9.789  0.395   1.00 31.24 ? 1350 TYR A CD2 1 
ATOM   308  C CE1 . TYR A 1 59  ? -17.167 -10.905 2.916   1.00 30.85 ? 1350 TYR A CE1 1 
ATOM   309  C CE2 . TYR A 1 59  ? -16.420 -10.914 0.646   1.00 31.37 ? 1350 TYR A CE2 1 
ATOM   310  C CZ  . TYR A 1 59  ? -16.398 -11.470 1.915   1.00 32.44 ? 1350 TYR A CZ  1 
ATOM   311  O OH  . TYR A 1 59  ? -15.630 -12.565 2.207   1.00 34.34 ? 1350 TYR A OH  1 
ATOM   312  N N   . PRO A 1 60  ? -22.528 -7.238  0.413   1.00 26.17 ? 1351 PRO A N   1 
ATOM   313  C CA  . PRO A 1 60  ? -23.429 -6.137  0.050   1.00 23.75 ? 1351 PRO A CA  1 
ATOM   314  C C   . PRO A 1 60  ? -23.515 -5.004  1.093   1.00 22.44 ? 1351 PRO A C   1 
ATOM   315  O O   . PRO A 1 60  ? -23.962 -3.921  0.738   1.00 22.87 ? 1351 PRO A O   1 
ATOM   316  C CB  . PRO A 1 60  ? -24.825 -6.775  -0.133  1.00 25.63 ? 1351 PRO A CB  1 
ATOM   317  C CG  . PRO A 1 60  ? -24.675 -8.240  0.255   1.00 26.44 ? 1351 PRO A CG  1 
ATOM   318  C CD  . PRO A 1 60  ? -23.249 -8.485  0.698   1.00 27.44 ? 1351 PRO A CD  1 
ATOM   319  N N   . ASP A 1 61  ? -23.065 -5.259  2.326   1.00 21.89 ? 1352 ASP A N   1 
ATOM   320  C CA  . ASP A 1 61  ? -22.984 -4.236  3.409   1.00 20.62 ? 1352 ASP A CA  1 
ATOM   321  C C   . ASP A 1 61  ? -21.659 -3.453  3.316   1.00 18.89 ? 1352 ASP A C   1 
ATOM   322  O O   . ASP A 1 61  ? -21.509 -2.438  4.031   1.00 15.94 ? 1352 ASP A O   1 
ATOM   323  C CB  . ASP A 1 61  ? -23.191 -4.862  4.793   1.00 21.95 ? 1352 ASP A CB  1 
ATOM   324  C CG  . ASP A 1 61  ? -22.117 -5.836  5.225   1.00 22.04 ? 1352 ASP A CG  1 
ATOM   325  O OD1 . ASP A 1 61  ? -21.474 -6.439  4.325   1.00 25.10 ? 1352 ASP A OD1 1 
ATOM   326  O OD2 . ASP A 1 61  ? -21.932 -5.991  6.455   1.00 25.50 ? 1352 ASP A OD2 1 
ATOM   327  N N   . TYR A 1 62  ? -20.722 -3.849  2.444   1.00 17.75 ? 1353 TYR A N   1 
ATOM   328  C CA  . TYR A 1 62  ? -19.327 -3.302  2.523   1.00 16.09 ? 1353 TYR A CA  1 
ATOM   329  C C   . TYR A 1 62  ? -19.320 -1.764  2.542   1.00 17.05 ? 1353 TYR A C   1 
ATOM   330  O O   . TYR A 1 62  ? -18.585 -1.177  3.394   1.00 16.17 ? 1353 TYR A O   1 
ATOM   331  C CB  . TYR A 1 62  ? -18.478 -3.893  1.402   1.00 16.72 ? 1353 TYR A CB  1 
ATOM   332  C CG  . TYR A 1 62  ? -16.996 -3.620  1.540   1.00 16.48 ? 1353 TYR A CG  1 
ATOM   333  C CD1 . TYR A 1 62  ? -16.270 -4.279  2.499   1.00 16.59 ? 1353 TYR A CD1 1 
ATOM   334  C CD2 . TYR A 1 62  ? -16.348 -2.646  0.774   1.00 15.90 ? 1353 TYR A CD2 1 
ATOM   335  C CE1 . TYR A 1 62  ? -14.905 -4.070  2.651   1.00 15.32 ? 1353 TYR A CE1 1 
ATOM   336  C CE2 . TYR A 1 62  ? -14.968 -2.447  0.896   1.00 15.57 ? 1353 TYR A CE2 1 
ATOM   337  C CZ  . TYR A 1 62  ? -14.274 -3.112  1.889   1.00 14.38 ? 1353 TYR A CZ  1 
ATOM   338  O OH  . TYR A 1 62  ? -12.930 -2.841  2.087   1.00 14.79 ? 1353 TYR A OH  1 
ATOM   339  N N   . ARG A 1 63  ? -20.052 -1.094  1.652   1.00 15.93 ? 1354 ARG A N   1 
ATOM   340  C CA  . ARG A 1 63  ? -20.022 0.375   1.559   1.00 18.30 ? 1354 ARG A CA  1 
ATOM   341  C C   . ARG A 1 63  ? -20.827 1.049   2.670   1.00 17.22 ? 1354 ARG A C   1 
ATOM   342  O O   . ARG A 1 63  ? -20.684 2.254   2.821   1.00 20.06 ? 1354 ARG A O   1 
ATOM   343  C CB  . ARG A 1 63  ? -20.526 0.881   0.210   1.00 20.67 ? 1354 ARG A CB  1 
ATOM   344  C CG  . ARG A 1 63  ? -19.652 0.418   -0.945  1.00 24.12 ? 1354 ARG A CG  1 
ATOM   345  C CD  . ARG A 1 63  ? -18.220 0.934   -0.847  1.00 27.92 ? 1354 ARG A CD  1 
ATOM   346  N NE  . ARG A 1 63  ? -18.189 2.386   -0.729  1.00 32.63 ? 1354 ARG A NE  1 
ATOM   347  C CZ  . ARG A 1 63  ? -18.210 3.249   -1.754  1.00 36.30 ? 1354 ARG A CZ  1 
ATOM   348  N NH1 . ARG A 1 63  ? -18.230 2.825   -3.009  1.00 38.28 ? 1354 ARG A NH1 1 
ATOM   349  N NH2 . ARG A 1 63  ? -18.190 4.547   -1.518  1.00 41.38 ? 1354 ARG A NH2 1 
ATOM   350  N N   . ASP A 1 64  ? -21.555 0.297   3.495   1.00 18.32 ? 1355 ASP A N   1 
ATOM   351  C CA  . ASP A 1 64  ? -22.160 0.871   4.739   1.00 18.81 ? 1355 ASP A CA  1 
ATOM   352  C C   . ASP A 1 64  ? -21.097 1.081   5.825   1.00 19.32 ? 1355 ASP A C   1 
ATOM   353  O O   . ASP A 1 64  ? -21.298 1.905   6.743   1.00 23.93 ? 1355 ASP A O   1 
ATOM   354  C CB  . ASP A 1 64  ? -23.232 -0.065  5.307   1.00 18.63 ? 1355 ASP A CB  1 
ATOM   355  C CG  . ASP A 1 64  ? -24.348 -0.401  4.330   1.00 22.32 ? 1355 ASP A CG  1 
ATOM   356  O OD1 . ASP A 1 64  ? -24.570 0.362   3.364   1.00 24.99 ? 1355 ASP A OD1 1 
ATOM   357  O OD2 . ASP A 1 64  ? -24.959 -1.445  4.515   1.00 26.20 ? 1355 ASP A OD2 1 
ATOM   358  N N   . ILE A 1 65  ? -20.000 0.321   5.742   1.00 17.45 ? 1356 ILE A N   1 
ATOM   359  C CA  . ILE A 1 65  ? -18.865 0.318   6.715   1.00 16.89 ? 1356 ILE A CA  1 
ATOM   360  C C   . ILE A 1 65  ? -17.690 1.131   6.146   1.00 16.28 ? 1356 ILE A C   1 
ATOM   361  O O   . ILE A 1 65  ? -17.162 2.014   6.859   1.00 17.91 ? 1356 ILE A O   1 
ATOM   362  C CB  . ILE A 1 65  ? -18.462 -1.132  7.046   1.00 16.95 ? 1356 ILE A CB  1 
ATOM   363  C CG1 . ILE A 1 65  ? -19.675 -2.015  7.372   1.00 16.51 ? 1356 ILE A CG1 1 
ATOM   364  C CG2 . ILE A 1 65  ? -17.428 -1.176  8.160   1.00 16.98 ? 1356 ILE A CG2 1 
ATOM   365  C CD1 . ILE A 1 65  ? -20.486 -1.560  8.580   1.00 17.86 ? 1356 ILE A CD1 1 
ATOM   366  N N   . ILE A 1 66  ? -17.358 0.918   4.876   1.00 15.60 ? 1357 ILE A N   1 
ATOM   367  C CA  . ILE A 1 66  ? -16.108 1.435   4.243   1.00 16.79 ? 1357 ILE A CA  1 
ATOM   368  C C   . ILE A 1 66  ? -16.451 2.581   3.308   1.00 16.79 ? 1357 ILE A C   1 
ATOM   369  O O   . ILE A 1 66  ? -17.118 2.362   2.291   1.00 18.98 ? 1357 ILE A O   1 
ATOM   370  C CB  . ILE A 1 66  ? -15.396 0.268   3.525   1.00 14.80 ? 1357 ILE A CB  1 
ATOM   371  C CG1 . ILE A 1 66  ? -15.031 -0.852  4.518   1.00 16.44 ? 1357 ILE A CG1 1 
ATOM   372  C CG2 . ILE A 1 66  ? -14.200 0.796   2.745   1.00 16.79 ? 1357 ILE A CG2 1 
ATOM   373  C CD1 . ILE A 1 66  ? -14.202 -0.418  5.661   1.00 17.82 ? 1357 ILE A CD1 1 
ATOM   374  N N   . ASP A 1 67  ? -15.952 3.777   3.640   1.00 19.22 ? 1358 ASP A N   1 
ATOM   375  C CA  . ASP A 1 67  ? -16.179 5.024   2.860   1.00 21.92 ? 1358 ASP A CA  1 
ATOM   376  C C   . ASP A 1 67  ? -15.332 5.049   1.583   1.00 20.28 ? 1358 ASP A C   1 
ATOM   377  O O   . ASP A 1 67  ? -15.767 5.651   0.591   1.00 21.16 ? 1358 ASP A O   1 
ATOM   378  C CB  . ASP A 1 67  ? -15.767 6.267   3.648   1.00 24.80 ? 1358 ASP A CB  1 
ATOM   379  C CG  . ASP A 1 67  ? -16.562 6.529   4.911   1.00 28.78 ? 1358 ASP A CG  1 
ATOM   380  O OD1 . ASP A 1 67  ? -17.781 6.249   4.904   1.00 31.82 ? 1358 ASP A OD1 1 
ATOM   381  O OD2 . ASP A 1 67  ? -15.953 7.031   5.881   1.00 31.00 ? 1358 ASP A OD2 1 
ATOM   382  N N   . THR A 1 68  ? -14.098 4.519   1.636   1.00 18.26 ? 1359 THR A N   1 
ATOM   383  C CA  . THR A 1 68  ? -13.132 4.661   0.509   1.00 18.74 ? 1359 THR A CA  1 
ATOM   384  C C   . THR A 1 68  ? -12.491 3.312   0.237   1.00 15.83 ? 1359 THR A C   1 
ATOM   385  O O   . THR A 1 68  ? -11.441 2.992   0.852   1.00 16.45 ? 1359 THR A O   1 
ATOM   386  C CB  . THR A 1 68  ? -12.049 5.717   0.758   1.00 18.74 ? 1359 THR A CB  1 
ATOM   387  O OG1 . THR A 1 68  ? -12.679 6.943   1.152   1.00 21.71 ? 1359 THR A OG1 1 
ATOM   388  C CG2 . THR A 1 68  ? -11.203 5.959   -0.475  1.00 20.59 ? 1359 THR A CG2 1 
ATOM   389  N N   . PRO A 1 69  ? -13.065 2.478   -0.646  1.00 15.06 ? 1360 PRO A N   1 
ATOM   390  C CA  . PRO A 1 69  ? -12.433 1.203   -1.022  1.00 16.20 ? 1360 PRO A CA  1 
ATOM   391  C C   . PRO A 1 69  ? -11.037 1.451   -1.614  1.00 14.01 ? 1360 PRO A C   1 
ATOM   392  O O   . PRO A 1 69  ? -10.778 2.451   -2.263  1.00 15.68 ? 1360 PRO A O   1 
ATOM   393  C CB  . PRO A 1 69  ? -13.389 0.623   -2.068  1.00 17.14 ? 1360 PRO A CB  1 
ATOM   394  C CG  . PRO A 1 69  ? -14.752 1.265   -1.744  1.00 19.69 ? 1360 PRO A CG  1 
ATOM   395  C CD  . PRO A 1 69  ? -14.382 2.677   -1.329  1.00 17.59 ? 1360 PRO A CD  1 
ATOM   396  N N   . MET A 1 70  ? -10.129 0.498   -1.381  1.00 13.68 ? 1361 MET A N   1 
ATOM   397  C CA  . MET A 1 70  ? -8.781  0.559   -2.006  1.00 13.16 ? 1361 MET A CA  1 
ATOM   398  C C   . MET A 1 70  ? -8.276  -0.872  -2.139  1.00 12.81 ? 1361 MET A C   1 
ATOM   399  O O   . MET A 1 70  ? -8.605  -1.737  -1.346  1.00 13.38 ? 1361 MET A O   1 
ATOM   400  C CB  . MET A 1 70  ? -7.833  1.434   -1.182  1.00 12.70 ? 1361 MET A CB  1 
ATOM   401  C CG  . MET A 1 70  ? -6.498  1.746   -1.819  1.00 12.93 ? 1361 MET A CG  1 
ATOM   402  S SD  . MET A 1 70  ? -6.534  2.411   -3.467  1.00 13.62 ? 1361 MET A SD  1 
ATOM   403  C CE  . MET A 1 70  ? -7.521  3.914   -3.315  1.00 15.62 ? 1361 MET A CE  1 
ATOM   404  N N   . ASP A 1 71  ? -7.449  -1.089  -3.159  1.00 11.97 ? 1362 ASP A N   1 
ATOM   405  C CA  . ASP A 1 71  ? -6.886  -2.425  -3.451  1.00 11.57 ? 1362 ASP A CA  1 
ATOM   406  C C   . ASP A 1 71  ? -5.556  -2.237  -4.179  1.00 11.14 ? 1362 ASP A C   1 
ATOM   407  O O   . ASP A 1 71  ? -5.241  -1.150  -4.693  1.00 11.94 ? 1362 ASP A O   1 
ATOM   408  C CB  . ASP A 1 71  ? -7.865  -3.237  -4.292  1.00 13.36 ? 1362 ASP A CB  1 
ATOM   409  C CG  . ASP A 1 71  ? -8.045  -2.577  -5.643  1.00 14.78 ? 1362 ASP A CG  1 
ATOM   410  O OD1 . ASP A 1 71  ? -8.841  -1.614  -5.759  1.00 16.24 ? 1362 ASP A OD1 1 
ATOM   411  O OD2 . ASP A 1 71  ? -7.280  -2.943  -6.526  1.00 15.71 ? 1362 ASP A OD2 1 
ATOM   412  N N   . PHE A 1 72  ? -4.743  -3.288  -4.279  1.00 11.51 ? 1363 PHE A N   1 
ATOM   413  C CA  . PHE A 1 72  ? -3.400  -3.155  -4.867  1.00 10.80 ? 1363 PHE A CA  1 
ATOM   414  C C   . PHE A 1 72  ? -3.410  -2.887  -6.371  1.00 12.46 ? 1363 PHE A C   1 
ATOM   415  O O   . PHE A 1 72  ? -2.459  -2.329  -6.861  1.00 12.42 ? 1363 PHE A O   1 
ATOM   416  C CB  . PHE A 1 72  ? -2.536  -4.349  -4.484  1.00 11.18 ? 1363 PHE A CB  1 
ATOM   417  C CG  . PHE A 1 72  ? -2.059  -4.300  -3.055  1.00 10.99 ? 1363 PHE A CG  1 
ATOM   418  C CD1 . PHE A 1 72  ? -1.082  -3.423  -2.677  1.00 11.37 ? 1363 PHE A CD1 1 
ATOM   419  C CD2 . PHE A 1 72  ? -2.571  -5.140  -2.091  1.00 11.91 ? 1363 PHE A CD2 1 
ATOM   420  C CE1 . PHE A 1 72  ? -0.634  -3.374  -1.370  1.00 12.34 ? 1363 PHE A CE1 1 
ATOM   421  C CE2 . PHE A 1 72  ? -2.135  -5.104  -0.791  1.00 11.58 ? 1363 PHE A CE2 1 
ATOM   422  C CZ  . PHE A 1 72  ? -1.193  -4.183  -0.427  1.00 12.12 ? 1363 PHE A CZ  1 
ATOM   423  N N   . ALA A 1 73  ? -4.399  -3.413  -7.094  1.00 12.10 ? 1364 ALA A N   1 
ATOM   424  C CA  . ALA A 1 73  ? -4.493  -3.111  -8.537  1.00 12.71 ? 1364 ALA A CA  1 
ATOM   425  C C   . ALA A 1 73  ? -4.745  -1.613  -8.755  1.00 12.56 ? 1364 ALA A C   1 
ATOM   426  O O   . ALA A 1 73  ? -4.075  -0.979  -9.618  1.00 12.82 ? 1364 ALA A O   1 
ATOM   427  C CB  . ALA A 1 73  ? -5.545  -3.966  -9.204  1.00 13.65 ? 1364 ALA A CB  1 
ATOM   428  N N   . THR A 1 74  ? -5.599  -1.035  -7.939  1.00 11.85 ? 1365 THR A N   1 
ATOM   429  C CA  . THR A 1 74  ? -5.814  0.427   -8.017  1.00 12.11 ? 1365 THR A CA  1 
ATOM   430  C C   . THR A 1 74  ? -4.527  1.181   -7.691  1.00 10.83 ? 1365 THR A C   1 
ATOM   431  O O   . THR A 1 74  ? -4.180  2.136   -8.417  1.00 11.77 ? 1365 THR A O   1 
ATOM   432  C CB  . THR A 1 74  ? -6.952  0.856   -7.127  1.00 12.62 ? 1365 THR A CB  1 
ATOM   433  O OG1 . THR A 1 74  ? -8.140  0.185   -7.589  1.00 15.34 ? 1365 THR A OG1 1 
ATOM   434  C CG2 . THR A 1 74  ? -7.172  2.357   -7.115  1.00 13.21 ? 1365 THR A CG2 1 
ATOM   435  N N   . VAL A 1 75  ? -3.804  0.753   -6.645  1.00 10.90 ? 1366 VAL A N   1 
ATOM   436  C CA  . VAL A 1 75  ? -2.501  1.422   -6.354  1.00 10.50 ? 1366 VAL A CA  1 
ATOM   437  C C   . VAL A 1 75  ? -1.523  1.322   -7.521  1.00 10.58 ? 1366 VAL A C   1 
ATOM   438  O O   . VAL A 1 75  ? -0.912  2.332   -7.893  1.00 10.70 ? 1366 VAL A O   1 
ATOM   439  C CB  . VAL A 1 75  ? -1.914  0.876   -5.039  1.00 10.92 ? 1366 VAL A CB  1 
ATOM   440  C CG1 . VAL A 1 75  ? -0.556  1.471   -4.782  1.00 12.13 ? 1366 VAL A CG1 1 
ATOM   441  C CG2 . VAL A 1 75  ? -2.832  1.145   -3.865  1.00 11.96 ? 1366 VAL A CG2 1 
ATOM   442  N N   . ARG A 1 76  ? -1.371  0.133   -8.072  1.00 10.92 ? 1367 ARG A N   1 
ATOM   443  C CA  . ARG A 1 76  ? -0.451  -0.044  -9.228  1.00 12.77 ? 1367 ARG A CA  1 
ATOM   444  C C   . ARG A 1 76  ? -0.884  0.817   -10.421 1.00 12.00 ? 1367 ARG A C   1 
ATOM   445  O O   . ARG A 1 76  ? 0.019   1.405   -11.090 1.00 12.43 ? 1367 ARG A O   1 
ATOM   446  C CB  . ARG A 1 76  ? -0.452  -1.529  -9.605  1.00 13.62 ? 1367 ARG A CB  1 
ATOM   447  C CG  . ARG A 1 76  ? 0.450   -1.881  -10.776 1.00 18.00 ? 1367 ARG A CG  1 
ATOM   448  C CD  . ARG A 1 76  ? 0.334   -3.383  -11.017 1.00 22.17 ? 1367 ARG A CD  1 
ATOM   449  N NE  . ARG A 1 76  ? 1.389   -4.113  -10.371 1.00 24.75 ? 1367 ARG A NE  1 
ATOM   450  C CZ  . ARG A 1 76  ? 1.469   -5.451  -10.276 1.00 24.46 ? 1367 ARG A CZ  1 
ATOM   451  N NH1 . ARG A 1 76  ? 0.437   -6.222  -10.593 1.00 24.07 ? 1367 ARG A NH1 1 
ATOM   452  N NH2 . ARG A 1 76  ? 2.578   -5.973  -9.806  1.00 26.41 ? 1367 ARG A NH2 1 
ATOM   453  N N   . GLU A 1 77  ? -2.162  0.831   -10.741 1.00 11.70 ? 1368 GLU A N   1 
ATOM   454  C CA  . GLU A 1 77  ? -2.630  1.644   -11.878 1.00 12.96 ? 1368 GLU A CA  1 
ATOM   455  C C   . GLU A 1 77  ? -2.376  3.121   -11.608 1.00 12.82 ? 1368 GLU A C   1 
ATOM   456  O O   . GLU A 1 77  ? -2.070  3.874   -12.546 1.00 13.32 ? 1368 GLU A O   1 
ATOM   457  C CB  . GLU A 1 77  ? -4.096  1.349   -12.057 1.00 15.43 ? 1368 GLU A CB  1 
ATOM   458  C CG  . GLU A 1 77  ? -4.367  -0.010  -12.665 1.00 19.85 ? 1368 GLU A CG  1 
ATOM   459  C CD  . GLU A 1 77  ? -5.770  -0.582  -12.535 1.00 29.98 ? 1368 GLU A CD  1 
ATOM   460  O OE1 . GLU A 1 77  ? -6.715  0.196   -12.254 1.00 34.59 ? 1368 GLU A OE1 1 
ATOM   461  O OE2 . GLU A 1 77  ? -5.910  -1.828  -12.770 1.00 40.12 ? 1368 GLU A OE2 1 
ATOM   462  N N   . THR A 1 78  ? -2.624  3.600   -10.399 1.00 11.87 ? 1369 THR A N   1 
ATOM   463  C CA  . THR A 1 78  ? -2.423  5.035   -10.056 1.00 11.37 ? 1369 THR A CA  1 
ATOM   464  C C   . THR A 1 78  ? -0.942  5.359   -10.234 1.00 12.28 ? 1369 THR A C   1 
ATOM   465  O O   . THR A 1 78  ? -0.600  6.458   -10.811 1.00 12.30 ? 1369 THR A O   1 
ATOM   466  C CB  . THR A 1 78  ? -2.910  5.324   -8.637  1.00 11.46 ? 1369 THR A CB  1 
ATOM   467  O OG1 . THR A 1 78  ? -4.283  4.990   -8.519  1.00 12.94 ? 1369 THR A OG1 1 
ATOM   468  C CG2 . THR A 1 78  ? -2.712  6.759   -8.228  1.00 12.54 ? 1369 THR A CG2 1 
ATOM   469  N N   . LEU A 1 79  ? -0.038  4.479   -9.766  1.00 10.60 ? 1370 LEU A N   1 
ATOM   470  C CA  . LEU A 1 79  ? 1.409   4.691   -9.967  1.00 11.20 ? 1370 LEU A CA  1 
ATOM   471  C C   . LEU A 1 79  ? 1.757   4.754   -11.447 1.00 12.31 ? 1370 LEU A C   1 
ATOM   472  O O   . LEU A 1 79  ? 2.504   5.683   -11.878 1.00 12.22 ? 1370 LEU A O   1 
ATOM   473  C CB  . LEU A 1 79  ? 2.127   3.569   -9.197  1.00 11.40 ? 1370 LEU A CB  1 
ATOM   474  C CG  . LEU A 1 79  ? 3.663   3.667   -9.165  1.00 12.70 ? 1370 LEU A CG  1 
ATOM   475  C CD1 . LEU A 1 79  ? 4.124   4.881   -8.368  1.00 12.06 ? 1370 LEU A CD1 1 
ATOM   476  C CD2 . LEU A 1 79  ? 4.255   2.378   -8.578  1.00 13.52 ? 1370 LEU A CD2 1 
ATOM   477  N N   . GLU A 1 80  ? 1.339   3.757   -12.228 1.00 12.66 ? 1371 GLU A N   1 
ATOM   478  C CA  . GLU A 1 80  ? 1.697   3.703   -13.675 1.00 13.87 ? 1371 GLU A CA  1 
ATOM   479  C C   . GLU A 1 80  ? 1.090   4.891   -14.442 1.00 13.29 ? 1371 GLU A C   1 
ATOM   480  O O   . GLU A 1 80  ? 1.714   5.388   -15.384 1.00 14.26 ? 1371 GLU A O   1 
ATOM   481  C CB  . GLU A 1 80  ? 1.273   2.364   -14.269 1.00 14.59 ? 1371 GLU A CB  1 
ATOM   482  C CG  . GLU A 1 80  ? 1.651   2.227   -15.733 1.00 16.76 ? 1371 GLU A CG  1 
ATOM   483  C CD  . GLU A 1 80  ? 3.119   2.462   -16.065 1.00 19.97 ? 1371 GLU A CD  1 
ATOM   484  O OE1 . GLU A 1 80  ? 3.982   2.429   -15.148 1.00 21.62 ? 1371 GLU A OE1 1 
ATOM   485  O OE2 . GLU A 1 80  ? 3.403   2.713   -17.256 1.00 21.07 ? 1371 GLU A OE2 1 
ATOM   486  N N   . ALA A 1 81  ? -0.076  5.369   -14.047 1.00 13.13 ? 1372 ALA A N   1 
ATOM   487  C CA  . ALA A 1 81  ? -0.685  6.565   -14.706 1.00 13.35 ? 1372 ALA A CA  1 
ATOM   488  C C   . ALA A 1 81  ? 0.134   7.832   -14.447 1.00 14.54 ? 1372 ALA A C   1 
ATOM   489  O O   . ALA A 1 81  ? -0.135  8.887   -15.046 1.00 15.69 ? 1372 ALA A O   1 
ATOM   490  C CB  . ALA A 1 81  ? -2.106  6.737   -14.250 1.00 15.15 ? 1372 ALA A CB  1 
ATOM   491  N N   . GLY A 1 82  ? 1.083   7.808   -13.489 1.00 13.53 ? 1373 GLY A N   1 
ATOM   492  C CA  . GLY A 1 82  ? 1.760   9.044   -13.111 1.00 13.30 ? 1373 GLY A CA  1 
ATOM   493  C C   . GLY A 1 82  ? 0.881   9.900   -12.262 1.00 12.49 ? 1373 GLY A C   1 
ATOM   494  O O   . GLY A 1 82  ? 0.946   11.131  -12.332 1.00 13.43 ? 1373 GLY A O   1 
ATOM   495  N N   . ASN A 1 83  ? 0.071   9.330   -11.382 1.00 12.15 ? 1374 ASN A N   1 
ATOM   496  C CA  . ASN A 1 83  ? -0.872  10.076  -10.534 1.00 12.73 ? 1374 ASN A CA  1 
ATOM   497  C C   . ASN A 1 83  ? -0.551  10.023  -9.016  1.00 11.64 ? 1374 ASN A C   1 
ATOM   498  O O   . ASN A 1 83  ? -1.344  10.461  -8.184  1.00 12.73 ? 1374 ASN A O   1 
ATOM   499  C CB  . ASN A 1 83  ? -2.318  9.625   -10.782 1.00 13.46 ? 1374 ASN A CB  1 
ATOM   500  C CG  . ASN A 1 83  ? -2.886  10.024  -12.138 1.00 15.71 ? 1374 ASN A CG  1 
ATOM   501  O OD1 . ASN A 1 83  ? -4.022  9.621   -12.412 1.00 18.15 ? 1374 ASN A OD1 1 
ATOM   502  N ND2 . ASN A 1 83  ? -2.214  10.814  -12.956 1.00 15.32 ? 1374 ASN A ND2 1 
ATOM   503  N N   . TYR A 1 84  ? 0.648   9.500   -8.686  1.00 12.37 ? 1375 TYR A N   1 
ATOM   504  C CA  . TYR A 1 84  ? 1.277   9.756   -7.372  1.00 12.40 ? 1375 TYR A CA  1 
ATOM   505  C C   . TYR A 1 84  ? 2.432   10.758  -7.584  1.00 12.30 ? 1375 TYR A C   1 
ATOM   506  O O   . TYR A 1 84  ? 3.256   10.559  -8.477  1.00 14.29 ? 1375 TYR A O   1 
ATOM   507  C CB  . TYR A 1 84  ? 1.806   8.481   -6.695  1.00 11.78 ? 1375 TYR A CB  1 
ATOM   508  C CG  . TYR A 1 84  ? 0.751   7.524   -6.229  1.00 10.86 ? 1375 TYR A CG  1 
ATOM   509  C CD1 . TYR A 1 84  ? -0.270  7.913   -5.375  1.00 11.39 ? 1375 TYR A CD1 1 
ATOM   510  C CD2 . TYR A 1 84  ? 0.766   6.210   -6.614  1.00 10.81 ? 1375 TYR A CD2 1 
ATOM   511  C CE1 . TYR A 1 84  ? -1.216  7.027   -4.914  1.00 11.12 ? 1375 TYR A CE1 1 
ATOM   512  C CE2 . TYR A 1 84  ? -0.179  5.315   -6.184  1.00 11.01 ? 1375 TYR A CE2 1 
ATOM   513  C CZ  . TYR A 1 84  ? -1.172  5.711   -5.312  1.00 11.17 ? 1375 TYR A CZ  1 
ATOM   514  O OH  . TYR A 1 84  ? -2.102  4.799   -4.900  1.00 12.52 ? 1375 TYR A OH  1 
ATOM   515  N N   . GLU A 1 85  ? 2.476   11.799  -6.732  1.00 13.24 ? 1376 GLU A N   1 
ATOM   516  C CA  . GLU A 1 85  ? 3.650   12.730  -6.749  1.00 14.72 ? 1376 GLU A CA  1 
ATOM   517  C C   . GLU A 1 85  ? 4.779   12.271  -5.805  1.00 14.45 ? 1376 GLU A C   1 
ATOM   518  O O   . GLU A 1 85  ? 5.953   12.658  -6.035  1.00 18.49 ? 1376 GLU A O   1 
ATOM   519  C CB  . GLU A 1 85  ? 3.221   14.144  -6.360  1.00 17.52 ? 1376 GLU A CB  1 
ATOM   520  C CG  . GLU A 1 85  ? 4.371   15.131  -6.480  1.00 23.48 ? 1376 GLU A CG  1 
ATOM   521  C CD  . GLU A 1 85  ? 3.936   16.546  -6.157  1.00 28.74 ? 1376 GLU A CD  1 
ATOM   522  O OE1 . GLU A 1 85  ? 2.810   16.699  -5.578  1.00 34.85 ? 1376 GLU A OE1 1 
ATOM   523  O OE2 . GLU A 1 85  ? 4.718   17.497  -6.516  1.00 34.30 ? 1376 GLU A OE2 1 
ATOM   524  N N   . SER A 1 86  ? 4.516   11.414  -4.813  1.00 13.22 ? 1377 SER A N   1 
ATOM   525  C CA  . SER A 1 86  ? 5.506   11.012  -3.803  1.00 13.42 ? 1377 SER A CA  1 
ATOM   526  C C   . SER A 1 86  ? 5.182   9.632   -3.308  1.00 11.98 ? 1377 SER A C   1 
ATOM   527  O O   . SER A 1 86  ? 4.037   9.152   -3.411  1.00 12.09 ? 1377 SER A O   1 
ATOM   528  C CB  . SER A 1 86  ? 5.493   11.964  -2.654  1.00 13.74 ? 1377 SER A CB  1 
ATOM   529  O OG  . SER A 1 86  ? 4.309   11.847  -1.896  1.00 14.72 ? 1377 SER A OG  1 
ATOM   530  N N   . PRO A 1 87  ? 6.175   8.947   -2.711  1.00 11.75 ? 1378 PRO A N   1 
ATOM   531  C CA  . PRO A 1 87  ? 5.890   7.636   -2.122  1.00 11.04 ? 1378 PRO A CA  1 
ATOM   532  C C   . PRO A 1 87  ? 5.015   7.750   -0.870  1.00 11.45 ? 1378 PRO A C   1 
ATOM   533  O O   . PRO A 1 87  ? 4.375   6.773   -0.515  1.00 11.87 ? 1378 PRO A O   1 
ATOM   534  C CB  . PRO A 1 87  ? 7.289   7.083   -1.736  1.00 12.15 ? 1378 PRO A CB  1 
ATOM   535  C CG  . PRO A 1 87  ? 8.162   8.330   -1.606  1.00 11.88 ? 1378 PRO A CG  1 
ATOM   536  C CD  . PRO A 1 87  ? 7.625   9.286   -2.669  1.00 12.21 ? 1378 PRO A CD  1 
ATOM   537  N N   . MET A 1 88  ? 4.967   8.918   -0.224  1.00 10.96 ? 1379 MET A N   1 
ATOM   538  C CA  . MET A 1 88  ? 4.050   9.122   0.913   1.00 11.69 ? 1379 MET A CA  1 
ATOM   539  C C   . MET A 1 88  ? 2.597   8.932   0.482   1.00 11.15 ? 1379 MET A C   1 
ATOM   540  O O   . MET A 1 88  ? 1.777   8.402   1.211   1.00 11.13 ? 1379 MET A O   1 
ATOM   541  C CB  . MET A 1 88  ? 4.254   10.487  1.567   1.00 12.19 ? 1379 MET A CB  1 
ATOM   542  C CG  . MET A 1 88  ? 5.631   10.649  2.208   1.00 13.03 ? 1379 MET A CG  1 
ATOM   543  S SD  . MET A 1 88  ? 6.947   11.193  1.077   1.00 14.57 ? 1379 MET A SD  1 
ATOM   544  C CE  . MET A 1 88  ? 6.569   12.945  0.997   1.00 16.82 ? 1379 MET A CE  1 
ATOM   545  N N   . GLU A 1 89  ? 2.248   9.443   -0.715  1.00 11.42 ? 1380 GLU A N   1 
ATOM   546  C CA  . GLU A 1 89  ? 0.862   9.297   -1.189  1.00 11.82 ? 1380 GLU A CA  1 
ATOM   547  C C   . GLU A 1 89  ? 0.537   7.812   -1.433  1.00 10.99 ? 1380 GLU A C   1 
ATOM   548  O O   . GLU A 1 89  ? -0.577  7.352   -1.143  1.00 11.64 ? 1380 GLU A O   1 
ATOM   549  C CB  . GLU A 1 89  ? 0.644   10.088  -2.479  1.00 13.00 ? 1380 GLU A CB  1 
ATOM   550  C CG  . GLU A 1 89  ? 0.724   11.611  -2.334  1.00 14.03 ? 1380 GLU A CG  1 
ATOM   551  C CD  . GLU A 1 89  ? 0.561   12.327  -3.654  1.00 15.03 ? 1380 GLU A CD  1 
ATOM   552  O OE1 . GLU A 1 89  ? 0.612   11.724  -4.674  1.00 15.34 ? 1380 GLU A OE1 1 
ATOM   553  O OE2 . GLU A 1 89  ? 0.386   13.605  -3.571  1.00 20.38 ? 1380 GLU A OE2 1 
ATOM   554  N N   . LEU A 1 90  ? 1.440   7.081   -2.075  1.00 10.51 ? 1381 LEU A N   1 
ATOM   555  C CA  . LEU A 1 90  ? 1.265   5.632   -2.319  1.00 10.67 ? 1381 LEU A CA  1 
ATOM   556  C C   . LEU A 1 90  ? 1.089   4.921   -0.970  1.00 11.20 ? 1381 LEU A C   1 
ATOM   557  O O   . LEU A 1 90  ? 0.221   4.048   -0.828  1.00 10.94 ? 1381 LEU A O   1 
ATOM   558  C CB  . LEU A 1 90  ? 2.452   5.080   -3.133  1.00 11.05 ? 1381 LEU A CB  1 
ATOM   559  C CG  . LEU A 1 90  ? 2.402   3.568   -3.409  1.00 11.53 ? 1381 LEU A CG  1 
ATOM   560  C CD1 . LEU A 1 90  ? 2.957   3.257   -4.783  1.00 11.60 ? 1381 LEU A CD1 1 
ATOM   561  C CD2 . LEU A 1 90  ? 3.136   2.761   -2.342  1.00 11.62 ? 1381 LEU A CD2 1 
ATOM   562  N N   A CYS A 1 91  ? 1.944   5.249   0.001   0.35 11.27 ? 1382 CYS A N   1 
ATOM   563  N N   B CYS A 1 91  ? 1.929   5.239   0.016   0.15 11.52 ? 1382 CYS A N   1 
ATOM   564  C CA  A CYS A 1 91  ? 1.922   4.631   1.340   0.35 11.34 ? 1382 CYS A CA  1 
ATOM   565  C CA  B CYS A 1 91  ? 1.839   4.633   1.367   0.15 11.75 ? 1382 CYS A CA  1 
ATOM   566  C C   A CYS A 1 91  ? 0.548   4.894   1.999   0.35 11.43 ? 1382 CYS A C   1 
ATOM   567  C C   B CYS A 1 91  ? 0.457   4.860   1.960   0.15 11.77 ? 1382 CYS A C   1 
ATOM   568  O O   A CYS A 1 91  ? 0.023   3.965   2.664   0.35 12.53 ? 1382 CYS A O   1 
ATOM   569  O O   B CYS A 1 91  ? -0.099  3.921   2.573   0.15 12.11 ? 1382 CYS A O   1 
ATOM   570  C CB  A CYS A 1 91  ? 3.124   5.133   2.137   0.35 12.12 ? 1382 CYS A CB  1 
ATOM   571  C CB  B CYS A 1 91  ? 2.835   5.243   2.330   0.15 12.29 ? 1382 CYS A CB  1 
ATOM   572  S SG  A CYS A 1 91  ? 3.366   4.299   3.724   0.35 13.27 ? 1382 CYS A SG  1 
ATOM   573  S SG  B CYS A 1 91  ? 4.486   4.641   1.954   0.15 12.98 ? 1382 CYS A SG  1 
ATOM   574  N N   . LYS A 1 92  ? -0.049  6.085   1.830   1.00 12.05 ? 1383 LYS A N   1 
ATOM   575  C CA  . LYS A 1 92  ? -1.329  6.400   2.433   1.00 12.20 ? 1383 LYS A CA  1 
ATOM   576  C C   . LYS A 1 92  ? -2.377  5.452   1.839   1.00 12.04 ? 1383 LYS A C   1 
ATOM   577  O O   . LYS A 1 92  ? -3.232  4.930   2.580   1.00 12.59 ? 1383 LYS A O   1 
ATOM   578  C CB  . LYS A 1 92  ? -1.615  7.885   2.201   1.00 14.48 ? 1383 LYS A CB  1 
ATOM   579  C CG  . LYS A 1 92  ? -2.939  8.313   2.782   1.00 16.60 ? 1383 LYS A CG  1 
ATOM   580  C CD  . LYS A 1 92  ? -3.125  9.824   2.750   1.00 21.23 ? 1383 LYS A CD  1 
ATOM   581  C CE  . LYS A 1 92  ? -4.574  10.204  2.974   1.00 28.01 ? 1383 LYS A CE  1 
ATOM   582  N NZ  . LYS A 1 92  ? -4.839  11.668  2.839   1.00 34.30 ? 1383 LYS A NZ  1 
ATOM   583  N N   . ASP A 1 93  ? -2.382  5.263   0.521   1.00 11.01 ? 1384 ASP A N   1 
ATOM   584  C CA  . ASP A 1 93  ? -3.362  4.342   -0.103  1.00 11.43 ? 1384 ASP A CA  1 
ATOM   585  C C   . ASP A 1 93  ? -3.170  2.883   0.337   1.00 10.45 ? 1384 ASP A C   1 
ATOM   586  O O   . ASP A 1 93  ? -4.139  2.156   0.587   1.00 10.64 ? 1384 ASP A O   1 
ATOM   587  C CB  . ASP A 1 93  ? -3.359  4.480   -1.610  1.00 11.35 ? 1384 ASP A CB  1 
ATOM   588  C CG  . ASP A 1 93  ? -4.082  5.698   -2.154  1.00 14.59 ? 1384 ASP A CG  1 
ATOM   589  O OD1 . ASP A 1 93  ? -4.764  6.387   -1.351  1.00 18.62 ? 1384 ASP A OD1 1 
ATOM   590  O OD2 . ASP A 1 93  ? -3.993  5.911   -3.395  1.00 13.93 ? 1384 ASP A OD2 1 
ATOM   591  N N   . VAL A 1 94  ? -1.923  2.413   0.420   1.00 10.51 ? 1385 VAL A N   1 
ATOM   592  C CA  . VAL A 1 94  ? -1.684  1.016   0.868   1.00 10.21 ? 1385 VAL A CA  1 
ATOM   593  C C   . VAL A 1 94  ? -2.162  0.874   2.318   1.00 10.42 ? 1385 VAL A C   1 
ATOM   594  O O   . VAL A 1 94  ? -2.814  -0.107  2.649   1.00 10.57 ? 1385 VAL A O   1 
ATOM   595  C CB  . VAL A 1 94  ? -0.211  0.629   0.699   1.00 10.25 ? 1385 VAL A CB  1 
ATOM   596  C CG1 . VAL A 1 94  ? 0.066   -0.677  1.400   1.00 11.09 ? 1385 VAL A CG1 1 
ATOM   597  C CG2 . VAL A 1 94  ? 0.204   0.575   -0.759  1.00 10.81 ? 1385 VAL A CG2 1 
ATOM   598  N N   . ARG A 1 95  ? -1.884  1.866   3.169   1.00 10.12 ? 1386 ARG A N   1 
ATOM   599  C CA  . ARG A 1 95  ? -2.330  1.791   4.569   1.00 10.39 ? 1386 ARG A CA  1 
ATOM   600  C C   . ARG A 1 95  ? -3.860  1.762   4.627   1.00 11.08 ? 1386 ARG A C   1 
ATOM   601  O O   . ARG A 1 95  ? -4.431  1.124   5.555   1.00 11.74 ? 1386 ARG A O   1 
ATOM   602  C CB  . ARG A 1 95  ? -1.676  2.910   5.386   1.00 10.98 ? 1386 ARG A CB  1 
ATOM   603  C CG  . ARG A 1 95  ? -0.199  2.614   5.613   1.00 11.56 ? 1386 ARG A CG  1 
ATOM   604  C CD  . ARG A 1 95  ? 0.488   3.814   6.226   1.00 13.50 ? 1386 ARG A CD  1 
ATOM   605  N NE  . ARG A 1 95  ? 1.875   3.529   6.545   1.00 15.39 ? 1386 ARG A NE  1 
ATOM   606  C CZ  . ARG A 1 95  ? 2.749   4.443   7.001   1.00 17.12 ? 1386 ARG A CZ  1 
ATOM   607  N NH1 . ARG A 1 95  ? 2.420   5.727   7.111   1.00 18.61 ? 1386 ARG A NH1 1 
ATOM   608  N NH2 . ARG A 1 95  ? 3.977   4.054   7.328   1.00 19.35 ? 1386 ARG A NH2 1 
ATOM   609  N N   . LEU A 1 96  ? -4.544  2.407   3.681   1.00 10.91 ? 1387 LEU A N   1 
ATOM   610  C CA  . LEU A 1 96  ? -6.035  2.380   3.617   1.00 11.20 ? 1387 LEU A CA  1 
ATOM   611  C C   . LEU A 1 96  ? -6.543  0.964   3.312   1.00 10.29 ? 1387 LEU A C   1 
ATOM   612  O O   . LEU A 1 96  ? -7.578  0.541   3.865   1.00 11.04 ? 1387 LEU A O   1 
ATOM   613  C CB  . LEU A 1 96  ? -6.487  3.379   2.545   1.00 12.00 ? 1387 LEU A CB  1 
ATOM   614  C CG  . LEU A 1 96  ? -7.970  3.518   2.311   1.00 13.00 ? 1387 LEU A CG  1 
ATOM   615  C CD1 . LEU A 1 96  ? -8.713  3.939   3.544   1.00 14.69 ? 1387 LEU A CD1 1 
ATOM   616  C CD2 . LEU A 1 96  ? -8.221  4.497   1.168   1.00 14.17 ? 1387 LEU A CD2 1 
ATOM   617  N N   . ILE A 1 97  ? -5.828  0.206   2.483   1.00 11.31 ? 1388 ILE A N   1 
ATOM   618  C CA  . ILE A 1 97  ? -6.212  -1.223  2.228   1.00 10.61 ? 1388 ILE A CA  1 
ATOM   619  C C   . ILE A 1 97  ? -6.293  -1.927  3.590   1.00 11.67 ? 1388 ILE A C   1 
ATOM   620  O O   . ILE A 1 97  ? -7.249  -2.655  3.895   1.00 11.43 ? 1388 ILE A O   1 
ATOM   621  C CB  . ILE A 1 97  ? -5.200  -1.913  1.290   1.00 11.02 ? 1388 ILE A CB  1 
ATOM   622  C CG1 . ILE A 1 97  ? -5.186  -1.252  -0.089  1.00 10.93 ? 1388 ILE A CG1 1 
ATOM   623  C CG2 . ILE A 1 97  ? -5.503  -3.390  1.171   1.00 11.57 ? 1388 ILE A CG2 1 
ATOM   624  C CD1 . ILE A 1 97  ? -4.043  -1.730  -1.015  1.00 11.34 ? 1388 ILE A CD1 1 
ATOM   625  N N   . PHE A 1 98  ? -5.291  -1.729  4.418   1.00 11.07 ? 1389 PHE A N   1 
ATOM   626  C CA  . PHE A 1 98  ? -5.171  -2.447  5.697   1.00 11.41 ? 1389 PHE A CA  1 
ATOM   627  C C   . PHE A 1 98  ? -6.184  -1.903  6.714   1.00 11.63 ? 1389 PHE A C   1 
ATOM   628  O O   . PHE A 1 98  ? -6.798  -2.696  7.439   1.00 12.33 ? 1389 PHE A O   1 
ATOM   629  C CB  . PHE A 1 98  ? -3.738  -2.426  6.220   1.00 11.72 ? 1389 PHE A CB  1 
ATOM   630  C CG  . PHE A 1 98  ? -2.738  -3.026  5.262   1.00 11.63 ? 1389 PHE A CG  1 
ATOM   631  C CD1 . PHE A 1 98  ? -2.954  -4.240  4.630   1.00 13.14 ? 1389 PHE A CD1 1 
ATOM   632  C CD2 . PHE A 1 98  ? -1.548  -2.385  4.992   1.00 12.37 ? 1389 PHE A CD2 1 
ATOM   633  C CE1 . PHE A 1 98  ? -2.005  -4.803  3.747   1.00 14.23 ? 1389 PHE A CE1 1 
ATOM   634  C CE2 . PHE A 1 98  ? -0.632  -2.963  4.097   1.00 12.89 ? 1389 PHE A CE2 1 
ATOM   635  C CZ  . PHE A 1 98  ? -0.858  -4.155  3.538   1.00 13.39 ? 1389 PHE A CZ  1 
ATOM   636  N N   . SER A 1 99  ? -6.365  -0.576  6.791   1.00 11.75 ? 1390 SER A N   1 
ATOM   637  C CA  . SER A 1 99  ? -7.374  -0.070  7.763   1.00 12.16 ? 1390 SER A CA  1 
ATOM   638  C C   . SER A 1 99  ? -8.773  -0.492  7.338   1.00 11.32 ? 1390 SER A C   1 
ATOM   639  O O   . SER A 1 99  ? -9.641  -0.743  8.227   1.00 12.41 ? 1390 SER A O   1 
ATOM   640  C CB  . SER A 1 99  ? -7.244  1.418   7.942   1.00 13.23 ? 1390 SER A CB  1 
ATOM   641  O OG  . SER A 1 99  ? -7.460  2.124   6.750   1.00 14.67 ? 1390 SER A OG  1 
ATOM   642  N N   . ASN A 1 100 ? -9.068  -0.562  6.043   1.00 11.68 ? 1391 ASN A N   1 
ATOM   643  C CA  . ASN A 1 100 ? -10.386 -1.048  5.573   1.00 11.77 ? 1391 ASN A CA  1 
ATOM   644  C C   . ASN A 1 100 ? -10.586 -2.491  6.050   1.00 12.55 ? 1391 ASN A C   1 
ATOM   645  O O   . ASN A 1 100 ? -11.699 -2.851  6.558   1.00 13.71 ? 1391 ASN A O   1 
ATOM   646  C CB  . ASN A 1 100 ? -10.555 -0.958  4.072   1.00 12.35 ? 1391 ASN A CB  1 
ATOM   647  C CG  . ASN A 1 100 ? -10.736 0.448   3.552   1.00 12.51 ? 1391 ASN A CG  1 
ATOM   648  O OD1 . ASN A 1 100 ? -11.012 1.377   4.310   1.00 13.38 ? 1391 ASN A OD1 1 
ATOM   649  N ND2 . ASN A 1 100 ? -10.663 0.597   2.257   1.00 13.03 ? 1391 ASN A ND2 1 
ATOM   650  N N   . SER A 1 101 ? -9.578  -3.350  5.925   1.00 12.31 ? 1392 SER A N   1 
ATOM   651  C CA  . SER A 1 101 ? -9.712  -4.759  6.355   1.00 11.95 ? 1392 SER A CA  1 
ATOM   652  C C   . SER A 1 101 ? -10.017 -4.808  7.871   1.00 12.64 ? 1392 SER A C   1 
ATOM   653  O O   . SER A 1 101 ? -10.871 -5.592  8.326   1.00 13.20 ? 1392 SER A O   1 
ATOM   654  C CB  . SER A 1 101 ? -8.478  -5.534  5.952   1.00 11.94 ? 1392 SER A CB  1 
ATOM   655  O OG  . SER A 1 101 ? -8.594  -6.902  6.399   1.00 13.20 ? 1392 SER A OG  1 
ATOM   656  N N   . LYS A 1 102 ? -9.300  -3.998  8.657   1.00 13.00 ? 1393 LYS A N   1 
ATOM   657  C CA  . LYS A 1 102 ? -9.429  -3.953  10.141  1.00 13.26 ? 1393 LYS A CA  1 
ATOM   658  C C   . LYS A 1 102 ? -10.823 -3.465  10.564  1.00 13.48 ? 1393 LYS A C   1 
ATOM   659  O O   . LYS A 1 102 ? -11.326 -3.927  11.632  1.00 13.40 ? 1393 LYS A O   1 
ATOM   660  C CB  . LYS A 1 102 ? -8.356  -3.035  10.727  1.00 13.76 ? 1393 LYS A CB  1 
ATOM   661  C CG  . LYS A 1 102 ? -8.280  -3.023  12.252  1.00 14.31 ? 1393 LYS A CG  1 
ATOM   662  C CD  . LYS A 1 102 ? -7.055  -2.337  12.770  1.00 15.06 ? 1393 LYS A CD  1 
ATOM   663  C CE  . LYS A 1 102 ? -6.872  -2.470  14.267  1.00 15.52 ? 1393 LYS A CE  1 
ATOM   664  N NZ  . LYS A 1 102 ? -5.631  -1.797  14.723  1.00 17.30 ? 1393 LYS A NZ  1 
ATOM   665  N N   . ALA A 1 103 ? -11.442 -2.601  9.765   1.00 13.83 ? 1394 ALA A N   1 
ATOM   666  C CA  . ALA A 1 103 ? -12.781 -2.046  10.069  1.00 13.80 ? 1394 ALA A CA  1 
ATOM   667  C C   . ALA A 1 103 ? -13.871 -3.022  9.613   1.00 14.56 ? 1394 ALA A C   1 
ATOM   668  O O   . ALA A 1 103 ? -14.991 -2.999  10.182  1.00 14.80 ? 1394 ALA A O   1 
ATOM   669  C CB  . ALA A 1 103 ? -12.925 -0.692  9.408   1.00 14.26 ? 1394 ALA A CB  1 
ATOM   670  N N   . TYR A 1 104 ? -13.627 -3.832  8.592   1.00 13.32 ? 1395 TYR A N   1 
ATOM   671  C CA  . TYR A 1 104 ? -14.670 -4.753  8.078   1.00 13.89 ? 1395 TYR A CA  1 
ATOM   672  C C   . TYR A 1 104 ? -14.655 -6.084  8.846   1.00 14.33 ? 1395 TYR A C   1 
ATOM   673  O O   . TYR A 1 104 ? -15.671 -6.783  8.794   1.00 13.99 ? 1395 TYR A O   1 
ATOM   674  C CB  . TYR A 1 104 ? -14.577 -4.946  6.567   1.00 14.33 ? 1395 TYR A CB  1 
ATOM   675  C CG  . TYR A 1 104 ? -15.791 -5.648  6.016   1.00 14.97 ? 1395 TYR A CG  1 
ATOM   676  C CD1 . TYR A 1 104 ? -17.036 -5.041  6.002   1.00 15.54 ? 1395 TYR A CD1 1 
ATOM   677  C CD2 . TYR A 1 104 ? -15.702 -6.958  5.582   1.00 16.89 ? 1395 TYR A CD2 1 
ATOM   678  C CE1 . TYR A 1 104 ? -18.159 -5.711  5.549   1.00 15.64 ? 1395 TYR A CE1 1 
ATOM   679  C CE2 . TYR A 1 104 ? -16.812 -7.642  5.123   1.00 16.99 ? 1395 TYR A CE2 1 
ATOM   680  C CZ  . TYR A 1 104 ? -18.046 -7.017  5.107   1.00 15.74 ? 1395 TYR A CZ  1 
ATOM   681  O OH  . TYR A 1 104 ? -19.142 -7.688  4.659   1.00 16.97 ? 1395 TYR A OH  1 
ATOM   682  N N   . THR A 1 105 ? -13.565 -6.458  9.518   1.00 15.55 ? 1396 THR A N   1 
ATOM   683  C CA  . THR A 1 105 ? -13.447 -7.798  10.149  1.00 15.47 ? 1396 THR A CA  1 
ATOM   684  C C   . THR A 1 105 ? -14.389 -7.900  11.357  1.00 15.95 ? 1396 THR A C   1 
ATOM   685  O O   . THR A 1 105 ? -14.453 -6.989  12.186  1.00 15.77 ? 1396 THR A O   1 
ATOM   686  C CB  . THR A 1 105 ? -11.982 -8.120  10.475  1.00 15.75 ? 1396 THR A CB  1 
ATOM   687  O OG1 . THR A 1 105 ? -11.869 -9.478  10.898  1.00 15.77 ? 1396 THR A OG1 1 
ATOM   688  C CG2 . THR A 1 105 ? -11.387 -7.224  11.535  1.00 16.62 ? 1396 THR A CG2 1 
ATOM   689  N N   . PRO A 1 106 ? -15.145 -9.011  11.502  1.00 17.21 ? 1397 PRO A N   1 
ATOM   690  C CA  . PRO A 1 106 ? -15.980 -9.196  12.690  1.00 16.86 ? 1397 PRO A CA  1 
ATOM   691  C C   . PRO A 1 106 ? -15.158 -9.662  13.893  1.00 17.84 ? 1397 PRO A C   1 
ATOM   692  O O   . PRO A 1 106 ? -15.691 -9.664  14.973  1.00 17.19 ? 1397 PRO A O   1 
ATOM   693  C CB  . PRO A 1 106 ? -16.950 -10.299 12.260  1.00 18.42 ? 1397 PRO A CB  1 
ATOM   694  C CG  . PRO A 1 106 ? -16.100 -11.144 11.340  1.00 18.46 ? 1397 PRO A CG  1 
ATOM   695  C CD  . PRO A 1 106 ? -15.277 -10.136 10.559  1.00 17.33 ? 1397 PRO A CD  1 
ATOM   696  N N   . SER A 1 107 ? -13.922 -10.123 13.671  1.00 17.89 ? 1398 SER A N   1 
ATOM   697  C CA  . SER A 1 107 ? -13.023 -10.566 14.765  1.00 18.82 ? 1398 SER A CA  1 
ATOM   698  C C   . SER A 1 107 ? -11.547 -10.407 14.389  1.00 19.31 ? 1398 SER A C   1 
ATOM   699  O O   . SER A 1 107 ? -11.169 -10.412 13.185  1.00 16.55 ? 1398 SER A O   1 
ATOM   700  C CB  . SER A 1 107 ? -13.317 -11.980 15.169  1.00 21.10 ? 1398 SER A CB  1 
ATOM   701  O OG  . SER A 1 107 ? -13.027 -12.873 14.112  1.00 23.26 ? 1398 SER A OG  1 
ATOM   702  N N   . LYS A 1 108 ? -10.707 -10.346 15.419  1.00 20.95 ? 1399 LYS A N   1 
ATOM   703  C CA  . LYS A 1 108 ? -9.235  -10.358 15.262  1.00 23.65 ? 1399 LYS A CA  1 
ATOM   704  C C   . LYS A 1 108 ? -8.824  -11.734 14.720  1.00 26.54 ? 1399 LYS A C   1 
ATOM   705  O O   . LYS A 1 108 ? -7.815  -11.792 13.991  1.00 26.38 ? 1399 LYS A O   1 
ATOM   706  C CB  . LYS A 1 108 ? -8.571  -10.002 16.597  1.00 25.86 ? 1399 LYS A CB  1 
ATOM   707  C CG  . LYS A 1 108 ? -8.975  -8.652  17.191  1.00 28.08 ? 1399 LYS A CG  1 
ATOM   708  C CD  . LYS A 1 108 ? -9.150  -7.522  16.180  1.00 30.49 ? 1399 LYS A CD  1 
ATOM   709  C CE  . LYS A 1 108 ? -9.234  -6.158  16.836  1.00 32.01 ? 1399 LYS A CE  1 
ATOM   710  N NZ  . LYS A 1 108 ? -9.876  -5.150  15.956  1.00 33.53 ? 1399 LYS A NZ  1 
ATOM   711  N N   . ARG A 1 109 ? -9.611  -12.779 15.007  1.00 27.42 ? 1400 ARG A N   1 
ATOM   712  C CA  . ARG A 1 109 ? -9.333  -14.189 14.612  1.00 29.23 ? 1400 ARG A CA  1 
ATOM   713  C C   . ARG A 1 109 ? -9.986  -14.477 13.256  1.00 29.66 ? 1400 ARG A C   1 
ATOM   714  O O   . ARG A 1 109 ? -10.600 -15.546 13.088  1.00 33.10 ? 1400 ARG A O   1 
ATOM   715  C CB  . ARG A 1 109 ? -9.859  -15.162 15.672  1.00 30.32 ? 1400 ARG A CB  1 
ATOM   716  C CG  . ARG A 1 109 ? -9.317  -14.922 17.073  1.00 32.73 ? 1400 ARG A CG  1 
ATOM   717  C CD  . ARG A 1 109 ? -9.856  -15.941 18.061  1.00 33.55 ? 1400 ARG A CD  1 
ATOM   718  N NE  . ARG A 1 109 ? -9.388  -17.300 17.796  1.00 35.51 ? 1400 ARG A NE  1 
ATOM   719  C CZ  . ARG A 1 109 ? -10.019 -18.218 17.058  1.00 35.98 ? 1400 ARG A CZ  1 
ATOM   720  N NH1 . ARG A 1 109 ? -11.177 -17.950 16.475  1.00 37.54 ? 1400 ARG A NH1 1 
ATOM   721  N NH2 . ARG A 1 109 ? -9.481  -19.420 16.907  1.00 35.80 ? 1400 ARG A NH2 1 
ATOM   722  N N   . SER A 1 110 ? -9.873  -13.530 12.328  1.00 27.13 ? 1401 SER A N   1 
ATOM   723  C CA  . SER A 1 110 ? -10.358 -13.642 10.933  1.00 23.36 ? 1401 SER A CA  1 
ATOM   724  C C   . SER A 1 110 ? -9.196  -14.083 10.038  1.00 19.83 ? 1401 SER A C   1 
ATOM   725  O O   . SER A 1 110 ? -8.084  -13.553 10.199  1.00 17.71 ? 1401 SER A O   1 
ATOM   726  C CB  . SER A 1 110 ? -10.927 -12.328 10.486  1.00 24.17 ? 1401 SER A CB  1 
ATOM   727  O OG  . SER A 1 110 ? -10.980 -12.237 9.068   1.00 26.21 ? 1401 SER A OG  1 
ATOM   728  N N   . ARG A 1 111 ? -9.428  -15.028 9.132   1.00 18.26 ? 1402 ARG A N   1 
ATOM   729  C CA  . ARG A 1 111 ? -8.396  -15.437 8.153   1.00 18.64 ? 1402 ARG A CA  1 
ATOM   730  C C   . ARG A 1 111 ? -7.943  -14.192 7.385   1.00 17.18 ? 1402 ARG A C   1 
ATOM   731  O O   . ARG A 1 111 ? -6.739  -13.930 7.377   1.00 16.70 ? 1402 ARG A O   1 
ATOM   732  C CB  . ARG A 1 111 ? -8.958  -16.517 7.223   1.00 20.40 ? 1402 ARG A CB  1 
ATOM   733  C CG  . ARG A 1 111 ? -8.128  -16.774 5.975   1.00 22.09 ? 1402 ARG A CG  1 
ATOM   734  C CD  . ARG A 1 111 ? -6.873  -17.593 6.210   1.00 24.46 ? 1402 ARG A CD  1 
ATOM   735  N NE  . ARG A 1 111 ? -6.376  -18.182 4.969   1.00 28.02 ? 1402 ARG A NE  1 
ATOM   736  C CZ  . ARG A 1 111 ? -5.121  -18.163 4.528   1.00 31.45 ? 1402 ARG A CZ  1 
ATOM   737  N NH1 . ARG A 1 111 ? -4.153  -17.588 5.227   1.00 34.45 ? 1402 ARG A NH1 1 
ATOM   738  N NH2 . ARG A 1 111 ? -4.834  -18.741 3.376   1.00 30.04 ? 1402 ARG A NH2 1 
ATOM   739  N N   . ILE A 1 112 ? -8.867  -13.474 6.746   1.00 15.86 ? 1403 ILE A N   1 
ATOM   740  C CA  . ILE A 1 112 ? -8.517  -12.350 5.814   1.00 15.68 ? 1403 ILE A CA  1 
ATOM   741  C C   . ILE A 1 112 ? -7.867  -11.209 6.609   1.00 15.06 ? 1403 ILE A C   1 
ATOM   742  O O   . ILE A 1 112 ? -6.850  -10.639 6.152   1.00 13.96 ? 1403 ILE A O   1 
ATOM   743  C CB  . ILE A 1 112 ? -9.739  -11.910 4.979   1.00 16.82 ? 1403 ILE A CB  1 
ATOM   744  C CG1 . ILE A 1 112 ? -10.041 -12.949 3.894   1.00 17.27 ? 1403 ILE A CG1 1 
ATOM   745  C CG2 . ILE A 1 112 ? -9.543  -10.510 4.397   1.00 17.94 ? 1403 ILE A CG2 1 
ATOM   746  C CD1 . ILE A 1 112 ? -11.372 -12.777 3.187   1.00 18.56 ? 1403 ILE A CD1 1 
ATOM   747  N N   . TYR A 1 113 ? -8.328  -10.942 7.827   1.00 13.20 ? 1404 TYR A N   1 
ATOM   748  C CA  . TYR A 1 113 ? -7.704  -9.902  8.673   1.00 13.43 ? 1404 TYR A CA  1 
ATOM   749  C C   . TYR A 1 113 ? -6.282  -10.343 9.017   1.00 13.70 ? 1404 TYR A C   1 
ATOM   750  O O   . TYR A 1 113 ? -5.379  -9.512  8.926   1.00 14.16 ? 1404 TYR A O   1 
ATOM   751  C CB  . TYR A 1 113 ? -8.542  -9.648  9.927   1.00 14.29 ? 1404 TYR A CB  1 
ATOM   752  C CG  . TYR A 1 113 ? -7.939  -8.604  10.823  1.00 13.74 ? 1404 TYR A CG  1 
ATOM   753  C CD1 . TYR A 1 113 ? -7.614  -7.344  10.339  1.00 14.90 ? 1404 TYR A CD1 1 
ATOM   754  C CD2 . TYR A 1 113 ? -7.684  -8.874  12.161  1.00 14.33 ? 1404 TYR A CD2 1 
ATOM   755  C CE1 . TYR A 1 113 ? -7.041  -6.383  11.162  1.00 15.21 ? 1404 TYR A CE1 1 
ATOM   756  C CE2 . TYR A 1 113 ? -7.124  -7.925  12.993  1.00 15.83 ? 1404 TYR A CE2 1 
ATOM   757  C CZ  . TYR A 1 113 ? -6.809  -6.674  12.496  1.00 15.14 ? 1404 TYR A CZ  1 
ATOM   758  O OH  . TYR A 1 113 ? -6.245  -5.760  13.336  1.00 16.37 ? 1404 TYR A OH  1 
ATOM   759  N N   A SER A 1 114 ? -6.079  -11.601 9.417   0.30 14.63 ? 1405 SER A N   1 
ATOM   760  N N   B SER A 1 114 ? -6.075  -11.585 9.430   0.30 14.30 ? 1405 SER A N   1 
ATOM   761  C CA  A SER A 1 114 ? -4.724  -12.122 9.745   0.30 14.97 ? 1405 SER A CA  1 
ATOM   762  C CA  B SER A 1 114 ? -4.717  -12.105 9.735   0.30 14.49 ? 1405 SER A CA  1 
ATOM   763  C C   A SER A 1 114 ? -3.798  -12.031 8.522   0.30 13.34 ? 1405 SER A C   1 
ATOM   764  C C   B SER A 1 114 ? -3.795  -11.994 8.514   0.30 12.99 ? 1405 SER A C   1 
ATOM   765  O O   A SER A 1 114 ? -2.594  -11.812 8.703   0.30 12.81 ? 1405 SER A O   1 
ATOM   766  O O   B SER A 1 114 ? -2.593  -11.763 8.696   0.30 12.55 ? 1405 SER A O   1 
ATOM   767  C CB  A SER A 1 114 ? -4.752  -13.534 10.298  0.30 15.90 ? 1405 SER A CB  1 
ATOM   768  C CB  B SER A 1 114 ? -4.759  -13.523 10.207  0.30 15.14 ? 1405 SER A CB  1 
ATOM   769  O OG  A SER A 1 114 ? -4.989  -14.515 9.294   0.30 16.22 ? 1405 SER A OG  1 
ATOM   770  O OG  B SER A 1 114 ? -5.418  -13.602 11.460  0.30 15.39 ? 1405 SER A OG  1 
ATOM   771  N N   . MET A 1 115 ? -4.324  -12.231 7.318   1.00 12.45 ? 1406 MET A N   1 
ATOM   772  C CA  . MET A 1 115 ? -3.543  -12.094 6.062   1.00 12.00 ? 1406 MET A CA  1 
ATOM   773  C C   . MET A 1 115 ? -3.145  -10.619 5.914   1.00 11.59 ? 1406 MET A C   1 
ATOM   774  O O   . MET A 1 115 ? -1.969  -10.332 5.609   1.00 11.42 ? 1406 MET A O   1 
ATOM   775  C CB  . MET A 1 115 ? -4.356  -12.571 4.859   1.00 12.33 ? 1406 MET A CB  1 
ATOM   776  C CG  . MET A 1 115 ? -4.721  -14.043 4.944   1.00 12.79 ? 1406 MET A CG  1 
ATOM   777  S SD  . MET A 1 115 ? -5.900  -14.585 3.704   1.00 15.56 ? 1406 MET A SD  1 
ATOM   778  C CE  . MET A 1 115 ? -4.765  -14.616 2.350   1.00 14.28 ? 1406 MET A CE  1 
ATOM   779  N N   . SER A 1 116 ? -4.065  -9.705  6.188   1.00 11.18 ? 1407 SER A N   1 
ATOM   780  C CA  . SER A 1 116 ? -3.785  -8.253  6.097   1.00 11.21 ? 1407 SER A CA  1 
ATOM   781  C C   . SER A 1 116 ? -2.666  -7.871  7.078   1.00 10.82 ? 1407 SER A C   1 
ATOM   782  O O   . SER A 1 116 ? -1.835  -7.046  6.741   1.00 11.45 ? 1407 SER A O   1 
ATOM   783  C CB  . SER A 1 116 ? -5.027  -7.402  6.296   1.00 11.66 ? 1407 SER A CB  1 
ATOM   784  O OG  . SER A 1 116 ? -5.338  -7.178  7.665   1.00 12.03 ? 1407 SER A OG  1 
ATOM   785  N N   . LEU A 1 117 ? -2.630  -8.462  8.272   1.00 11.55 ? 1408 LEU A N   1 
ATOM   786  C CA  . LEU A 1 117 ? -1.645  -8.032  9.295   1.00 11.98 ? 1408 LEU A CA  1 
ATOM   787  C C   . LEU A 1 117 ? -0.241  -8.518  8.905   1.00 11.37 ? 1408 LEU A C   1 
ATOM   788  O O   . LEU A 1 117 ? 0.717   -7.780  9.129   1.00 11.94 ? 1408 LEU A O   1 
ATOM   789  C CB  . LEU A 1 117 ? -2.059  -8.524  10.682  1.00 13.05 ? 1408 LEU A CB  1 
ATOM   790  C CG  . LEU A 1 117 ? -3.385  -7.999  11.237  1.00 13.71 ? 1408 LEU A CG  1 
ATOM   791  C CD1 . LEU A 1 117 ? -3.678  -8.636  12.586  1.00 14.77 ? 1408 LEU A CD1 1 
ATOM   792  C CD2 . LEU A 1 117 ? -3.410  -6.478  11.339  1.00 14.24 ? 1408 LEU A CD2 1 
ATOM   793  N N   . ARG A 1 118 ? -0.100  -9.741  8.375   1.00 11.53 ? 1409 ARG A N   1 
ATOM   794  C CA  . ARG A 1 118 ? 1.230   -10.200 7.900   1.00 11.38 ? 1409 ARG A CA  1 
ATOM   795  C C   . ARG A 1 118 ? 1.648   -9.339  6.716   1.00 11.76 ? 1409 ARG A C   1 
ATOM   796  O O   . ARG A 1 118 ? 2.832   -8.933  6.610   1.00 12.01 ? 1409 ARG A O   1 
ATOM   797  C CB  . ARG A 1 118 ? 1.191   -11.661 7.482   1.00 11.73 ? 1409 ARG A CB  1 
ATOM   798  C CG  . ARG A 1 118 ? 1.050   -12.636 8.659   1.00 12.98 ? 1409 ARG A CG  1 
ATOM   799  C CD  . ARG A 1 118 ? 1.201   -14.095 8.237   1.00 13.11 ? 1409 ARG A CD  1 
ATOM   800  N NE  . ARG A 1 118 ? 0.209   -14.546 7.300   1.00 13.09 ? 1409 ARG A NE  1 
ATOM   801  C CZ  . ARG A 1 118 ? -0.881  -15.229 7.581   1.00 15.20 ? 1409 ARG A CZ  1 
ATOM   802  N NH1 . ARG A 1 118 ? -1.182  -15.544 8.828   1.00 17.09 ? 1409 ARG A NH1 1 
ATOM   803  N NH2 . ARG A 1 118 ? -1.700  -15.580 6.590   1.00 17.80 ? 1409 ARG A NH2 1 
ATOM   804  N N   . LEU A 1 119 ? 0.745   -9.073  5.778   1.00 11.16 ? 1410 LEU A N   1 
ATOM   805  C CA  . LEU A 1 119 ? 1.125   -8.294  4.593   1.00 11.31 ? 1410 LEU A CA  1 
ATOM   806  C C   . LEU A 1 119 ? 1.521   -6.853  4.950   1.00 10.96 ? 1410 LEU A C   1 
ATOM   807  O O   . LEU A 1 119 ? 2.472   -6.312  4.352   1.00 11.94 ? 1410 LEU A O   1 
ATOM   808  C CB  . LEU A 1 119 ? -0.012  -8.328  3.579   1.00 13.14 ? 1410 LEU A CB  1 
ATOM   809  C CG  . LEU A 1 119 ? 0.353   -7.925  2.157   1.00 13.62 ? 1410 LEU A CG  1 
ATOM   810  C CD1 . LEU A 1 119 ? 1.328   -8.920  1.520   1.00 15.59 ? 1410 LEU A CD1 1 
ATOM   811  C CD2 . LEU A 1 119 ? -0.889  -7.856  1.305   1.00 13.29 ? 1410 LEU A CD2 1 
ATOM   812  N N   . SER A 1 120 ? 0.827   -6.279  5.935   1.00 10.61 ? 1411 SER A N   1 
ATOM   813  C CA  . SER A 1 120 ? 1.155   -4.925  6.410   1.00 11.44 ? 1411 SER A CA  1 
ATOM   814  C C   . SER A 1 120 ? 2.574   -4.934  6.975   1.00 11.54 ? 1411 SER A C   1 
ATOM   815  O O   . SER A 1 120 ? 3.343   -3.971  6.764   1.00 11.80 ? 1411 SER A O   1 
ATOM   816  C CB  . SER A 1 120 ? 0.133   -4.517  7.451   1.00 11.50 ? 1411 SER A CB  1 
ATOM   817  O OG  . SER A 1 120 ? 0.522   -3.269  8.066   1.00 13.29 ? 1411 SER A OG  1 
ATOM   818  N N   . ALA A 1 121 ? 2.926   -5.928  7.823   1.00 11.48 ? 1412 ALA A N   1 
ATOM   819  C CA  . ALA A 1 121 ? 4.289   -5.981  8.398   1.00 12.21 ? 1412 ALA A CA  1 
ATOM   820  C C   . ALA A 1 121 ? 5.341   -6.044  7.296   1.00 11.16 ? 1412 ALA A C   1 
ATOM   821  O O   . ALA A 1 121 ? 6.367   -5.371  7.358   1.00 11.77 ? 1412 ALA A O   1 
ATOM   822  C CB  . ALA A 1 121 ? 4.443   -7.171  9.329   1.00 12.71 ? 1412 ALA A CB  1 
ATOM   823  N N   . PHE A 1 122 ? 5.069   -6.863  6.287   1.00 11.28 ? 1413 PHE A N   1 
ATOM   824  C CA  . PHE A 1 122 ? 5.986   -6.984  5.118   1.00 11.08 ? 1413 PHE A CA  1 
ATOM   825  C C   . PHE A 1 122 ? 6.140   -5.644  4.393   1.00 11.56 ? 1413 PHE A C   1 
ATOM   826  O O   . PHE A 1 122 ? 7.260   -5.194  4.076   1.00 11.72 ? 1413 PHE A O   1 
ATOM   827  C CB  . PHE A 1 122 ? 5.499   -8.090  4.185   1.00 11.06 ? 1413 PHE A CB  1 
ATOM   828  C CG  . PHE A 1 122 ? 6.313   -8.240  2.941   1.00 12.12 ? 1413 PHE A CG  1 
ATOM   829  C CD1 . PHE A 1 122 ? 7.505   -8.951  2.953   1.00 15.83 ? 1413 PHE A CD1 1 
ATOM   830  C CD2 . PHE A 1 122 ? 5.907   -7.659  1.742   1.00 13.20 ? 1413 PHE A CD2 1 
ATOM   831  C CE1 . PHE A 1 122 ? 8.305   -9.029  1.812   1.00 16.25 ? 1413 PHE A CE1 1 
ATOM   832  C CE2 . PHE A 1 122 ? 6.677   -7.805  0.589   1.00 16.06 ? 1413 PHE A CE2 1 
ATOM   833  C CZ  . PHE A 1 122 ? 7.861   -8.517  0.619   1.00 17.09 ? 1413 PHE A CZ  1 
ATOM   834  N N   . PHE A 1 123 ? 4.998   -5.004  4.096   1.00 11.15 ? 1414 PHE A N   1 
ATOM   835  C CA  . PHE A 1 123 ? 5.002   -3.699  3.425   1.00 10.73 ? 1414 PHE A CA  1 
ATOM   836  C C   . PHE A 1 123 ? 5.792   -2.670  4.226   1.00 11.56 ? 1414 PHE A C   1 
ATOM   837  O O   . PHE A 1 123 ? 6.637   -1.951  3.660   1.00 11.79 ? 1414 PHE A O   1 
ATOM   838  C CB  . PHE A 1 123 ? 3.560   -3.222  3.184   1.00 11.32 ? 1414 PHE A CB  1 
ATOM   839  C CG  . PHE A 1 123 ? 3.470   -1.829  2.580   1.00 11.90 ? 1414 PHE A CG  1 
ATOM   840  C CD1 . PHE A 1 123 ? 3.808   -1.586  1.261   1.00 12.02 ? 1414 PHE A CD1 1 
ATOM   841  C CD2 . PHE A 1 123 ? 3.147   -0.739  3.392   1.00 12.66 ? 1414 PHE A CD2 1 
ATOM   842  C CE1 . PHE A 1 123 ? 3.794   -0.270  0.774   1.00 12.23 ? 1414 PHE A CE1 1 
ATOM   843  C CE2 . PHE A 1 123 ? 3.142   0.558   2.890   1.00 13.06 ? 1414 PHE A CE2 1 
ATOM   844  C CZ  . PHE A 1 123 ? 3.444   0.757   1.591   1.00 13.32 ? 1414 PHE A CZ  1 
ATOM   845  N N   . GLU A 1 124 ? 5.493   -2.552  5.526   1.00 10.68 ? 1415 GLU A N   1 
ATOM   846  C CA  . GLU A 1 124 ? 6.156   -1.526  6.345   1.00 11.76 ? 1415 GLU A CA  1 
ATOM   847  C C   . GLU A 1 124 ? 7.670   -1.761  6.389   1.00 12.50 ? 1415 GLU A C   1 
ATOM   848  O O   . GLU A 1 124 ? 8.469   -0.819  6.379   1.00 13.73 ? 1415 GLU A O   1 
ATOM   849  C CB  . GLU A 1 124 ? 5.537   -1.474  7.753   1.00 12.60 ? 1415 GLU A CB  1 
ATOM   850  C CG  . GLU A 1 124 ? 4.082   -0.944  7.756   1.00 13.48 ? 1415 GLU A CG  1 
ATOM   851  C CD  . GLU A 1 124 ? 3.864   0.503   7.318   1.00 14.92 ? 1415 GLU A CD  1 
ATOM   852  O OE1 . GLU A 1 124 ? 4.830   1.319   7.463   1.00 16.81 ? 1415 GLU A OE1 1 
ATOM   853  O OE2 . GLU A 1 124 ? 2.784   0.806   6.780   1.00 14.69 ? 1415 GLU A OE2 1 
ATOM   854  N N   . GLU A 1 125 ? 8.095   -3.020  6.480   1.00 12.22 ? 1416 GLU A N   1 
ATOM   855  C CA  . GLU A 1 125 ? 9.541   -3.355  6.547   1.00 13.09 ? 1416 GLU A CA  1 
ATOM   856  C C   . GLU A 1 125 ? 10.224  -2.859  5.284   1.00 13.01 ? 1416 GLU A C   1 
ATOM   857  O O   . GLU A 1 125 ? 11.362  -2.385  5.348   1.00 15.01 ? 1416 GLU A O   1 
ATOM   858  C CB  . GLU A 1 125 ? 9.589   -4.885  6.652   1.00 12.92 ? 1416 GLU A CB  1 
ATOM   859  C CG  . GLU A 1 125 ? 10.993  -5.488  6.553   1.00 13.66 ? 1416 GLU A CG  1 
ATOM   860  C CD  . GLU A 1 125 ? 10.887  -7.009  6.737   1.00 14.60 ? 1416 GLU A CD  1 
ATOM   861  O OE1 . GLU A 1 125 ? 10.508  -7.469  7.870   1.00 15.76 ? 1416 GLU A OE1 1 
ATOM   862  O OE2 . GLU A 1 125 ? 11.065  -7.755  5.754   1.00 16.29 ? 1416 GLU A OE2 1 
ATOM   863  N N   . HIS A 1 126 ? 9.574   -2.946  4.138   1.00 12.76 ? 1417 HIS A N   1 
ATOM   864  C CA  . HIS A 1 126 ? 10.169  -2.607  2.823   1.00 14.69 ? 1417 HIS A CA  1 
ATOM   865  C C   . HIS A 1 126 ? 9.995   -1.123  2.419   1.00 14.51 ? 1417 HIS A C   1 
ATOM   866  O O   . HIS A 1 126 ? 10.894  -0.584  1.753   1.00 17.24 ? 1417 HIS A O   1 
ATOM   867  C CB  . HIS A 1 126 ? 9.642   -3.552  1.728   1.00 15.42 ? 1417 HIS A CB  1 
ATOM   868  C CG  . HIS A 1 126 ? 10.252  -4.912  1.810   1.00 18.79 ? 1417 HIS A CG  1 
ATOM   869  N ND1 . HIS A 1 126 ? 9.914   -5.870  2.735   1.00 19.30 ? 1417 HIS A ND1 1 
ATOM   870  C CD2 . HIS A 1 126 ? 11.111  -5.485  0.947   1.00 24.65 ? 1417 HIS A CD2 1 
ATOM   871  C CE1 . HIS A 1 126 ? 10.724  -6.912  2.555   1.00 21.11 ? 1417 HIS A CE1 1 
ATOM   872  N NE2 . HIS A 1 126 ? 11.341  -6.759  1.403   1.00 27.83 ? 1417 HIS A NE2 1 
ATOM   873  N N   . ILE A 1 127 ? 8.903   -0.473  2.824   1.00 13.24 ? 1418 ILE A N   1 
ATOM   874  C CA  . ILE A 1 127 ? 8.661   0.935   2.422   1.00 12.59 ? 1418 ILE A CA  1 
ATOM   875  C C   . ILE A 1 127 ? 9.525   1.925   3.201   1.00 12.74 ? 1418 ILE A C   1 
ATOM   876  O O   . ILE A 1 127 ? 9.764   3.045   2.717   1.00 12.51 ? 1418 ILE A O   1 
ATOM   877  C CB  . ILE A 1 127 ? 7.158   1.293   2.525   1.00 12.37 ? 1418 ILE A CB  1 
ATOM   878  C CG1 . ILE A 1 127 ? 6.733   2.446   1.584   1.00 13.05 ? 1418 ILE A CG1 1 
ATOM   879  C CG2 . ILE A 1 127 ? 6.727   1.600   3.938   1.00 13.55 ? 1418 ILE A CG2 1 
ATOM   880  C CD1 . ILE A 1 127 ? 6.896   2.176   0.146   1.00 14.60 ? 1418 ILE A CD1 1 
ATOM   881  N N   A SER A 1 128 ? 10.003  1.554   4.389   0.25 12.97 ? 1419 SER A N   1 
ATOM   882  N N   B SER A 1 128 ? 9.993   1.512   4.384   0.25 13.05 ? 1419 SER A N   1 
ATOM   883  C CA  A SER A 1 128 ? 10.729  2.506   5.269   0.25 13.15 ? 1419 SER A CA  1 
ATOM   884  C CA  B SER A 1 128 ? 10.798  2.359   5.301   0.25 13.43 ? 1419 SER A CA  1 
ATOM   885  C C   A SER A 1 128 ? 11.966  3.093   4.551   0.25 13.25 ? 1419 SER A C   1 
ATOM   886  C C   B SER A 1 128 ? 11.938  3.059   4.544   0.25 13.50 ? 1419 SER A C   1 
ATOM   887  O O   A SER A 1 128 ? 12.159  4.325   4.637   0.25 13.07 ? 1419 SER A O   1 
ATOM   888  O O   B SER A 1 128 ? 12.036  4.303   4.627   0.25 13.68 ? 1419 SER A O   1 
ATOM   889  C CB  A SER A 1 128 ? 11.050  1.858   6.595   0.25 13.78 ? 1419 SER A CB  1 
ATOM   890  C CB  B SER A 1 128 ? 11.322  1.539   6.465   0.25 14.11 ? 1419 SER A CB  1 
ATOM   891  O OG  A SER A 1 128 ? 11.803  0.683   6.383   0.25 15.97 ? 1419 SER A OG  1 
ATOM   892  O OG  B SER A 1 128 ? 12.169  2.340   7.275   0.25 17.33 ? 1419 SER A OG  1 
ATOM   893  N N   . SER A 1 129 ? 12.765  2.294   3.850   1.00 12.84 ? 1420 SER A N   1 
ATOM   894  C CA  . SER A 1 129 ? 13.948  2.848   3.153   1.00 14.74 ? 1420 SER A CA  1 
ATOM   895  C C   . SER A 1 129 ? 13.524  3.708   1.942   1.00 13.33 ? 1420 SER A C   1 
ATOM   896  O O   . SER A 1 129 ? 14.217  4.666   1.634   1.00 13.49 ? 1420 SER A O   1 
ATOM   897  C CB  . SER A 1 129 ? 14.897  1.780   2.732   1.00 16.52 ? 1420 SER A CB  1 
ATOM   898  O OG  . SER A 1 129 ? 14.322  0.842   1.864   1.00 22.29 ? 1420 SER A OG  1 
ATOM   899  N N   . VAL A 1 130 ? 12.431  3.325   1.281   1.00 11.68 ? 1421 VAL A N   1 
ATOM   900  C CA  . VAL A 1 130 ? 11.929  4.098   0.119   1.00 11.82 ? 1421 VAL A CA  1 
ATOM   901  C C   . VAL A 1 130 ? 11.595  5.498   0.595   1.00 11.52 ? 1421 VAL A C   1 
ATOM   902  O O   . VAL A 1 130 ? 11.983  6.518   -0.060  1.00 12.03 ? 1421 VAL A O   1 
ATOM   903  C CB  . VAL A 1 130 ? 10.738  3.416   -0.526  1.00 11.33 ? 1421 VAL A CB  1 
ATOM   904  C CG1 . VAL A 1 130 ? 10.191  4.264   -1.655  1.00 11.70 ? 1421 VAL A CG1 1 
ATOM   905  C CG2 . VAL A 1 130 ? 11.071  2.009   -1.006  1.00 12.74 ? 1421 VAL A CG2 1 
ATOM   906  N N   . LEU A 1 131 ? 10.823  5.614   1.675   1.00 11.91 ? 1422 LEU A N   1 
ATOM   907  C CA  . LEU A 1 131 ? 10.450  6.936   2.223   1.00 12.12 ? 1422 LEU A CA  1 
ATOM   908  C C   . LEU A 1 131 ? 11.670  7.716   2.689   1.00 11.47 ? 1422 LEU A C   1 
ATOM   909  O O   . LEU A 1 131 ? 11.776  8.904   2.413   1.00 12.50 ? 1422 LEU A O   1 
ATOM   910  C CB  . LEU A 1 131 ? 9.458   6.777   3.398   1.00 12.36 ? 1422 LEU A CB  1 
ATOM   911  C CG  . LEU A 1 131 ? 8.111   6.145   3.046   1.00 13.21 ? 1422 LEU A CG  1 
ATOM   912  C CD1 . LEU A 1 131 ? 7.339   5.742   4.301   1.00 15.24 ? 1422 LEU A CD1 1 
ATOM   913  C CD2 . LEU A 1 131 ? 7.305   7.105   2.184   1.00 15.46 ? 1422 LEU A CD2 1 
ATOM   914  N N   A SER A 1 132 ? 12.539  7.088   3.469   0.40 11.81 ? 1423 SER A N   1 
ATOM   915  N N   B SER A 1 132 ? 12.568  7.058   3.418   0.10 12.47 ? 1423 SER A N   1 
ATOM   916  C CA  A SER A 1 132 ? 13.743  7.787   3.979   0.40 12.08 ? 1423 SER A CA  1 
ATOM   917  C CA  B SER A 1 132 ? 13.776  7.695   4.000   0.10 12.94 ? 1423 SER A CA  1 
ATOM   918  C C   A SER A 1 132 ? 14.570  8.319   2.806   0.40 12.25 ? 1423 SER A C   1 
ATOM   919  C C   B SER A 1 132 ? 14.673  8.246   2.883   0.10 12.89 ? 1423 SER A C   1 
ATOM   920  O O   A SER A 1 132 ? 15.005  9.489   2.880   0.40 12.16 ? 1423 SER A O   1 
ATOM   921  O O   B SER A 1 132 ? 15.201  9.366   3.023   0.10 13.00 ? 1423 SER A O   1 
ATOM   922  C CB  A SER A 1 132 ? 14.595  6.878   4.834   0.40 12.99 ? 1423 SER A CB  1 
ATOM   923  C CB  B SER A 1 132 ? 14.512  6.717   4.868   0.10 13.56 ? 1423 SER A CB  1 
ATOM   924  O OG  A SER A 1 132 ? 13.914  6.468   5.996   0.40 14.06 ? 1423 SER A OG  1 
ATOM   925  O OG  B SER A 1 132 ? 15.502  7.386   5.624   0.10 14.70 ? 1423 SER A OG  1 
ATOM   926  N N   . ASP A 1 133 ? 14.865  7.478   1.813   1.00 12.64 ? 1424 ASP A N   1 
ATOM   927  C CA  . ASP A 1 133 ? 15.700  7.934   0.676   1.00 12.43 ? 1424 ASP A CA  1 
ATOM   928  C C   . ASP A 1 133 ? 15.061  9.100   -0.077  1.00 12.23 ? 1424 ASP A C   1 
ATOM   929  O O   . ASP A 1 133 ? 15.749  10.067  -0.425  1.00 12.96 ? 1424 ASP A O   1 
ATOM   930  C CB  . ASP A 1 133 ? 16.017  6.796   -0.279  1.00 14.12 ? 1424 ASP A CB  1 
ATOM   931  C CG  . ASP A 1 133 ? 16.991  5.732   0.183   1.00 17.63 ? 1424 ASP A CG  1 
ATOM   932  O OD1 . ASP A 1 133 ? 17.488  5.790   1.336   1.00 18.48 ? 1424 ASP A OD1 1 
ATOM   933  O OD2 . ASP A 1 133 ? 17.267  4.835   -0.651  1.00 23.07 ? 1424 ASP A OD2 1 
ATOM   934  N N   . TYR A 1 134 ? 13.744  9.037   -0.280  1.00 11.18 ? 1425 TYR A N   1 
ATOM   935  C CA  . TYR A 1 134 ? 13.053  10.110  -1.001  1.00 11.15 ? 1425 TYR A CA  1 
ATOM   936  C C   . TYR A 1 134 ? 13.180  11.392  -0.217  1.00 11.53 ? 1425 TYR A C   1 
ATOM   937  O O   . TYR A 1 134 ? 13.472  12.470  -0.751  1.00 12.30 ? 1425 TYR A O   1 
ATOM   938  C CB  . TYR A 1 134 ? 11.587  9.728   -1.263  1.00 11.41 ? 1425 TYR A CB  1 
ATOM   939  C CG  . TYR A 1 134 ? 10.796  10.845  -1.867  1.00 11.71 ? 1425 TYR A CG  1 
ATOM   940  C CD1 . TYR A 1 134 ? 10.904  11.140  -3.210  1.00 13.07 ? 1425 TYR A CD1 1 
ATOM   941  C CD2 . TYR A 1 134 ? 10.000  11.660  -1.079  1.00 13.43 ? 1425 TYR A CD2 1 
ATOM   942  C CE1 . TYR A 1 134 ? 10.186  12.178  -3.796  1.00 14.15 ? 1425 TYR A CE1 1 
ATOM   943  C CE2 . TYR A 1 134 ? 9.258   12.676  -1.638  1.00 14.67 ? 1425 TYR A CE2 1 
ATOM   944  C CZ  . TYR A 1 134 ? 9.377   12.940  -2.975  1.00 13.88 ? 1425 TYR A CZ  1 
ATOM   945  O OH  . TYR A 1 134 ? 8.635   13.949  -3.571  1.00 18.82 ? 1425 TYR A OH  1 
ATOM   946  N N   . LYS A 1 135 ? 12.873  11.316  1.091   1.00 12.07 ? 1426 LYS A N   1 
ATOM   947  C CA  . LYS A 1 135 ? 12.851  12.560  1.885   1.00 11.87 ? 1426 LYS A CA  1 
ATOM   948  C C   . LYS A 1 135 ? 14.266  13.161  1.962   1.00 11.57 ? 1426 LYS A C   1 
ATOM   949  O O   . LYS A 1 135 ? 14.419  14.370  1.935   1.00 11.64 ? 1426 LYS A O   1 
ATOM   950  C CB  . LYS A 1 135 ? 12.227  12.319  3.282   1.00 12.91 ? 1426 LYS A CB  1 
ATOM   951  C CG  . LYS A 1 135 ? 10.747  11.917  3.193   1.00 13.64 ? 1426 LYS A CG  1 
ATOM   952  C CD  . LYS A 1 135 ? 10.146  11.599  4.582   1.00 15.32 ? 1426 LYS A CD  1 
ATOM   953  C CE  . LYS A 1 135 ? 8.643   11.389  4.525   1.00 17.91 ? 1426 LYS A CE  1 
ATOM   954  N NZ  . LYS A 1 135 ? 8.024   11.359  5.881   1.00 22.85 ? 1426 LYS A NZ  1 
ATOM   955  N N   A SER A 1 136 ? 15.271  12.313  2.083   0.40 11.36 ? 1427 SER A N   1 
ATOM   956  N N   B SER A 1 136 ? 15.294  12.324  2.044   0.10 11.73 ? 1427 SER A N   1 
ATOM   957  C CA  A SER A 1 136 ? 16.696  12.738  2.073   0.40 12.69 ? 1427 SER A CA  1 
ATOM   958  C CA  B SER A 1 136 ? 16.700  12.801  2.096   0.10 12.13 ? 1427 SER A CA  1 
ATOM   959  C C   A SER A 1 136 ? 17.035  13.428  0.742   0.40 12.85 ? 1427 SER A C   1 
ATOM   960  C C   B SER A 1 136 ? 17.124  13.374  0.733   0.10 12.55 ? 1427 SER A C   1 
ATOM   961  O O   A SER A 1 136 ? 17.666  14.495  0.741   0.40 11.50 ? 1427 SER A O   1 
ATOM   962  O O   B SER A 1 136 ? 17.928  14.321  0.724   0.10 12.38 ? 1427 SER A O   1 
ATOM   963  C CB  A SER A 1 136 ? 17.570  11.551  2.320   0.40 13.35 ? 1427 SER A CB  1 
ATOM   964  C CB  B SER A 1 136 ? 17.618  11.722  2.587   0.10 12.08 ? 1427 SER A CB  1 
ATOM   965  O OG  A SER A 1 136 ? 18.917  11.816  1.935   0.40 17.63 ? 1427 SER A OG  1 
ATOM   966  O OG  B SER A 1 136 ? 17.575  10.586  1.745   0.10 12.54 ? 1427 SER A OG  1 
ATOM   967  N N   . ALA A 1 137 ? 16.580  12.867  -0.381  1.00 13.04 ? 1428 ALA A N   1 
ATOM   968  C CA  . ALA A 1 137 ? 16.835  13.424  -1.726  1.00 13.27 ? 1428 ALA A CA  1 
ATOM   969  C C   . ALA A 1 137 ? 16.204  14.790  -1.839  1.00 13.61 ? 1428 ALA A C   1 
ATOM   970  O O   . ALA A 1 137 ? 16.816  15.732  -2.397  1.00 14.80 ? 1428 ALA A O   1 
ATOM   971  C CB  . ALA A 1 137 ? 16.276  12.526  -2.807  1.00 14.67 ? 1428 ALA A CB  1 
ATOM   972  N N   . LEU A 1 138 ? 14.974  14.963  -1.352  1.00 13.55 ? 1429 LEU A N   1 
ATOM   973  C CA  . LEU A 1 138 ? 14.318  16.283  -1.433  1.00 14.41 ? 1429 LEU A CA  1 
ATOM   974  C C   . LEU A 1 138 ? 15.128  17.249  -0.575  1.00 12.87 ? 1429 LEU A C   1 
ATOM   975  O O   . LEU A 1 138 ? 15.397  18.329  -1.088  1.00 13.15 ? 1429 LEU A O   1 
ATOM   976  C CB  . LEU A 1 138 ? 12.847  16.235  -1.019  1.00 16.18 ? 1429 LEU A CB  1 
ATOM   977  C CG  . LEU A 1 138 ? 11.878  15.862  -2.136  1.00 17.27 ? 1429 LEU A CG  1 
ATOM   978  C CD1 . LEU A 1 138 ? 10.457  16.112  -1.683  1.00 17.41 ? 1429 LEU A CD1 1 
ATOM   979  C CD2 . LEU A 1 138 ? 12.175  16.627  -3.422  1.00 18.54 ? 1429 LEU A CD2 1 
ATOM   980  N N   . ARG A 1 139 ? 15.534  16.855  0.651   1.00 12.40 ? 1430 ARG A N   1 
ATOM   981  C CA  . ARG A 1 139 ? 16.297  17.779  1.507   1.00 12.54 ? 1430 ARG A CA  1 
ATOM   982  C C   . ARG A 1 139 ? 17.599  18.173  0.788   1.00 11.56 ? 1430 ARG A C   1 
ATOM   983  O O   . ARG A 1 139 ? 17.965  19.386  0.818   1.00 13.51 ? 1430 ARG A O   1 
ATOM   984  C CB  . ARG A 1 139 ? 16.590  17.209  2.881   1.00 12.65 ? 1430 ARG A CB  1 
ATOM   985  C CG  . ARG A 1 139 ? 15.357  17.037  3.764   1.00 13.40 ? 1430 ARG A CG  1 
ATOM   986  C CD  . ARG A 1 139 ? 15.756  16.605  5.171   1.00 13.08 ? 1430 ARG A CD  1 
ATOM   987  N NE  . ARG A 1 139 ? 16.359  15.301  5.297   1.00 12.91 ? 1430 ARG A NE  1 
ATOM   988  C CZ  . ARG A 1 139 ? 15.739  14.130  5.563   1.00 12.33 ? 1430 ARG A CZ  1 
ATOM   989  N NH1 . ARG A 1 139 ? 14.409  14.085  5.632   1.00 14.13 ? 1430 ARG A NH1 1 
ATOM   990  N NH2 . ARG A 1 139 ? 16.442  13.033  5.766   1.00 13.46 ? 1430 ARG A NH2 1 
ATOM   991  N N   . PHE A 1 140 ? 18.281  17.247  0.131   1.00 11.09 ? 1431 PHE A N   1 
ATOM   992  C CA  . PHE A 1 140 ? 19.522  17.587  -0.603  1.00 12.29 ? 1431 PHE A CA  1 
ATOM   993  C C   . PHE A 1 140 ? 19.248  18.589  -1.741  1.00 11.69 ? 1431 PHE A C   1 
ATOM   994  O O   . PHE A 1 140 ? 19.939  19.567  -1.935  1.00 13.30 ? 1431 PHE A O   1 
ATOM   995  C CB  . PHE A 1 140 ? 20.184  16.319  -1.115  1.00 12.36 ? 1431 PHE A CB  1 
ATOM   996  C CG  . PHE A 1 140 ? 21.549  16.557  -1.704  1.00 13.83 ? 1431 PHE A CG  1 
ATOM   997  C CD1 . PHE A 1 140 ? 22.662  16.711  -0.873  1.00 15.14 ? 1431 PHE A CD1 1 
ATOM   998  C CD2 . PHE A 1 140 ? 21.739  16.681  -3.065  1.00 15.06 ? 1431 PHE A CD2 1 
ATOM   999  C CE1 . PHE A 1 140 ? 23.931  16.919  -1.420  1.00 15.64 ? 1431 PHE A CE1 1 
ATOM   1000 C CE2 . PHE A 1 140 ? 23.006  16.903  -3.604  1.00 17.29 ? 1431 PHE A CE2 1 
ATOM   1001 C CZ  . PHE A 1 140 ? 24.096  17.015  -2.780  1.00 16.92 ? 1431 PHE A CZ  1 
ATOM   1002 N N   . HIS A 1 141 ? 18.118  18.411  -2.428  1.00 13.89 ? 1432 HIS A N   1 
ATOM   1003 C CA  . HIS A 1 141 ? 17.713  19.323  -3.531  1.00 15.01 ? 1432 HIS A CA  1 
ATOM   1004 C C   . HIS A 1 141 ? 17.558  20.757  -3.020  1.00 19.13 ? 1432 HIS A C   1 
ATOM   1005 O O   . HIS A 1 141 ? 17.900  21.727  -3.774  1.00 18.95 ? 1432 HIS A O   1 
ATOM   1006 C CB  . HIS A 1 141 ? 16.442  18.800  -4.151  1.00 16.71 ? 1432 HIS A CB  1 
ATOM   1007 C CG  . HIS A 1 141 ? 16.121  19.503  -5.432  1.00 15.33 ? 1432 HIS A CG  1 
ATOM   1008 N ND1 . HIS A 1 141 ? 16.868  19.293  -6.583  1.00 15.04 ? 1432 HIS A ND1 1 
ATOM   1009 C CD2 . HIS A 1 141 ? 15.120  20.356  -5.736  1.00 17.77 ? 1432 HIS A CD2 1 
ATOM   1010 C CE1 . HIS A 1 141 ? 16.336  20.035  -7.560  1.00 14.77 ? 1432 HIS A CE1 1 
ATOM   1011 N NE2 . HIS A 1 141 ? 15.264  20.649  -7.077  1.00 16.26 ? 1432 HIS A NE2 1 
ATOM   1012 N N   . LYS A 1 142 ? 17.047  20.920  -1.794  1.00 20.04 ? 1433 LYS A N   1 
ATOM   1013 C CA  . LYS A 1 142 ? 16.841  22.240  -1.129  1.00 22.54 ? 1433 LYS A CA  1 
ATOM   1014 C C   . LYS A 1 142 ? 17.924  22.501  -0.069  1.00 24.46 ? 1433 LYS A C   1 
ATOM   1015 O O   . LYS A 1 142 ? 17.597  23.129  0.963   1.00 28.83 ? 1433 LYS A O   1 
ATOM   1016 C CB  . LYS A 1 142 ? 15.457  22.276  -0.471  1.00 26.08 ? 1433 LYS A CB  1 
ATOM   1017 C CG  . LYS A 1 142 ? 14.316  21.722  -1.318  1.00 27.42 ? 1433 LYS A CG  1 
ATOM   1018 C CD  . LYS A 1 142 ? 13.952  22.606  -2.492  1.00 29.18 ? 1433 LYS A CD  1 
ATOM   1019 C CE  . LYS A 1 142 ? 12.771  22.095  -3.290  1.00 29.93 ? 1433 LYS A CE  1 
ATOM   1020 N NZ  . LYS A 1 142 ? 12.450  22.995  -4.420  1.00 31.90 ? 1433 LYS A NZ  1 
ATOM   1021 N N   . ARG A 1 143 ? 19.167  22.077  -0.293  1.00 24.09 ? 1434 ARG A N   1 
ATOM   1022 C CA  . ARG A 1 143 ? 20.265  22.250  0.693   1.00 24.56 ? 1434 ARG A CA  1 
ATOM   1023 C C   . ARG A 1 143 ? 20.810  23.691  0.680   1.00 27.41 ? 1434 ARG A C   1 
ATOM   1024 O O   . ARG A 1 143 ? 21.326  24.139  1.731   1.00 29.89 ? 1434 ARG A O   1 
ATOM   1025 C CB  . ARG A 1 143 ? 21.384  21.242  0.445   1.00 23.38 ? 1434 ARG A CB  1 
ATOM   1026 C CG  . ARG A 1 143 ? 22.167  21.493  -0.832  1.00 22.09 ? 1434 ARG A CG  1 
ATOM   1027 C CD  . ARG A 1 143 ? 23.089  20.336  -1.116  1.00 22.22 ? 1434 ARG A CD  1 
ATOM   1028 N NE  . ARG A 1 143 ? 23.876  20.549  -2.314  1.00 20.99 ? 1434 ARG A NE  1 
ATOM   1029 C CZ  . ARG A 1 143 ? 23.422  20.418  -3.547  1.00 21.48 ? 1434 ARG A CZ  1 
ATOM   1030 N NH1 . ARG A 1 143 ? 22.160  20.081  -3.761  1.00 18.64 ? 1434 ARG A NH1 1 
ATOM   1031 N NH2 . ARG A 1 143 ? 24.232  20.619  -4.572  1.00 22.41 ? 1434 ARG A NH2 1 
ATOM   1032 N N   . ASN A 1 144 ? 20.816  24.368  -0.465  1.00 24.78 ? 1435 ASN A N   1 
ATOM   1033 C CA  . ASN A 1 144 ? 21.486  25.694  -0.596  1.00 26.23 ? 1435 ASN A CA  1 
ATOM   1034 C C   . ASN A 1 144 ? 20.437  26.809  -0.570  1.00 27.95 ? 1435 ASN A C   1 
ATOM   1035 O O   . ASN A 1 144 ? 20.870  27.982  -0.576  1.00 27.28 ? 1435 ASN A O   1 
ATOM   1036 C CB  . ASN A 1 144 ? 22.357  25.788  -1.853  1.00 26.77 ? 1435 ASN A CB  1 
ATOM   1037 C CG  . ASN A 1 144 ? 23.624  24.969  -1.735  1.00 26.57 ? 1435 ASN A CG  1 
ATOM   1038 O OD1 . ASN A 1 144 ? 24.345  25.076  -0.744  1.00 25.82 ? 1435 ASN A OD1 1 
ATOM   1039 N ND2 . ASN A 1 144 ? 23.890  24.141  -2.732  1.00 24.09 ? 1435 ASN A ND2 1 
HETATM 1040 N N1  . ZQ5 B 2 .   ? -11.839 -8.906  -1.876  0.60 35.93 ? 1901 ZQ5 A N1  1 
HETATM 1041 N N3  . ZQ5 B 2 .   ? -12.298 -7.840  2.823   0.60 32.38 ? 1901 ZQ5 A N3  1 
HETATM 1042 C C4  . ZQ5 B 2 .   ? -11.938 -9.205  -3.303  0.60 37.66 ? 1901 ZQ5 A C4  1 
HETATM 1043 C C5  . ZQ5 B 2 .   ? -12.748 -9.281  -1.012  0.60 35.29 ? 1901 ZQ5 A C5  1 
HETATM 1044 C C6  . ZQ5 B 2 .   ? -13.539 -9.305  1.327   0.60 34.09 ? 1901 ZQ5 A C6  1 
HETATM 1045 C C7  . ZQ5 B 2 .   ? -13.626 -8.129  2.281   0.60 33.38 ? 1901 ZQ5 A C7  1 
HETATM 1046 C C8  . ZQ5 B 2 .   ? -11.332 -7.528  1.773   0.60 33.71 ? 1901 ZQ5 A C8  1 
HETATM 1047 C C10 . ZQ5 B 2 .   ? -11.848 -7.889  4.089   0.60 29.86 ? 1901 ZQ5 A C10 1 
HETATM 1048 C C13 . ZQ5 B 2 .   ? -13.560 -10.467 6.149   0.60 29.50 ? 1901 ZQ5 A C13 1 
HETATM 1049 C C1  . ZQ5 B 2 .   ? -12.749 -10.237 -5.837  0.60 41.98 ? 1901 ZQ5 A C1  1 
HETATM 1050 C C11 . ZQ5 B 2 .   ? -12.459 -8.748  5.053   0.60 28.26 ? 1901 ZQ5 A C11 1 
HETATM 1051 C C12 . ZQ5 B 2 .   ? -13.361 -9.796  4.913   0.60 27.10 ? 1901 ZQ5 A C12 1 
HETATM 1052 C C14 . ZQ5 B 2 .   ? -12.790 -9.975  7.151   0.60 27.77 ? 1901 ZQ5 A C14 1 
HETATM 1053 C C2  . ZQ5 B 2 .   ? -11.759 -11.068 -5.054  0.60 41.57 ? 1901 ZQ5 A C2  1 
HETATM 1054 C C3  . ZQ5 B 2 .   ? -11.617 -10.658 -3.588  0.60 39.87 ? 1901 ZQ5 A C3  1 
HETATM 1055 C C9  . ZQ5 B 2 .   ? -11.201 -8.736  0.875   0.60 32.81 ? 1901 ZQ5 A C9  1 
HETATM 1056 N N2  . ZQ5 B 2 .   ? -12.501 -9.100  0.312   0.60 34.25 ? 1901 ZQ5 A N2  1 
HETATM 1057 O O1  . ZQ5 B 2 .   ? -13.800 -9.800  -1.402  0.60 31.94 ? 1901 ZQ5 A O1  1 
HETATM 1058 O O2  . ZQ5 B 2 .   ? -10.847 -7.269  4.421   0.60 26.87 ? 1901 ZQ5 A O2  1 
HETATM 1059 S S1  . ZQ5 B 2 .   ? -11.975 -8.551  6.697   0.60 31.12 ? 1901 ZQ5 A S1  1 
HETATM 1060 O O   . HOH C 3 .   ? 18.450  10.474  -1.106  1.00 39.41 ? 2001 HOH A O   1 
HETATM 1061 O O   . HOH C 3 .   ? -15.038 -9.507  -3.209  0.60 36.79 ? 2002 HOH A O   1 
HETATM 1062 O O   . HOH C 3 .   ? -22.546 -8.153  7.031   1.00 35.58 ? 2003 HOH A O   1 
HETATM 1063 O O   . HOH C 3 .   ? -7.599  2.308   -11.854 0.48 31.73 ? 2004 HOH A O   1 
HETATM 1064 O O   . HOH C 3 .   ? 4.653   19.869  -6.563  1.00 35.83 ? 2005 HOH A O   1 
HETATM 1065 O O   . HOH C 3 .   ? 19.854  7.788   -5.247  1.00 23.86 ? 2006 HOH A O   1 
HETATM 1066 O O   . HOH C 3 .   ? 4.656   2.467   -12.499 0.48 18.39 ? 2007 HOH A O   1 
HETATM 1067 O O   . HOH C 3 .   ? 22.262  23.943  -4.561  1.00 42.42 ? 2008 HOH A O   1 
HETATM 1068 O O   . HOH C 3 .   ? -24.431 -0.315  1.005   1.00 36.13 ? 2009 HOH A O   1 
HETATM 1069 O O   . HOH C 3 .   ? 24.691  23.619  1.276   1.00 37.98 ? 2010 HOH A O   1 
HETATM 1070 O O   . HOH C 3 .   ? -5.899  -15.220 13.346  1.00 46.34 ? 2011 HOH A O   1 
HETATM 1071 O O   . HOH C 3 .   ? -13.805 -7.704  -7.399  0.60 55.46 ? 2012 HOH A O   1 
HETATM 1072 O O   . HOH C 3 .   ? -22.382 -2.007  0.127   1.00 33.37 ? 2013 HOH A O   1 
HETATM 1073 O O   . HOH C 3 .   ? 3.911   6.694   -15.619 1.00 16.73 ? 2014 HOH A O   1 
HETATM 1074 O O   . HOH C 3 .   ? -4.862  7.905   -4.809  1.00 35.06 ? 2015 HOH A O   1 
HETATM 1075 O O   . HOH C 3 .   ? -15.933 -1.183  11.778  1.00 21.76 ? 2016 HOH A O   1 
HETATM 1076 O O   . HOH C 3 .   ? 3.513   14.017  -0.709  1.00 28.47 ? 2017 HOH A O   1 
HETATM 1077 O O   . HOH C 3 .   ? -12.619 -16.984 12.300  1.00 49.48 ? 2018 HOH A O   1 
HETATM 1078 O O   . HOH C 3 .   ? 20.712  12.712  3.600   1.00 25.04 ? 2019 HOH A O   1 
HETATM 1079 O O   . HOH C 3 .   ? -12.058 3.817   -4.080  0.48 25.90 ? 2020 HOH A O   1 
HETATM 1080 O O   . HOH C 3 .   ? 8.809   14.621  -6.091  1.00 34.16 ? 2021 HOH A O   1 
HETATM 1081 O O   . HOH C 3 .   ? -15.144 -10.021 17.506  0.60 18.22 ? 2022 HOH A O   1 
HETATM 1082 O O   . HOH C 3 .   ? -11.495 -4.549  3.457   0.60 14.05 ? 2023 HOH A O   1 
HETATM 1083 O O   . HOH C 3 .   ? 12.873  -1.538  0.312   1.00 28.94 ? 2024 HOH A O   1 
HETATM 1084 O O   . HOH C 3 .   ? -14.029 -4.554  13.091  1.00 20.85 ? 2025 HOH A O   1 
HETATM 1085 O O   . HOH C 3 .   ? 8.770   9.202   7.226   1.00 32.42 ? 2026 HOH A O   1 
HETATM 1086 O O   . HOH C 3 .   ? -9.994  -12.707 -3.300  1.00 34.51 ? 2027 HOH A O   1 
HETATM 1087 O O   . HOH C 3 .   ? 0.660   -0.777  6.839   1.00 16.95 ? 2028 HOH A O   1 
HETATM 1088 O O   . HOH C 3 .   ? -9.243  -4.094  -0.276  0.60 14.77 ? 2029 HOH A O   1 
HETATM 1089 O O   . HOH C 3 .   ? 26.743  13.043  0.440   1.00 31.86 ? 2030 HOH A O   1 
HETATM 1090 O O   . HOH C 3 .   ? 10.783  -6.061  10.138  1.00 22.31 ? 2031 HOH A O   1 
HETATM 1091 O O   . HOH C 3 .   ? -3.871  -18.741 0.868   1.00 32.27 ? 2032 HOH A O   1 
HETATM 1092 O O   . HOH C 3 .   ? -11.230 -2.012  0.167   0.60 13.46 ? 2033 HOH A O   1 
HETATM 1093 O O   . HOH C 3 .   ? 8.639   3.912   -13.799 1.00 29.38 ? 2034 HOH A O   1 
HETATM 1094 O O   . HOH C 3 .   ? 18.934  17.572  -6.346  1.00 15.07 ? 2035 HOH A O   1 
HETATM 1095 O O   . HOH C 3 .   ? -17.292 7.786   -0.044  1.00 40.52 ? 2036 HOH A O   1 
HETATM 1096 O O   . HOH C 3 .   ? 18.688  22.027  -6.343  1.00 42.45 ? 2037 HOH A O   1 
HETATM 1097 O O   . HOH C 3 .   ? -10.876 -0.906  -4.123  1.00 16.97 ? 2038 HOH A O   1 
HETATM 1098 O O   . HOH C 3 .   ? -1.523  8.729   -17.366 1.00 27.95 ? 2039 HOH A O   1 
HETATM 1099 O O   . HOH C 3 .   ? 7.526   1.596   7.507   1.00 16.45 ? 2040 HOH A O   1 
HETATM 1100 O O   . HOH C 3 .   ? -9.892  -6.168  -1.972  0.60 15.67 ? 2041 HOH A O   1 
HETATM 1101 O O   . HOH C 3 .   ? 2.038   -17.005 -5.001  1.00 24.62 ? 2042 HOH A O   1 
HETATM 1102 O O   . HOH C 3 .   ? -5.869  7.520   0.858   1.00 28.62 ? 2043 HOH A O   1 
HETATM 1103 O O   . HOH C 3 .   ? -10.184 2.510   6.640   1.00 17.99 ? 2044 HOH A O   1 
HETATM 1104 O O   . HOH C 3 .   ? -3.525  -16.740 9.861   1.00 31.17 ? 2045 HOH A O   1 
HETATM 1105 O O   . HOH C 3 .   ? 9.389   -9.905  5.870   1.00 14.55 ? 2046 HOH A O   1 
HETATM 1106 O O   . HOH C 3 .   ? 17.934  6.541   3.922   1.00 28.72 ? 2047 HOH A O   1 
HETATM 1107 O O   . HOH C 3 .   ? -25.362 -4.125  -1.601  1.00 32.13 ? 2048 HOH A O   1 
HETATM 1108 O O   . HOH C 3 .   ? -5.719  -20.987 2.090   0.60 33.09 ? 2049 HOH A O   1 
HETATM 1109 O O   . HOH C 3 .   ? -15.184 -12.859 -5.738  0.60 32.42 ? 2050 HOH A O   1 
HETATM 1110 O O   . HOH C 3 .   ? 7.004   15.627  -2.151  1.00 24.85 ? 2051 HOH A O   1 
HETATM 1111 O O   . HOH C 3 .   ? -19.722 4.365   1.354   1.00 32.55 ? 2052 HOH A O   1 
HETATM 1112 O O   . HOH C 3 .   ? -3.239  9.945   -6.259  1.00 23.42 ? 2053 HOH A O   1 
HETATM 1113 O O   . HOH C 3 .   ? 12.045  5.355   -10.505 1.00 14.02 ? 2054 HOH A O   1 
HETATM 1114 O O   . HOH C 3 .   ? -2.216  -17.029 3.158   1.00 40.32 ? 2055 HOH A O   1 
HETATM 1115 O O   . HOH C 3 .   ? -4.054  -3.577  13.332  1.00 26.62 ? 2056 HOH A O   1 
HETATM 1116 O O   . HOH C 3 .   ? 2.888   -15.198 5.152   0.60 17.18 ? 2057 HOH A O   1 
HETATM 1117 O O   . HOH C 3 .   ? -1.240  -2.575  10.074  1.00 26.19 ? 2058 HOH A O   1 
HETATM 1118 O O   . HOH C 3 .   ? -14.992 -2.529  -3.193  1.00 25.26 ? 2059 HOH A O   1 
HETATM 1119 O O   . HOH C 3 .   ? 19.729  9.357   0.531   1.00 32.85 ? 2060 HOH A O   1 
HETATM 1120 O O   . HOH C 3 .   ? 18.503  15.476  -4.590  1.00 15.43 ? 2061 HOH A O   1 
HETATM 1121 O O   . HOH C 3 .   ? -5.830  4.367   6.715   1.00 16.68 ? 2062 HOH A O   1 
HETATM 1122 O O   . HOH C 3 .   ? 18.819  5.839   -8.991  1.00 34.64 ? 2063 HOH A O   1 
HETATM 1123 O O   . HOH C 3 .   ? 1.098   -5.906  11.140  1.00 23.80 ? 2064 HOH A O   1 
HETATM 1124 O O   . HOH C 3 .   ? -6.291  10.186  -10.914 1.00 27.90 ? 2065 HOH A O   1 
HETATM 1125 O O   . HOH C 3 .   ? 17.625  21.015  3.042   1.00 29.22 ? 2066 HOH A O   1 
HETATM 1126 O O   . HOH C 3 .   ? 10.966  5.645   6.814   1.00 19.57 ? 2067 HOH A O   1 
HETATM 1127 O O   . HOH C 3 .   ? -0.497  -12.392 -8.143  0.60 21.59 ? 2068 HOH A O   1 
HETATM 1128 O O   . HOH C 3 .   ? 14.802  3.222   -8.488  1.00 22.23 ? 2069 HOH A O   1 
HETATM 1129 O O   . HOH C 3 .   ? 14.828  3.972   6.841   1.00 20.57 ? 2070 HOH A O   1 
HETATM 1130 O O   . HOH C 3 .   ? -10.325 1.840   -8.114  1.00 30.48 ? 2071 HOH A O   1 
HETATM 1131 O O   . HOH C 3 .   ? -25.301 -2.495  7.080   1.00 28.55 ? 2072 HOH A O   1 
HETATM 1132 O O   . HOH C 3 .   ? 0.684   -19.884 -4.745  1.00 23.79 ? 2073 HOH A O   1 
HETATM 1133 O O   . HOH C 3 .   ? -4.422  5.808   4.953   1.00 15.84 ? 2074 HOH A O   1 
HETATM 1134 O O   . HOH C 3 .   ? 13.222  -0.601  4.264   1.00 19.20 ? 2075 HOH A O   1 
HETATM 1135 O O   . HOH C 3 .   ? -3.500  1.072   8.194   1.00 14.00 ? 2076 HOH A O   1 
HETATM 1136 O O   . HOH C 3 .   ? -6.181  6.411   -7.028  1.00 29.15 ? 2077 HOH A O   1 
HETATM 1137 O O   . HOH C 3 .   ? -9.444  0.454   10.756  1.00 21.45 ? 2078 HOH A O   1 
HETATM 1138 O O   . HOH C 3 .   ? 13.781  -7.457  5.107   1.00 25.86 ? 2079 HOH A O   1 
HETATM 1139 O O   . HOH C 3 .   ? 13.278  6.484   -2.651  1.00 11.95 ? 2080 HOH A O   1 
HETATM 1140 O O   . HOH C 3 .   ? -5.239  -4.572  8.830   1.00 15.86 ? 2081 HOH A O   1 
HETATM 1141 O O   . HOH C 3 .   ? -6.650  -16.631 -2.161  1.00 35.15 ? 2082 HOH A O   1 
HETATM 1142 O O   . HOH C 3 .   ? 19.141  15.606  5.031   1.00 18.11 ? 2083 HOH A O   1 
HETATM 1143 O O   . HOH C 3 .   ? 20.084  23.433  -3.271  1.00 34.10 ? 2084 HOH A O   1 
HETATM 1144 O O   . HOH C 3 .   ? 11.688  -2.108  -3.751  1.00 23.17 ? 2085 HOH A O   1 
HETATM 1145 O O   . HOH C 3 .   ? -23.819 1.925   8.003   1.00 42.44 ? 2086 HOH A O   1 
HETATM 1146 O O   . HOH C 3 .   ? -4.934  6.988   -11.974 1.00 41.54 ? 2087 HOH A O   1 
HETATM 1147 O O   . HOH C 3 .   ? 19.937  15.248  2.478   1.00 14.86 ? 2088 HOH A O   1 
HETATM 1148 O O   . HOH C 3 .   ? 1.926   8.632   4.023   1.00 20.42 ? 2089 HOH A O   1 
HETATM 1149 O O   . HOH C 3 .   ? -2.893  8.948   -1.429  1.00 21.61 ? 2090 HOH A O   1 
HETATM 1150 O O   . HOH C 3 .   ? -2.399  3.064   -15.237 0.48 16.52 ? 2091 HOH A O   1 
HETATM 1151 O O   . HOH C 3 .   ? -12.020 -2.672  -2.284  0.60 14.50 ? 2092 HOH A O   1 
HETATM 1152 O O   . HOH C 3 .   ? 7.134   -4.413  9.912   1.00 21.85 ? 2093 HOH A O   1 
HETATM 1153 O O   . HOH C 3 .   ? 12.086  15.882  2.485   1.00 18.29 ? 2094 HOH A O   1 
HETATM 1154 O O   . HOH C 3 .   ? -1.596  -12.255 11.321  1.00 17.48 ? 2095 HOH A O   1 
HETATM 1155 O O   . HOH C 3 .   ? 4.505   -10.408 -9.072  1.00 25.26 ? 2096 HOH A O   1 
HETATM 1156 O O   . HOH C 3 .   ? 12.713  -2.168  7.842   1.00 27.02 ? 2097 HOH A O   1 
HETATM 1157 O O   . HOH C 3 .   ? 5.190   11.312  5.636   1.00 27.94 ? 2098 HOH A O   1 
HETATM 1158 O O   . HOH C 3 .   ? 4.854   -10.935 6.563   1.00 18.52 ? 2099 HOH A O   1 
HETATM 1159 O O   . HOH C 3 .   ? 7.851   7.518   -15.018 1.00 18.11 ? 2100 HOH A O   1 
HETATM 1160 O O   . HOH C 3 .   ? 16.982  5.553   -3.393  1.00 18.76 ? 2101 HOH A O   1 
HETATM 1161 O O   . HOH C 3 .   ? 16.822  2.596   -6.811  1.00 42.37 ? 2102 HOH A O   1 
HETATM 1162 O O   . HOH C 3 .   ? -4.933  9.709   -15.110 1.00 29.14 ? 2103 HOH A O   1 
HETATM 1163 O O   . HOH C 3 .   ? 2.850   7.905   -10.120 1.00 12.78 ? 2104 HOH A O   1 
HETATM 1164 O O   . HOH C 3 .   ? -0.227  -14.756 11.401  1.00 16.31 ? 2105 HOH A O   1 
HETATM 1165 O O   . HOH C 3 .   ? -8.809  -9.617  -4.655  0.60 17.98 ? 2106 HOH A O   1 
HETATM 1166 O O   . HOH C 3 .   ? 4.282   -3.409  -10.010 1.00 31.43 ? 2107 HOH A O   1 
HETATM 1167 O O   . HOH C 3 .   ? 22.853  9.439   -5.539  1.00 38.33 ? 2108 HOH A O   1 
HETATM 1168 O O   . HOH C 3 .   ? -5.054  -6.801  15.741  1.00 33.35 ? 2109 HOH A O   1 
HETATM 1169 O O   . HOH C 3 .   ? -12.571 3.782   4.034   1.00 18.35 ? 2110 HOH A O   1 
HETATM 1170 O O   . HOH C 3 .   ? -4.248  -16.745 -0.706  1.00 24.99 ? 2111 HOH A O   1 
HETATM 1171 O O   . HOH C 3 .   ? 16.841  8.268   -3.639  1.00 17.47 ? 2112 HOH A O   1 
HETATM 1172 O O   . HOH C 3 .   ? 2.426   -3.464  10.231  1.00 20.04 ? 2113 HOH A O   1 
HETATM 1173 O O   . HOH C 3 .   ? 2.757   0.485   -11.320 0.48 15.75 ? 2114 HOH A O   1 
HETATM 1174 O O   . HOH C 3 .   ? 11.205  -0.893  8.745   1.00 34.18 ? 2115 HOH A O   1 
HETATM 1175 O O   . HOH C 3 .   ? 3.478   -16.474 -0.504  1.00 31.20 ? 2116 HOH A O   1 
HETATM 1176 O O   . HOH C 3 .   ? -5.135  -11.302 15.008  0.60 23.57 ? 2117 HOH A O   1 
HETATM 1177 O O   . HOH C 3 .   ? 14.956  0.476   -8.095  0.48 26.89 ? 2118 HOH A O   1 
HETATM 1178 O O   . HOH C 3 .   ? 13.160  2.675   9.990   1.00 40.48 ? 2119 HOH A O   1 
HETATM 1179 O O   . HOH C 3 .   ? 4.828   7.361   7.143   1.00 33.75 ? 2120 HOH A O   1 
HETATM 1180 O O   . HOH C 3 .   ? 21.237  19.126  -6.355  1.00 20.55 ? 2121 HOH A O   1 
HETATM 1181 O O   . HOH C 3 .   ? 2.807   -11.489 4.219   1.00 23.08 ? 2122 HOH A O   1 
HETATM 1182 O O   . HOH C 3 .   ? 9.822   -2.092  -12.370 1.00 33.74 ? 2123 HOH A O   1 
HETATM 1183 O O   . HOH C 3 .   ? -2.416  10.464  -15.998 1.00 29.07 ? 2124 HOH A O   1 
HETATM 1184 O O   . HOH C 3 .   ? 14.963  7.215   -10.750 1.00 18.71 ? 2125 HOH A O   1 
HETATM 1185 O O   . HOH C 3 .   ? 10.031  -7.302  -7.567  1.00 30.60 ? 2126 HOH A O   1 
HETATM 1186 O O   . HOH C 3 .   ? -4.796  -13.411 -8.375  1.00 28.91 ? 2127 HOH A O   1 
HETATM 1187 O O   . HOH C 3 .   ? -14.350 3.902   6.116   1.00 28.61 ? 2128 HOH A O   1 
HETATM 1188 O O   . HOH C 3 .   ? 0.894   4.792   -18.157 1.00 38.58 ? 2129 HOH A O   1 
HETATM 1189 O O   . HOH C 3 .   ? -0.365  -16.182 -5.290  1.00 37.66 ? 2130 HOH A O   1 
HETATM 1190 O O   . HOH C 3 .   ? -9.226  -3.803  2.019   0.60 15.02 ? 2131 HOH A O   1 
HETATM 1191 O O   . HOH C 3 .   ? 12.285  16.107  5.233   1.00 18.86 ? 2132 HOH A O   1 
HETATM 1192 O O   . HOH C 3 .   ? 2.223   -14.604 1.573   0.60 19.96 ? 2133 HOH A O   1 
HETATM 1193 O O   . HOH C 3 .   ? 14.753  0.972   6.543   1.00 28.55 ? 2134 HOH A O   1 
HETATM 1194 O O   . HOH C 3 .   ? 9.173   11.545  -8.967  1.00 20.62 ? 2135 HOH A O   1 
HETATM 1195 O O   . HOH C 3 .   ? 2.286   15.754  -2.789  1.00 29.28 ? 2136 HOH A O   1 
HETATM 1196 O O   . HOH C 3 .   ? -4.631  11.886  5.805   1.00 33.94 ? 2137 HOH A O   1 
HETATM 1197 O O   . HOH C 3 .   ? 10.209  14.597  -9.512  1.00 21.44 ? 2138 HOH A O   1 
HETATM 1198 O O   . HOH C 3 .   ? 13.323  8.682   -4.484  1.00 12.44 ? 2139 HOH A O   1 
HETATM 1199 O O   . HOH C 3 .   ? -8.917  -4.304  -10.805 0.60 28.22 ? 2140 HOH A O   1 
HETATM 1200 O O   . HOH C 3 .   ? -2.367  -5.416  -11.284 1.00 38.59 ? 2141 HOH A O   1 
HETATM 1201 O O   . HOH C 3 .   ? 6.301   5.758   8.159   1.00 24.79 ? 2142 HOH A O   1 
HETATM 1202 O O   . HOH C 3 .   ? -14.158 -13.250 -2.225  0.60 31.53 ? 2143 HOH A O   1 
HETATM 1203 O O   . HOH C 3 .   ? -11.856 -14.071 6.860   0.60 15.85 ? 2144 HOH A O   1 
HETATM 1204 O O   . HOH C 3 .   ? -23.494 3.943   6.527   1.00 39.38 ? 2145 HOH A O   1 
HETATM 1205 O O   . HOH C 3 .   ? -8.480  -1.398  -10.121 1.00 32.43 ? 2146 HOH A O   1 
HETATM 1206 O O   . HOH C 3 .   ? 9.603   9.125   -10.328 1.00 15.12 ? 2147 HOH A O   1 
HETATM 1207 O O   . HOH C 3 .   ? -13.803 -12.819 8.178   0.60 54.72 ? 2148 HOH A O   1 
HETATM 1208 O O   . HOH C 3 .   ? -7.501  7.492   -1.995  1.00 36.88 ? 2149 HOH A O   1 
HETATM 1209 O O   . HOH C 3 .   ? 0.105   -9.089  -11.511 1.00 32.22 ? 2150 HOH A O   1 
HETATM 1210 O O   . HOH C 3 .   ? 12.634  -4.051  -15.000 1.00 46.87 ? 2151 HOH A O   1 
HETATM 1211 O O   . HOH C 3 .   ? 7.589   16.677  -7.137  0.50 36.73 ? 2152 HOH A O   1 
HETATM 1212 O O   . HOH C 3 .   ? 10.627  3.388   9.706   1.00 38.90 ? 2153 HOH A O   1 
HETATM 1213 O O   . HOH C 3 .   ? 0.170   7.286   5.692   1.00 17.24 ? 2154 HOH A O   1 
HETATM 1214 O O   . HOH C 3 .   ? 7.145   -12.052 -2.098  1.00 32.07 ? 2155 HOH A O   1 
HETATM 1215 O O   . HOH C 3 .   ? -19.823 -10.674 5.371   1.00 45.25 ? 2156 HOH A O   1 
HETATM 1216 O O   . HOH C 3 .   ? -3.042  -2.884  -11.943 1.00 33.46 ? 2157 HOH A O   1 
HETATM 1217 O O   . HOH C 3 .   ? 14.926  2.635   -0.956  1.00 30.45 ? 2158 HOH A O   1 
HETATM 1218 O O   . HOH C 3 .   ? 18.320  8.639   4.306   1.00 40.97 ? 2159 HOH A O   1 
HETATM 1219 O O   . HOH C 3 .   ? -3.070  -12.398 13.544  1.00 25.06 ? 2160 HOH A O   1 
HETATM 1220 O O   . HOH C 3 .   ? -5.897  -4.393  17.036  1.00 35.95 ? 2161 HOH A O   1 
HETATM 1221 O O   . HOH C 3 .   ? 0.520   11.676  1.597   1.00 29.60 ? 2162 HOH A O   1 
HETATM 1222 O O   . HOH C 3 .   ? -14.732 -11.464 -7.852  0.60 37.90 ? 2163 HOH A O   1 
HETATM 1223 O O   . HOH C 3 .   ? 8.758   -1.987  9.815   1.00 37.41 ? 2164 HOH A O   1 
HETATM 1224 O O   . HOH C 3 .   ? -4.869  -0.431  10.029  1.00 17.15 ? 2165 HOH A O   1 
HETATM 1225 O O   . HOH C 3 .   ? 20.991  6.471   1.097   1.00 41.49 ? 2166 HOH A O   1 
HETATM 1226 O O   . HOH C 3 .   ? 8.200   -10.485 -7.778  1.00 40.77 ? 2167 HOH A O   1 
HETATM 1227 O O   . HOH C 3 .   ? 21.061  17.940  2.283   1.00 15.98 ? 2168 HOH A O   1 
HETATM 1228 O O   . HOH C 3 .   ? -11.290 6.405   4.571   1.00 35.76 ? 2169 HOH A O   1 
HETATM 1229 O O   . HOH C 3 .   ? 12.349  18.545  1.624   1.00 30.99 ? 2170 HOH A O   1 
HETATM 1230 O O   . HOH C 3 .   ? 17.851  4.417   5.780   1.00 26.46 ? 2171 HOH A O   1 
HETATM 1231 O O   . HOH C 3 .   ? 2.868   -9.916  11.404  1.00 25.81 ? 2172 HOH A O   1 
HETATM 1232 O O   . HOH C 3 .   ? 14.969  -4.428  -15.878 1.00 25.17 ? 2173 HOH A O   1 
HETATM 1233 O O   . HOH C 3 .   ? 20.094  19.844  3.963   1.00 35.96 ? 2174 HOH A O   1 
HETATM 1234 O O   . HOH C 3 .   ? -7.821  5.718   8.044   1.00 27.45 ? 2175 HOH A O   1 
HETATM 1235 O O   . HOH C 3 .   ? 0.060   4.755   10.036  1.00 32.12 ? 2176 HOH A O   1 
HETATM 1236 O O   . HOH C 3 .   ? 8.114   14.854  4.123   1.00 40.09 ? 2177 HOH A O   1 
HETATM 1237 O O   . HOH C 3 .   ? -11.064 -0.226  12.911  1.00 26.73 ? 2178 HOH A O   1 
HETATM 1238 O O   . HOH C 3 .   ? -2.906  -15.500 -9.386  1.00 28.20 ? 2179 HOH A O   1 
HETATM 1239 O O   . HOH C 3 .   ? 8.178   -9.654  -11.896 1.00 33.90 ? 2180 HOH A O   1 
HETATM 1240 O O   . HOH C 3 .   ? -0.905  0.417   8.743   1.00 21.12 ? 2181 HOH A O   1 
HETATM 1241 O O   . HOH C 3 .   ? 2.232   -16.902 2.653   1.00 40.65 ? 2182 HOH A O   1 
HETATM 1242 O O   . HOH C 3 .   ? 8.553   4.223   7.627   1.00 18.59 ? 2183 HOH A O   1 
HETATM 1243 O O   . HOH C 3 .   ? -6.763  9.668   5.864   1.00 30.09 ? 2184 HOH A O   1 
HETATM 1244 O O   . HOH C 3 .   ? 11.953  -7.140  -6.091  1.00 41.05 ? 2185 HOH A O   1 
HETATM 1245 O O   . HOH C 3 .   ? -3.885  3.753   8.693   0.60 13.68 ? 2186 HOH A O   1 
HETATM 1246 O O   . HOH C 3 .   ? 10.922  -7.777  -12.085 1.00 41.05 ? 2187 HOH A O   1 
HETATM 1247 O O   . HOH C 3 .   ? 0.621   -10.526 12.398  1.00 38.63 ? 2188 HOH A O   1 
HETATM 1248 O O   . HOH C 3 .   ? 17.124  -2.016  3.046   1.00 32.65 ? 2189 HOH A O   1 
HETATM 1249 O O   . HOH C 3 .   ? 11.451  -3.340  -1.339  1.00 32.75 ? 2190 HOH A O   1 
HETATM 1250 O O   . HOH C 3 .   ? 4.539   8.521   4.792   1.00 26.54 ? 2191 HOH A O   1 
HETATM 1251 O O   . HOH C 3 .   ? 14.726  4.439   -10.905 1.00 23.69 ? 2192 HOH A O   1 
HETATM 1252 O O   . HOH C 3 .   ? 10.686  5.529   -12.899 1.00 22.45 ? 2193 HOH A O   1 
HETATM 1253 O O   . HOH C 3 .   ? -3.851  -2.978  10.546  1.00 15.31 ? 2194 HOH A O   1 
HETATM 1254 O O   . HOH C 3 .   ? -6.407  7.495   3.921   1.00 24.73 ? 2195 HOH A O   1 
HETATM 1255 O O   . HOH C 3 .   ? -12.621 0.508   -5.828  1.00 31.83 ? 2196 HOH A O   1 
HETATM 1256 O O   . HOH C 3 .   ? -20.420 -14.711 -2.394  0.60 37.28 ? 2197 HOH A O   1 
HETATM 1257 O O   . HOH C 3 .   ? 5.559   -15.327 -7.499  0.60 22.65 ? 2198 HOH A O   1 
HETATM 1258 O O   . HOH C 3 .   ? 2.108   13.494  1.569   1.00 38.02 ? 2199 HOH A O   1 
HETATM 1259 O O   . HOH C 3 .   ? -2.183  -4.597  14.764  1.00 36.53 ? 2200 HOH A O   1 
HETATM 1260 O O   . HOH C 3 .   ? 9.432   -3.848  10.679  1.00 28.25 ? 2201 HOH A O   1 
HETATM 1261 O O   . HOH C 3 .   ? -9.826  6.442   -4.093  0.48 27.74 ? 2202 HOH A O   1 
HETATM 1262 O O   . HOH C 3 .   ? 16.932  19.450  7.223   0.60 24.44 ? 2203 HOH A O   1 
HETATM 1263 O O   . HOH C 3 .   ? 1.020   7.931   10.965  0.60 37.16 ? 2204 HOH A O   1 
HETATM 1264 O O   . HOH C 3 .   ? 10.371  8.781   -13.289 0.50 11.92 ? 2205 HOH A O   1 
HETATM 1265 O O   . HOH C 3 .   ? 4.745   -2.945  11.120  1.00 30.59 ? 2206 HOH A O   1 
HETATM 1266 O O   . HOH C 3 .   ? 13.763  20.243  3.388   1.00 41.37 ? 2207 HOH A O   1 
HETATM 1267 O O   . HOH C 3 .   ? -10.085 4.416   -8.295  0.48 26.90 ? 2208 HOH A O   1 
HETATM 1268 O O   . HOH C 3 .   ? 4.644   -13.515 -9.505  0.60 26.20 ? 2209 HOH A O   1 
HETATM 1269 O O   . HOH C 3 .   ? -8.523  5.708   -6.516  1.00 35.57 ? 2210 HOH A O   1 
HETATM 1270 O O   . HOH C 3 .   ? 14.457  18.354  8.455   0.60 23.51 ? 2211 HOH A O   1 
HETATM 1271 O O   . HOH C 3 .   ? 12.727  18.563  6.224   1.00 30.92 ? 2212 HOH A O   1 
HETATM 1272 O O   . HOH C 3 .   ? -4.550  -9.113  16.414  1.00 31.83 ? 2213 HOH A O   1 
HETATM 1273 O O   . HOH C 3 .   ? 0.206   -5.927  13.626  1.00 36.93 ? 2214 HOH A O   1 
HETATM 1274 O O   . HOH C 3 .   ? 17.349  -0.325  5.527   1.00 35.06 ? 2215 HOH A O   1 
HETATM 1275 O O   . HOH C 3 .   ? 9.375   15.000  1.869   1.00 22.59 ? 2216 HOH A O   1 
# 
